data_2MFH
#
_entry.id   2MFH
#
loop_
_entity.id
_entity.type
_entity.pdbx_description
1 polymer 'Carbon storage regulator homolog'
2 polymer 'RsmZ(36-44) RNA'
#
loop_
_entity_poly.entity_id
_entity_poly.type
_entity_poly.pdbx_seq_one_letter_code
_entity_poly.pdbx_strand_id
1 'polypeptide(L)' MLILTRKVGESINIGDDITITILGVSGQQVRIGINAPKDVAVHREEIYQRIQAGLTAPDKRETPHHHHHH A,C
2 'polyribonucleotide' UCAGGACAU B,D
#
loop_
_chem_comp.id
_chem_comp.type
_chem_comp.name
_chem_comp.formula
A RNA linking ADENOSINE-5'-MONOPHOSPHATE 'C10 H14 N5 O7 P'
C RNA linking CYTIDINE-5'-MONOPHOSPHATE 'C9 H14 N3 O8 P'
G RNA linking GUANOSINE-5'-MONOPHOSPHATE 'C10 H14 N5 O8 P'
U RNA linking URIDINE-5'-MONOPHOSPHATE 'C9 H13 N2 O9 P'
#
# COMPACT_ATOMS: atom_id res chain seq x y z
N MET A 1 12.61 -1.43 2.43
CA MET A 1 11.71 -2.59 2.24
C MET A 1 11.09 -2.99 3.57
N LEU A 2 9.77 -3.18 3.63
CA LEU A 2 9.10 -3.66 4.83
C LEU A 2 8.16 -4.79 4.48
N ILE A 3 7.91 -5.68 5.45
CA ILE A 3 6.99 -6.79 5.27
C ILE A 3 6.11 -6.89 6.52
N LEU A 4 4.82 -7.12 6.29
CA LEU A 4 3.80 -7.22 7.32
C LEU A 4 3.01 -8.51 7.06
N THR A 5 2.32 -9.01 8.10
CA THR A 5 1.40 -10.13 7.94
C THR A 5 0.17 -9.84 8.78
N ARG A 6 -0.86 -9.30 8.12
CA ARG A 6 -2.10 -8.88 8.75
C ARG A 6 -3.29 -9.46 7.98
N LYS A 7 -4.46 -9.47 8.61
CA LYS A 7 -5.60 -10.21 8.07
C LYS A 7 -6.72 -9.30 7.60
N VAL A 8 -7.76 -9.90 7.01
CA VAL A 8 -8.85 -9.12 6.41
C VAL A 8 -9.49 -8.19 7.44
N GLY A 9 -9.69 -6.94 7.03
CA GLY A 9 -10.28 -5.91 7.87
C GLY A 9 -9.23 -4.99 8.52
N GLU A 10 -7.97 -5.42 8.54
CA GLU A 10 -6.88 -4.63 9.10
C GLU A 10 -6.51 -3.46 8.18
N SER A 11 -5.66 -2.56 8.68
CA SER A 11 -5.22 -1.40 7.90
C SER A 11 -3.74 -1.09 8.17
N ILE A 12 -3.11 -0.39 7.23
CA ILE A 12 -1.69 -0.03 7.25
C ILE A 12 -1.59 1.39 6.70
N ASN A 13 -0.45 2.07 6.88
CA ASN A 13 -0.32 3.46 6.47
C ASN A 13 1.03 3.77 5.84
N ILE A 14 1.05 4.81 5.00
CA ILE A 14 2.25 5.28 4.32
C ILE A 14 2.25 6.80 4.31
N GLY A 15 3.44 7.41 4.32
CA GLY A 15 3.57 8.86 4.34
C GLY A 15 2.80 9.45 5.52
N ASP A 16 2.19 10.60 5.29
CA ASP A 16 1.36 11.29 6.26
C ASP A 16 -0.01 11.60 5.65
N ASP A 17 -0.27 11.03 4.46
CA ASP A 17 -1.49 11.30 3.71
C ASP A 17 -2.00 10.05 2.99
N ILE A 18 -1.46 8.85 3.29
CA ILE A 18 -1.89 7.63 2.61
C ILE A 18 -2.28 6.56 3.62
N THR A 19 -3.27 5.74 3.27
CA THR A 19 -3.75 4.64 4.08
C THR A 19 -4.05 3.45 3.18
N ILE A 20 -3.98 2.24 3.73
CA ILE A 20 -4.23 1.00 3.01
C ILE A 20 -5.12 0.11 3.86
N THR A 21 -6.01 -0.64 3.22
CA THR A 21 -6.93 -1.55 3.93
C THR A 21 -7.05 -2.86 3.15
N ILE A 22 -7.25 -3.96 3.86
CA ILE A 22 -7.41 -5.28 3.26
C ILE A 22 -8.89 -5.67 3.34
N LEU A 23 -9.61 -5.49 2.24
CA LEU A 23 -11.05 -5.69 2.23
C LEU A 23 -11.40 -7.17 2.38
N GLY A 24 -10.52 -8.07 1.93
CA GLY A 24 -10.71 -9.51 2.13
C GLY A 24 -9.95 -10.36 1.14
N VAL A 25 -10.18 -11.68 1.17
CA VAL A 25 -9.51 -12.61 0.28
C VAL A 25 -10.49 -13.62 -0.32
N SER A 26 -10.07 -14.29 -1.39
CA SER A 26 -10.84 -15.33 -2.07
C SER A 26 -9.88 -16.33 -2.71
N GLY A 27 -9.52 -17.37 -1.96
CA GLY A 27 -8.61 -18.40 -2.44
C GLY A 27 -7.18 -17.89 -2.46
N GLN A 28 -6.77 -17.29 -3.59
CA GLN A 28 -5.49 -16.62 -3.71
C GLN A 28 -5.71 -15.14 -3.93
N GLN A 29 -6.92 -14.75 -4.34
CA GLN A 29 -7.18 -13.34 -4.57
C GLN A 29 -7.22 -12.61 -3.24
N VAL A 30 -6.89 -11.33 -3.28
CA VAL A 30 -6.81 -10.45 -2.13
C VAL A 30 -7.32 -9.10 -2.59
N ARG A 31 -8.52 -8.72 -2.15
CA ARG A 31 -9.08 -7.44 -2.53
C ARG A 31 -8.60 -6.40 -1.53
N ILE A 32 -8.10 -5.28 -2.05
CA ILE A 32 -7.39 -4.28 -1.27
C ILE A 32 -7.94 -2.90 -1.58
N GLY A 33 -7.77 -1.97 -0.63
CA GLY A 33 -8.20 -0.60 -0.81
C GLY A 33 -7.06 0.36 -0.48
N ILE A 34 -7.13 1.55 -1.08
CA ILE A 34 -6.09 2.57 -0.94
C ILE A 34 -6.77 3.91 -0.79
N ASN A 35 -6.17 4.80 0.00
CA ASN A 35 -6.75 6.11 0.26
C ASN A 35 -5.63 7.15 0.27
N ALA A 36 -5.59 7.96 -0.78
CA ALA A 36 -4.58 9.00 -0.96
C ALA A 36 -5.17 10.16 -1.74
N PRO A 37 -4.58 11.35 -1.62
CA PRO A 37 -4.99 12.52 -2.36
C PRO A 37 -4.73 12.32 -3.86
N LYS A 38 -5.44 13.09 -4.69
CA LYS A 38 -5.24 13.05 -6.14
C LYS A 38 -3.91 13.72 -6.52
N ASP A 39 -3.22 14.23 -5.50
CA ASP A 39 -1.88 14.80 -5.64
C ASP A 39 -0.84 13.70 -5.86
N VAL A 40 -1.26 12.44 -5.77
CA VAL A 40 -0.39 11.29 -5.99
C VAL A 40 -1.15 10.24 -6.81
N ALA A 41 -0.44 9.22 -7.30
CA ALA A 41 -1.04 8.23 -8.17
C ALA A 41 -1.11 6.86 -7.48
N VAL A 42 -2.04 6.01 -7.94
CA VAL A 42 -2.17 4.65 -7.43
C VAL A 42 -2.83 3.77 -8.49
N HIS A 43 -2.17 2.66 -8.84
CA HIS A 43 -2.65 1.69 -9.82
C HIS A 43 -1.99 0.36 -9.57
N ARG A 44 -2.44 -0.72 -10.23
CA ARG A 44 -1.76 -2.00 -10.09
C ARG A 44 -0.51 -1.99 -10.96
N GLU A 45 0.40 -2.93 -10.74
CA GLU A 45 1.70 -2.91 -11.41
C GLU A 45 1.57 -2.93 -12.93
N GLU A 46 0.46 -3.47 -13.45
CA GLU A 46 0.23 -3.52 -14.89
C GLU A 46 0.08 -2.12 -15.47
N ILE A 47 -0.71 -1.27 -14.80
CA ILE A 47 -1.06 0.04 -15.33
C ILE A 47 0.06 1.04 -15.05
N TYR A 48 0.87 0.76 -14.03
CA TYR A 48 1.98 1.63 -13.64
C TYR A 48 3.00 1.79 -14.75
N GLN A 49 3.08 0.80 -15.66
CA GLN A 49 4.03 0.82 -16.75
C GLN A 49 3.62 1.80 -17.86
N ARG A 50 2.33 2.14 -17.93
CA ARG A 50 1.82 3.13 -18.87
C ARG A 50 2.16 4.52 -18.40
N ILE A 51 2.51 4.64 -17.12
CA ILE A 51 2.73 5.93 -16.49
C ILE A 51 4.22 6.24 -16.43
N GLN A 52 5.02 5.30 -15.93
CA GLN A 52 6.47 5.52 -15.82
C GLN A 52 7.13 5.62 -17.19
N ALA A 53 6.37 5.54 -18.28
CA ALA A 53 6.87 5.72 -19.63
C ALA A 53 7.33 7.17 -19.87
N GLY A 54 6.94 8.11 -19.01
CA GLY A 54 7.36 9.50 -19.15
C GLY A 54 6.52 10.52 -18.38
N LEU A 55 5.64 10.06 -17.48
CA LEU A 55 4.71 10.95 -16.78
C LEU A 55 4.26 10.35 -15.45
N THR A 56 3.36 11.04 -14.74
CA THR A 56 2.85 10.56 -13.46
C THR A 56 1.39 10.97 -13.25
N ALA A 57 0.78 11.64 -14.24
CA ALA A 57 -0.59 12.09 -14.14
C ALA A 57 -1.27 12.06 -15.51
N PRO A 58 -2.39 11.34 -15.64
CA PRO A 58 -3.23 11.34 -16.82
C PRO A 58 -3.64 12.74 -17.29
N ASP A 59 -4.28 12.80 -18.46
CA ASP A 59 -4.73 14.03 -19.10
C ASP A 59 -5.67 14.86 -18.24
N MET C 1 -10.29 7.51 -2.64
CA MET C 1 -10.38 6.09 -2.29
C MET C 1 -10.31 5.23 -3.55
N LEU C 2 -9.65 4.08 -3.47
CA LEU C 2 -9.59 3.12 -4.57
C LEU C 2 -9.71 1.71 -4.04
N ILE C 3 -10.29 0.82 -4.85
CA ILE C 3 -10.41 -0.59 -4.53
C ILE C 3 -10.11 -1.39 -5.78
N LEU C 4 -9.35 -2.48 -5.62
CA LEU C 4 -9.01 -3.38 -6.70
C LEU C 4 -8.55 -4.72 -6.11
N THR C 5 -8.47 -5.75 -6.94
CA THR C 5 -8.18 -7.10 -6.46
C THR C 5 -6.92 -7.63 -7.11
N ARG C 6 -6.19 -8.46 -6.36
CA ARG C 6 -4.87 -8.96 -6.74
C ARG C 6 -4.77 -10.41 -6.26
N LYS C 7 -3.70 -11.14 -6.58
CA LYS C 7 -3.46 -12.44 -5.95
C LYS C 7 -1.99 -12.59 -5.62
N VAL C 8 -1.66 -13.65 -4.87
CA VAL C 8 -0.30 -13.82 -4.37
C VAL C 8 0.72 -13.85 -5.48
N GLY C 9 1.80 -13.09 -5.30
CA GLY C 9 2.91 -13.04 -6.24
C GLY C 9 2.84 -11.84 -7.19
N GLU C 10 1.78 -11.02 -7.07
CA GLU C 10 1.61 -9.85 -7.92
C GLU C 10 1.88 -8.57 -7.12
N SER C 11 1.73 -7.40 -7.77
CA SER C 11 2.11 -6.13 -7.15
C SER C 11 1.15 -4.99 -7.50
N ILE C 12 1.29 -3.87 -6.77
CA ILE C 12 0.53 -2.63 -6.93
C ILE C 12 1.52 -1.49 -6.70
N ASN C 13 1.17 -0.25 -7.09
CA ASN C 13 2.08 0.88 -7.00
C ASN C 13 1.39 2.14 -6.52
N ILE C 14 2.18 3.05 -5.92
CA ILE C 14 1.71 4.33 -5.43
C ILE C 14 2.77 5.39 -5.73
N GLY C 15 2.34 6.61 -6.03
CA GLY C 15 3.25 7.69 -6.38
C GLY C 15 4.15 7.26 -7.54
N ASP C 16 5.42 7.66 -7.47
CA ASP C 16 6.45 7.28 -8.43
C ASP C 16 7.68 6.76 -7.70
N ASP C 17 7.56 6.52 -6.40
CA ASP C 17 8.64 6.02 -5.56
C ASP C 17 8.17 4.96 -4.57
N ILE C 18 6.93 4.45 -4.71
CA ILE C 18 6.43 3.43 -3.79
C ILE C 18 5.86 2.24 -4.56
N THR C 19 6.03 1.04 -3.99
CA THR C 19 5.53 -0.20 -4.56
C THR C 19 4.99 -1.08 -3.44
N ILE C 20 4.07 -1.99 -3.78
CA ILE C 20 3.46 -2.92 -2.85
C ILE C 20 3.46 -4.30 -3.50
N THR C 21 3.69 -5.35 -2.70
CA THR C 21 3.73 -6.70 -3.21
C THR C 21 3.04 -7.66 -2.27
N ILE C 22 2.06 -8.41 -2.77
CA ILE C 22 1.34 -9.42 -1.99
C ILE C 22 2.18 -10.70 -1.98
N LEU C 23 2.94 -10.90 -0.89
CA LEU C 23 3.89 -12.00 -0.81
C LEU C 23 3.18 -13.36 -0.71
N GLY C 24 1.96 -13.39 -0.16
CA GLY C 24 1.16 -14.61 -0.05
C GLY C 24 0.13 -14.51 1.07
N VAL C 25 -0.57 -15.63 1.35
CA VAL C 25 -1.56 -15.67 2.42
C VAL C 25 -1.32 -16.87 3.35
N SER C 26 -1.90 -16.78 4.54
CA SER C 26 -1.84 -17.82 5.55
C SER C 26 -3.12 -17.74 6.38
N GLY C 27 -4.16 -18.47 5.96
CA GLY C 27 -5.45 -18.34 6.61
C GLY C 27 -6.00 -16.95 6.29
N GLN C 28 -6.63 -16.29 7.28
CA GLN C 28 -7.10 -14.93 7.06
C GLN C 28 -5.92 -13.96 7.01
N GLN C 29 -4.75 -14.37 7.52
CA GLN C 29 -3.60 -13.50 7.50
C GLN C 29 -3.12 -13.39 6.06
N VAL C 30 -2.53 -12.24 5.72
CA VAL C 30 -2.06 -11.95 4.37
C VAL C 30 -0.71 -11.29 4.52
N ARG C 31 0.34 -11.93 3.99
CA ARG C 31 1.68 -11.39 4.09
C ARG C 31 1.90 -10.45 2.92
N ILE C 32 2.31 -9.21 3.22
CA ILE C 32 2.44 -8.17 2.22
C ILE C 32 3.76 -7.44 2.42
N GLY C 33 4.28 -6.85 1.36
CA GLY C 33 5.53 -6.11 1.40
C GLY C 33 5.32 -4.70 0.87
N ILE C 34 6.23 -3.80 1.25
CA ILE C 34 6.16 -2.39 0.92
C ILE C 34 7.57 -1.92 0.60
N ASN C 35 7.68 -1.03 -0.38
CA ASN C 35 8.98 -0.56 -0.82
C ASN C 35 8.92 0.94 -1.10
N ALA C 36 9.52 1.73 -0.21
CA ALA C 36 9.58 3.17 -0.32
C ALA C 36 10.87 3.68 0.30
N PRO C 37 11.32 4.89 -0.12
CA PRO C 37 12.49 5.53 0.45
C PRO C 37 12.27 5.89 1.92
N LYS C 38 13.37 6.07 2.66
CA LYS C 38 13.28 6.51 4.06
C LYS C 38 12.86 7.98 4.14
N ASP C 39 12.69 8.61 2.97
CA ASP C 39 12.17 9.95 2.84
C ASP C 39 10.69 10.01 3.18
N VAL C 40 10.06 8.85 3.40
CA VAL C 40 8.66 8.74 3.75
C VAL C 40 8.50 7.69 4.85
N ALA C 41 7.32 7.63 5.46
CA ALA C 41 7.08 6.74 6.58
C ALA C 41 6.13 5.62 6.21
N VAL C 42 6.18 4.51 6.97
CA VAL C 42 5.25 3.40 6.79
C VAL C 42 5.16 2.59 8.09
N HIS C 43 3.94 2.38 8.57
CA HIS C 43 3.68 1.63 9.81
C HIS C 43 2.28 1.03 9.79
N ARG C 44 1.96 0.22 10.79
CA ARG C 44 0.62 -0.34 10.93
C ARG C 44 -0.31 0.78 11.40
N GLU C 45 -1.61 0.65 11.15
CA GLU C 45 -2.57 1.68 11.52
C GLU C 45 -2.50 1.96 13.03
N GLU C 46 -2.03 0.98 13.81
CA GLU C 46 -1.88 1.13 15.25
C GLU C 46 -0.78 2.13 15.58
N ILE C 47 0.38 1.97 14.94
CA ILE C 47 1.56 2.77 15.24
C ILE C 47 1.42 4.17 14.64
N TYR C 48 0.62 4.28 13.58
CA TYR C 48 0.41 5.54 12.87
C TYR C 48 -0.23 6.59 13.78
N GLN C 49 -1.05 6.14 14.74
CA GLN C 49 -1.75 7.05 15.65
C GLN C 49 -0.81 7.68 16.65
N ARG C 50 0.36 7.05 16.90
CA ARG C 50 1.38 7.57 17.80
C ARG C 50 2.14 8.70 17.12
N ILE C 51 2.08 8.73 15.78
CA ILE C 51 2.87 9.65 14.98
C ILE C 51 2.02 10.85 14.57
N GLN C 52 0.80 10.62 14.08
CA GLN C 52 -0.08 11.71 13.67
C GLN C 52 -0.58 12.52 14.86
N ALA C 53 -0.12 12.19 16.07
CA ALA C 53 -0.42 12.97 17.25
C ALA C 53 0.20 14.37 17.17
N GLY C 54 1.18 14.58 16.28
CA GLY C 54 1.76 15.91 16.08
C GLY C 54 3.22 15.87 15.61
N LEU C 55 3.70 14.76 15.06
CA LEU C 55 5.13 14.60 14.79
C LEU C 55 5.43 13.54 13.74
N THR C 56 6.72 13.31 13.49
CA THR C 56 7.24 12.23 12.65
C THR C 56 8.56 11.68 13.20
N ALA C 57 8.96 12.14 14.39
CA ALA C 57 10.17 11.70 15.05
C ALA C 57 9.99 11.86 16.56
N PRO C 58 10.12 10.77 17.33
CA PRO C 58 10.07 10.79 18.79
C PRO C 58 11.02 11.80 19.44
N ASP C 59 10.91 11.93 20.76
CA ASP C 59 11.72 12.83 21.55
C ASP C 59 13.21 12.47 21.50
N MET A 1 12.61 -1.10 2.41
CA MET A 1 11.72 -2.27 2.21
C MET A 1 11.11 -2.70 3.53
N LEU A 2 9.82 -3.05 3.53
CA LEU A 2 9.16 -3.55 4.73
C LEU A 2 8.23 -4.70 4.36
N ILE A 3 7.97 -5.60 5.32
CA ILE A 3 7.08 -6.73 5.14
C ILE A 3 6.23 -6.86 6.40
N LEU A 4 4.99 -7.29 6.24
CA LEU A 4 4.02 -7.38 7.32
C LEU A 4 3.08 -8.56 7.10
N THR A 5 2.33 -8.93 8.13
CA THR A 5 1.27 -9.92 8.00
C THR A 5 0.01 -9.41 8.67
N ARG A 6 -0.90 -8.88 7.85
CA ARG A 6 -2.16 -8.28 8.25
C ARG A 6 -3.29 -9.28 7.95
N LYS A 7 -4.46 -9.17 8.59
CA LYS A 7 -5.59 -10.00 8.18
C LYS A 7 -6.79 -9.14 7.80
N VAL A 8 -7.81 -9.77 7.24
CA VAL A 8 -8.94 -9.06 6.68
C VAL A 8 -9.63 -8.16 7.69
N GLY A 9 -9.95 -6.94 7.25
CA GLY A 9 -10.65 -5.97 8.07
C GLY A 9 -9.69 -5.05 8.84
N GLU A 10 -8.37 -5.22 8.66
CA GLU A 10 -7.38 -4.41 9.34
C GLU A 10 -6.73 -3.43 8.35
N SER A 11 -5.78 -2.60 8.83
CA SER A 11 -5.24 -1.51 8.03
C SER A 11 -3.75 -1.24 8.29
N ILE A 12 -3.18 -0.36 7.45
CA ILE A 12 -1.78 0.03 7.41
C ILE A 12 -1.72 1.48 6.90
N ASN A 13 -0.63 2.21 7.15
CA ASN A 13 -0.52 3.61 6.75
C ASN A 13 0.84 3.88 6.11
N ILE A 14 0.87 4.92 5.25
CA ILE A 14 2.06 5.36 4.55
C ILE A 14 2.06 6.88 4.53
N GLY A 15 3.25 7.49 4.63
CA GLY A 15 3.38 8.93 4.71
C GLY A 15 2.50 9.45 5.84
N ASP A 16 1.85 10.60 5.58
CA ASP A 16 0.89 11.20 6.49
C ASP A 16 -0.39 11.54 5.74
N ASP A 17 -0.50 11.06 4.50
CA ASP A 17 -1.64 11.34 3.63
C ASP A 17 -2.08 10.09 2.87
N ILE A 18 -1.56 8.90 3.24
CA ILE A 18 -1.94 7.67 2.55
C ILE A 18 -2.31 6.60 3.57
N THR A 19 -3.29 5.77 3.21
CA THR A 19 -3.76 4.67 4.06
C THR A 19 -4.04 3.46 3.17
N ILE A 20 -4.01 2.27 3.77
CA ILE A 20 -4.21 1.00 3.08
C ILE A 20 -5.11 0.12 3.95
N THR A 21 -5.96 -0.67 3.33
CA THR A 21 -6.89 -1.55 4.04
C THR A 21 -7.02 -2.86 3.27
N ILE A 22 -7.20 -3.95 4.00
CA ILE A 22 -7.39 -5.28 3.43
C ILE A 22 -8.86 -5.66 3.58
N LEU A 23 -9.64 -5.47 2.50
CA LEU A 23 -11.08 -5.67 2.55
C LEU A 23 -11.45 -7.15 2.76
N GLY A 24 -10.61 -8.08 2.28
CA GLY A 24 -10.84 -9.50 2.49
C GLY A 24 -10.09 -10.36 1.50
N VAL A 25 -10.33 -11.68 1.51
CA VAL A 25 -9.69 -12.61 0.58
C VAL A 25 -10.70 -13.59 -0.01
N SER A 26 -10.31 -14.25 -1.10
CA SER A 26 -11.09 -15.28 -1.75
C SER A 26 -10.13 -16.25 -2.47
N GLY A 27 -9.68 -17.29 -1.77
CA GLY A 27 -8.74 -18.24 -2.34
C GLY A 27 -7.33 -17.64 -2.37
N GLN A 28 -6.90 -17.19 -3.55
CA GLN A 28 -5.61 -16.51 -3.68
C GLN A 28 -5.85 -15.03 -3.90
N GLN A 29 -7.07 -14.66 -4.31
CA GLN A 29 -7.39 -13.27 -4.52
C GLN A 29 -7.48 -12.59 -3.16
N VAL A 30 -7.07 -11.33 -3.13
CA VAL A 30 -7.01 -10.52 -1.93
C VAL A 30 -7.55 -9.16 -2.32
N ARG A 31 -8.73 -8.81 -1.79
CA ARG A 31 -9.36 -7.54 -2.12
C ARG A 31 -8.77 -6.48 -1.20
N ILE A 32 -8.22 -5.43 -1.82
CA ILE A 32 -7.47 -4.41 -1.08
C ILE A 32 -8.01 -3.03 -1.41
N GLY A 33 -7.82 -2.08 -0.49
CA GLY A 33 -8.25 -0.71 -0.67
C GLY A 33 -7.10 0.25 -0.38
N ILE A 34 -7.16 1.43 -0.98
CA ILE A 34 -6.11 2.45 -0.90
C ILE A 34 -6.77 3.81 -0.79
N ASN A 35 -6.16 4.70 -0.02
CA ASN A 35 -6.72 6.02 0.19
C ASN A 35 -5.60 7.06 0.18
N ALA A 36 -5.56 7.87 -0.87
CA ALA A 36 -4.59 8.93 -1.03
C ALA A 36 -5.20 10.08 -1.82
N PRO A 37 -4.66 11.29 -1.66
CA PRO A 37 -5.10 12.45 -2.41
C PRO A 37 -4.85 12.28 -3.90
N LYS A 38 -5.57 13.02 -4.74
CA LYS A 38 -5.32 13.04 -6.18
C LYS A 38 -4.00 13.75 -6.47
N ASP A 39 -3.35 14.21 -5.40
CA ASP A 39 -2.03 14.81 -5.41
C ASP A 39 -0.97 13.76 -5.76
N VAL A 40 -1.35 12.48 -5.77
CA VAL A 40 -0.45 11.37 -6.05
C VAL A 40 -1.17 10.35 -6.94
N ALA A 41 -0.41 9.39 -7.48
CA ALA A 41 -0.97 8.40 -8.38
C ALA A 41 -1.01 7.02 -7.71
N VAL A 42 -1.91 6.17 -8.18
CA VAL A 42 -2.03 4.80 -7.70
C VAL A 42 -2.68 3.92 -8.76
N HIS A 43 -2.04 2.79 -9.07
CA HIS A 43 -2.52 1.81 -10.03
C HIS A 43 -1.89 0.46 -9.72
N ARG A 44 -2.29 -0.60 -10.43
CA ARG A 44 -1.63 -1.89 -10.27
C ARG A 44 -0.36 -1.88 -11.11
N GLU A 45 0.51 -2.87 -10.91
CA GLU A 45 1.81 -2.90 -11.56
C GLU A 45 1.68 -2.92 -13.09
N GLU A 46 0.54 -3.37 -13.61
CA GLU A 46 0.31 -3.43 -15.05
C GLU A 46 0.16 -2.05 -15.67
N ILE A 47 -0.52 -1.13 -14.98
CA ILE A 47 -0.83 0.17 -15.53
C ILE A 47 0.34 1.11 -15.26
N TYR A 48 1.09 0.84 -14.19
CA TYR A 48 2.20 1.68 -13.79
C TYR A 48 3.25 1.79 -14.91
N GLN A 49 3.36 0.74 -15.73
CA GLN A 49 4.31 0.70 -16.83
C GLN A 49 3.95 1.70 -17.92
N ARG A 50 2.68 2.12 -17.99
CA ARG A 50 2.24 3.12 -18.95
C ARG A 50 2.49 4.51 -18.38
N ILE A 51 2.60 4.62 -17.06
CA ILE A 51 2.90 5.88 -16.40
C ILE A 51 4.37 6.23 -16.64
N GLN A 52 5.23 5.23 -16.42
CA GLN A 52 6.67 5.38 -16.50
C GLN A 52 7.16 5.34 -17.95
N ALA A 53 6.24 5.23 -18.90
CA ALA A 53 6.59 5.19 -20.31
C ALA A 53 7.12 6.54 -20.80
N GLY A 54 6.90 7.62 -20.05
CA GLY A 54 7.41 8.94 -20.43
C GLY A 54 6.49 10.09 -20.04
N LEU A 55 5.63 9.91 -19.04
CA LEU A 55 4.59 10.89 -18.77
C LEU A 55 4.15 10.97 -17.31
N THR A 56 5.00 10.56 -16.36
CA THR A 56 4.64 10.69 -14.95
C THR A 56 4.46 12.16 -14.55
N ALA A 57 4.80 13.08 -15.46
CA ALA A 57 4.64 14.51 -15.30
C ALA A 57 4.31 15.09 -16.68
N PRO A 58 3.05 14.95 -17.13
CA PRO A 58 2.57 15.31 -18.46
C PRO A 58 2.91 16.72 -18.93
N ASP A 59 2.57 17.00 -20.18
CA ASP A 59 2.82 18.28 -20.86
C ASP A 59 1.97 19.42 -20.28
N MET C 1 -10.02 7.53 -3.03
CA MET C 1 -10.18 6.14 -2.59
C MET C 1 -10.15 5.19 -3.77
N LEU C 2 -9.46 4.05 -3.64
CA LEU C 2 -9.44 3.04 -4.68
C LEU C 2 -9.54 1.65 -4.06
N ILE C 3 -10.05 0.69 -4.83
CA ILE C 3 -10.16 -0.70 -4.42
C ILE C 3 -9.72 -1.57 -5.58
N LEU C 4 -9.09 -2.71 -5.27
CA LEU C 4 -8.54 -3.62 -6.26
C LEU C 4 -8.66 -5.06 -5.76
N THR C 5 -8.41 -6.02 -6.65
CA THR C 5 -8.32 -7.41 -6.24
C THR C 5 -7.10 -8.05 -6.90
N ARG C 6 -6.03 -8.18 -6.12
CA ARG C 6 -4.76 -8.74 -6.54
C ARG C 6 -4.64 -10.14 -5.96
N LYS C 7 -3.74 -10.99 -6.46
CA LYS C 7 -3.49 -12.29 -5.85
C LYS C 7 -2.00 -12.48 -5.57
N VAL C 8 -1.68 -13.52 -4.80
CA VAL C 8 -0.34 -13.73 -4.30
C VAL C 8 0.70 -13.78 -5.41
N GLY C 9 1.78 -13.02 -5.23
CA GLY C 9 2.89 -12.99 -6.17
C GLY C 9 2.80 -11.82 -7.14
N GLU C 10 1.76 -10.97 -7.02
CA GLU C 10 1.58 -9.83 -7.90
C GLU C 10 1.81 -8.53 -7.12
N SER C 11 1.67 -7.37 -7.78
CA SER C 11 2.06 -6.10 -7.17
C SER C 11 1.14 -4.94 -7.55
N ILE C 12 1.31 -3.82 -6.83
CA ILE C 12 0.56 -2.58 -6.99
C ILE C 12 1.56 -1.42 -6.78
N ASN C 13 1.21 -0.19 -7.17
CA ASN C 13 2.12 0.94 -7.09
C ASN C 13 1.42 2.21 -6.62
N ILE C 14 2.20 3.11 -6.02
CA ILE C 14 1.72 4.40 -5.54
C ILE C 14 2.80 5.46 -5.80
N GLY C 15 2.39 6.70 -6.07
CA GLY C 15 3.30 7.78 -6.37
C GLY C 15 4.21 7.39 -7.53
N ASP C 16 5.49 7.79 -7.43
CA ASP C 16 6.52 7.45 -8.40
C ASP C 16 7.75 6.90 -7.69
N ASP C 17 7.63 6.62 -6.38
CA ASP C 17 8.71 6.09 -5.56
C ASP C 17 8.21 5.01 -4.60
N ILE C 18 6.96 4.52 -4.75
CA ILE C 18 6.44 3.51 -3.84
C ILE C 18 5.87 2.33 -4.62
N THR C 19 6.03 1.13 -4.05
CA THR C 19 5.52 -0.11 -4.63
C THR C 19 4.98 -0.98 -3.50
N ILE C 20 4.07 -1.88 -3.83
CA ILE C 20 3.44 -2.80 -2.89
C ILE C 20 3.41 -4.19 -3.52
N THR C 21 3.56 -5.23 -2.70
CA THR C 21 3.55 -6.61 -3.18
C THR C 21 2.79 -7.49 -2.20
N ILE C 22 2.10 -8.50 -2.73
CA ILE C 22 1.33 -9.45 -1.93
C ILE C 22 2.10 -10.77 -1.88
N LEU C 23 2.90 -10.96 -0.83
CA LEU C 23 3.80 -12.10 -0.73
C LEU C 23 3.03 -13.43 -0.62
N GLY C 24 1.82 -13.40 -0.06
CA GLY C 24 0.99 -14.61 0.06
C GLY C 24 -0.09 -14.48 1.12
N VAL C 25 -0.80 -15.58 1.40
CA VAL C 25 -1.85 -15.61 2.41
C VAL C 25 -1.78 -16.88 3.24
N SER C 26 -2.45 -16.86 4.39
CA SER C 26 -2.58 -18.01 5.28
C SER C 26 -3.89 -17.90 6.05
N GLY C 27 -4.98 -18.45 5.50
CA GLY C 27 -6.29 -18.35 6.12
C GLY C 27 -6.85 -16.95 5.92
N GLN C 28 -6.78 -16.13 6.98
CA GLN C 28 -7.21 -14.73 6.88
C GLN C 28 -5.99 -13.83 6.88
N GLN C 29 -4.85 -14.35 7.31
CA GLN C 29 -3.62 -13.58 7.29
C GLN C 29 -3.21 -13.40 5.83
N VAL C 30 -2.58 -12.25 5.57
CA VAL C 30 -2.15 -11.84 4.25
C VAL C 30 -0.78 -11.20 4.43
N ARG C 31 0.27 -11.86 3.92
CA ARG C 31 1.62 -11.34 4.06
C ARG C 31 1.87 -10.37 2.91
N ILE C 32 2.31 -9.17 3.25
CA ILE C 32 2.41 -8.07 2.30
C ILE C 32 3.78 -7.43 2.41
N GLY C 33 4.23 -6.79 1.32
CA GLY C 33 5.50 -6.10 1.28
C GLY C 33 5.29 -4.67 0.77
N ILE C 34 6.20 -3.78 1.16
CA ILE C 34 6.13 -2.37 0.84
C ILE C 34 7.52 -1.88 0.52
N ASN C 35 7.65 -0.99 -0.46
CA ASN C 35 8.95 -0.52 -0.90
C ASN C 35 8.88 0.98 -1.19
N ALA C 36 9.47 1.77 -0.28
CA ALA C 36 9.54 3.21 -0.39
C ALA C 36 10.83 3.71 0.25
N PRO C 37 11.29 4.89 -0.14
CA PRO C 37 12.45 5.53 0.46
C PRO C 37 12.19 5.87 1.93
N LYS C 38 13.27 6.05 2.71
CA LYS C 38 13.17 6.52 4.08
C LYS C 38 12.75 7.99 4.10
N ASP C 39 12.58 8.55 2.91
CA ASP C 39 12.05 9.89 2.68
C ASP C 39 10.59 9.97 3.10
N VAL C 40 9.96 8.82 3.37
CA VAL C 40 8.55 8.72 3.73
C VAL C 40 8.39 7.72 4.87
N ALA C 41 7.20 7.69 5.48
CA ALA C 41 6.94 6.81 6.60
C ALA C 41 6.03 5.66 6.19
N VAL C 42 6.11 4.54 6.92
CA VAL C 42 5.21 3.42 6.72
C VAL C 42 5.17 2.57 8.00
N HIS C 43 3.96 2.29 8.48
CA HIS C 43 3.76 1.48 9.67
C HIS C 43 2.39 0.83 9.63
N ARG C 44 2.16 -0.17 10.50
CA ARG C 44 0.84 -0.76 10.66
C ARG C 44 -0.07 0.33 11.19
N GLU C 45 -1.37 0.27 10.89
CA GLU C 45 -2.27 1.31 11.37
C GLU C 45 -2.34 1.31 12.90
N GLU C 46 -1.81 0.25 13.53
CA GLU C 46 -1.67 0.16 14.97
C GLU C 46 -0.60 1.11 15.47
N ILE C 47 0.54 1.18 14.79
CA ILE C 47 1.68 1.96 15.25
C ILE C 47 1.52 3.42 14.83
N TYR C 48 0.76 3.68 13.77
CA TYR C 48 0.52 5.02 13.30
C TYR C 48 -0.15 5.87 14.39
N GLN C 49 -0.90 5.23 15.28
CA GLN C 49 -1.58 5.91 16.37
C GLN C 49 -0.60 6.27 17.51
N ARG C 50 0.53 5.56 17.58
CA ARG C 50 1.60 5.84 18.53
C ARG C 50 2.48 6.97 18.00
N ILE C 51 2.37 7.24 16.70
CA ILE C 51 3.24 8.19 16.02
C ILE C 51 2.55 9.54 15.87
N GLN C 52 1.29 9.55 15.41
CA GLN C 52 0.54 10.78 15.23
C GLN C 52 0.20 11.43 16.58
N ALA C 53 0.66 10.83 17.69
CA ALA C 53 0.47 11.39 19.01
C ALA C 53 1.31 12.66 19.21
N GLY C 54 2.31 12.92 18.34
CA GLY C 54 3.10 14.13 18.43
C GLY C 54 4.48 14.04 17.78
N LEU C 55 4.73 13.02 16.94
CA LEU C 55 6.06 12.78 16.40
C LEU C 55 6.01 11.99 15.09
N THR C 56 7.19 11.58 14.59
CA THR C 56 7.28 10.81 13.35
C THR C 56 8.37 9.73 13.43
N ALA C 57 9.08 9.64 14.56
CA ALA C 57 10.17 8.70 14.73
C ALA C 57 10.36 8.34 16.21
N PRO C 58 9.49 7.49 16.77
CA PRO C 58 9.54 7.07 18.16
C PRO C 58 10.95 6.67 18.62
N ASP C 59 11.62 5.83 17.83
CA ASP C 59 12.93 5.31 18.18
C ASP C 59 13.54 4.57 16.98
N MET A 1 12.55 -1.50 2.27
CA MET A 1 11.68 -2.65 1.96
C MET A 1 11.11 -3.25 3.24
N LEU A 2 9.82 -3.00 3.52
CA LEU A 2 9.19 -3.56 4.71
C LEU A 2 8.36 -4.77 4.35
N ILE A 3 8.21 -5.68 5.31
CA ILE A 3 7.31 -6.82 5.22
C ILE A 3 6.59 -6.96 6.55
N LEU A 4 5.27 -7.15 6.49
CA LEU A 4 4.46 -7.28 7.69
C LEU A 4 3.12 -7.93 7.33
N THR A 5 2.39 -8.40 8.33
CA THR A 5 1.20 -9.21 8.09
C THR A 5 -0.02 -8.62 8.79
N ARG A 6 -1.18 -8.80 8.16
CA ARG A 6 -2.48 -8.30 8.58
C ARG A 6 -3.52 -9.37 8.30
N LYS A 7 -4.76 -9.18 8.73
CA LYS A 7 -5.85 -10.04 8.27
C LYS A 7 -7.01 -9.18 7.79
N VAL A 8 -7.99 -9.82 7.18
CA VAL A 8 -9.10 -9.10 6.56
C VAL A 8 -9.80 -8.17 7.54
N GLY A 9 -10.04 -6.93 7.11
CA GLY A 9 -10.70 -5.93 7.92
C GLY A 9 -9.72 -5.01 8.65
N GLU A 10 -8.40 -5.20 8.45
CA GLU A 10 -7.38 -4.41 9.12
C GLU A 10 -6.73 -3.41 8.16
N SER A 11 -5.78 -2.61 8.65
CA SER A 11 -5.23 -1.50 7.88
C SER A 11 -3.73 -1.26 8.14
N ILE A 12 -3.13 -0.42 7.29
CA ILE A 12 -1.72 -0.06 7.25
C ILE A 12 -1.64 1.41 6.81
N ASN A 13 -0.50 2.08 7.01
CA ASN A 13 -0.37 3.49 6.64
C ASN A 13 0.95 3.78 5.92
N ILE A 14 0.94 4.83 5.10
CA ILE A 14 2.12 5.29 4.36
C ILE A 14 2.11 6.82 4.35
N GLY A 15 3.30 7.42 4.44
CA GLY A 15 3.44 8.86 4.53
C GLY A 15 2.62 9.39 5.71
N ASP A 16 1.94 10.51 5.49
CA ASP A 16 1.05 11.09 6.47
C ASP A 16 -0.30 11.42 5.80
N ASP A 17 -0.49 10.95 4.57
CA ASP A 17 -1.67 11.25 3.78
C ASP A 17 -2.14 10.04 2.96
N ILE A 18 -1.62 8.83 3.22
CA ILE A 18 -2.03 7.64 2.50
C ILE A 18 -2.35 6.53 3.50
N THR A 19 -3.40 5.76 3.20
CA THR A 19 -3.82 4.66 4.05
C THR A 19 -4.17 3.46 3.18
N ILE A 20 -4.06 2.25 3.74
CA ILE A 20 -4.31 1.01 3.02
C ILE A 20 -5.19 0.13 3.89
N THR A 21 -6.06 -0.66 3.26
CA THR A 21 -6.96 -1.56 3.97
C THR A 21 -7.11 -2.85 3.20
N ILE A 22 -7.26 -3.96 3.91
CA ILE A 22 -7.45 -5.28 3.31
C ILE A 22 -8.93 -5.64 3.43
N LEU A 23 -9.69 -5.47 2.33
CA LEU A 23 -11.13 -5.67 2.36
C LEU A 23 -11.49 -7.15 2.55
N GLY A 24 -10.63 -8.07 2.09
CA GLY A 24 -10.86 -9.49 2.29
C GLY A 24 -10.12 -10.36 1.27
N VAL A 25 -10.35 -11.68 1.30
CA VAL A 25 -9.70 -12.60 0.39
C VAL A 25 -10.68 -13.67 -0.10
N SER A 26 -10.30 -14.35 -1.18
CA SER A 26 -11.03 -15.50 -1.70
C SER A 26 -10.05 -16.37 -2.46
N GLY A 27 -9.79 -17.60 -1.99
CA GLY A 27 -8.83 -18.48 -2.62
C GLY A 27 -7.43 -17.89 -2.51
N GLN A 28 -6.93 -17.31 -3.60
CA GLN A 28 -5.64 -16.63 -3.60
C GLN A 28 -5.81 -15.14 -3.87
N GLN A 29 -6.99 -14.73 -4.33
CA GLN A 29 -7.24 -13.32 -4.58
C GLN A 29 -7.36 -12.61 -3.24
N VAL A 30 -6.95 -11.34 -3.23
CA VAL A 30 -6.92 -10.49 -2.05
C VAL A 30 -7.44 -9.13 -2.50
N ARG A 31 -8.64 -8.76 -2.02
CA ARG A 31 -9.24 -7.49 -2.38
C ARG A 31 -8.74 -6.43 -1.42
N ILE A 32 -8.20 -5.34 -1.96
CA ILE A 32 -7.50 -4.33 -1.19
C ILE A 32 -8.07 -2.95 -1.50
N GLY A 33 -7.93 -2.02 -0.55
CA GLY A 33 -8.37 -0.66 -0.72
C GLY A 33 -7.24 0.31 -0.41
N ILE A 34 -7.32 1.50 -0.99
CA ILE A 34 -6.26 2.51 -0.89
C ILE A 34 -6.94 3.87 -0.75
N ASN A 35 -6.34 4.74 0.06
CA ASN A 35 -6.93 6.04 0.32
C ASN A 35 -5.83 7.10 0.34
N ALA A 36 -5.79 7.91 -0.72
CA ALA A 36 -4.83 8.98 -0.87
C ALA A 36 -5.44 10.12 -1.67
N PRO A 37 -4.90 11.34 -1.50
CA PRO A 37 -5.31 12.49 -2.28
C PRO A 37 -4.97 12.30 -3.76
N LYS A 38 -5.64 13.04 -4.63
CA LYS A 38 -5.30 13.06 -6.06
C LYS A 38 -3.98 13.78 -6.27
N ASP A 39 -3.41 14.27 -5.16
CA ASP A 39 -2.09 14.87 -5.10
C ASP A 39 -1.00 13.83 -5.39
N VAL A 40 -1.39 12.55 -5.43
CA VAL A 40 -0.49 11.43 -5.66
C VAL A 40 -1.17 10.42 -6.58
N ALA A 41 -0.40 9.47 -7.10
CA ALA A 41 -0.92 8.48 -8.04
C ALA A 41 -1.02 7.10 -7.41
N VAL A 42 -1.87 6.25 -7.97
CA VAL A 42 -2.00 4.86 -7.54
C VAL A 42 -2.60 4.03 -8.67
N HIS A 43 -1.95 2.89 -9.00
CA HIS A 43 -2.41 1.99 -10.03
C HIS A 43 -1.87 0.58 -9.78
N ARG A 44 -2.35 -0.40 -10.53
CA ARG A 44 -1.83 -1.75 -10.47
C ARG A 44 -0.43 -1.76 -11.05
N GLU A 45 0.39 -2.75 -10.70
CA GLU A 45 1.75 -2.80 -11.20
C GLU A 45 1.77 -2.93 -12.72
N GLU A 46 0.65 -3.35 -13.32
CA GLU A 46 0.50 -3.44 -14.76
C GLU A 46 0.44 -2.05 -15.38
N ILE A 47 -0.38 -1.16 -14.81
CA ILE A 47 -0.63 0.14 -15.39
C ILE A 47 0.52 1.10 -15.09
N TYR A 48 1.24 0.86 -14.00
CA TYR A 48 2.34 1.69 -13.58
C TYR A 48 3.46 1.71 -14.62
N GLN A 49 3.58 0.64 -15.41
CA GLN A 49 4.63 0.54 -16.43
C GLN A 49 4.33 1.44 -17.63
N ARG A 50 3.06 1.84 -17.83
CA ARG A 50 2.69 2.77 -18.90
C ARG A 50 3.15 4.17 -18.51
N ILE A 51 3.42 4.36 -17.22
CA ILE A 51 3.75 5.66 -16.67
C ILE A 51 5.27 5.79 -16.52
N GLN A 52 5.93 4.73 -16.06
CA GLN A 52 7.39 4.75 -15.92
C GLN A 52 8.09 4.72 -17.27
N ALA A 53 7.33 4.72 -18.38
CA ALA A 53 7.87 4.73 -19.71
C ALA A 53 8.57 6.05 -20.05
N GLY A 54 8.37 7.10 -19.23
CA GLY A 54 9.04 8.38 -19.44
C GLY A 54 8.24 9.59 -18.99
N LEU A 55 7.22 9.40 -18.14
CA LEU A 55 6.28 10.46 -17.82
C LEU A 55 5.56 10.23 -16.49
N THR A 56 4.55 11.05 -16.19
CA THR A 56 3.73 10.90 -15.00
C THR A 56 2.26 11.21 -15.30
N ALA A 57 1.93 11.43 -16.59
CA ALA A 57 0.58 11.77 -17.01
C ALA A 57 0.33 11.28 -18.44
N PRO A 58 0.08 9.97 -18.62
CA PRO A 58 -0.19 9.35 -19.91
C PRO A 58 -1.23 10.09 -20.74
N ASP A 59 -1.05 10.03 -22.07
CA ASP A 59 -1.96 10.58 -23.07
C ASP A 59 -2.20 12.09 -22.95
N MET C 1 -10.08 7.53 -3.00
CA MET C 1 -10.28 6.12 -2.58
C MET C 1 -10.23 5.20 -3.78
N LEU C 2 -9.56 4.05 -3.67
CA LEU C 2 -9.52 3.04 -4.72
C LEU C 2 -9.65 1.65 -4.11
N ILE C 3 -10.22 0.73 -4.88
CA ILE C 3 -10.36 -0.67 -4.50
C ILE C 3 -10.05 -1.50 -5.73
N LEU C 4 -9.24 -2.55 -5.56
CA LEU C 4 -8.86 -3.44 -6.66
C LEU C 4 -8.31 -4.74 -6.08
N THR C 5 -8.20 -5.77 -6.91
CA THR C 5 -7.87 -7.11 -6.43
C THR C 5 -6.61 -7.66 -7.10
N ARG C 6 -5.87 -8.45 -6.34
CA ARG C 6 -4.61 -9.07 -6.74
C ARG C 6 -4.59 -10.49 -6.17
N LYS C 7 -3.58 -11.28 -6.51
CA LYS C 7 -3.36 -12.55 -5.82
C LYS C 7 -1.90 -12.69 -5.43
N VAL C 8 -1.60 -13.72 -4.63
CA VAL C 8 -0.27 -13.88 -4.07
C VAL C 8 0.80 -13.93 -5.15
N GLY C 9 1.83 -13.10 -4.99
CA GLY C 9 2.94 -13.01 -5.92
C GLY C 9 2.81 -11.84 -6.88
N GLU C 10 1.79 -10.99 -6.72
CA GLU C 10 1.56 -9.85 -7.59
C GLU C 10 1.81 -8.53 -6.86
N SER C 11 1.64 -7.39 -7.54
CA SER C 11 2.02 -6.10 -6.99
C SER C 11 1.09 -4.97 -7.41
N ILE C 12 1.25 -3.82 -6.74
CA ILE C 12 0.52 -2.57 -6.94
C ILE C 12 1.53 -1.43 -6.74
N ASN C 13 1.20 -0.20 -7.14
CA ASN C 13 2.12 0.92 -7.00
C ASN C 13 1.40 2.20 -6.56
N ILE C 14 2.17 3.10 -5.93
CA ILE C 14 1.68 4.36 -5.43
C ILE C 14 2.73 5.43 -5.72
N GLY C 15 2.29 6.68 -5.87
CA GLY C 15 3.18 7.79 -6.19
C GLY C 15 4.01 7.47 -7.43
N ASP C 16 5.28 7.84 -7.39
CA ASP C 16 6.24 7.57 -8.45
C ASP C 16 7.51 6.95 -7.84
N ASP C 17 7.43 6.57 -6.56
CA ASP C 17 8.56 6.05 -5.80
C ASP C 17 8.12 4.97 -4.81
N ILE C 18 6.88 4.46 -4.90
CA ILE C 18 6.40 3.45 -3.96
C ILE C 18 5.86 2.23 -4.70
N THR C 19 6.04 1.06 -4.11
CA THR C 19 5.56 -0.21 -4.65
C THR C 19 5.00 -1.04 -3.50
N ILE C 20 4.05 -1.93 -3.81
CA ILE C 20 3.41 -2.81 -2.85
C ILE C 20 3.37 -4.21 -3.44
N THR C 21 3.51 -5.24 -2.61
CA THR C 21 3.49 -6.62 -3.07
C THR C 21 2.74 -7.48 -2.07
N ILE C 22 2.05 -8.51 -2.57
CA ILE C 22 1.28 -9.44 -1.77
C ILE C 22 2.08 -10.75 -1.71
N LEU C 23 2.87 -10.92 -0.65
CA LEU C 23 3.77 -12.05 -0.52
C LEU C 23 3.02 -13.37 -0.37
N GLY C 24 1.81 -13.35 0.20
CA GLY C 24 0.98 -14.54 0.31
C GLY C 24 -0.10 -14.41 1.37
N VAL C 25 -0.82 -15.51 1.64
CA VAL C 25 -1.89 -15.54 2.64
C VAL C 25 -1.80 -16.80 3.50
N SER C 26 -2.49 -16.77 4.65
CA SER C 26 -2.58 -17.92 5.54
C SER C 26 -3.90 -17.85 6.30
N GLY C 27 -4.95 -18.47 5.74
CA GLY C 27 -6.27 -18.43 6.35
C GLY C 27 -6.91 -17.07 6.12
N GLN C 28 -6.77 -16.16 7.10
CA GLN C 28 -7.25 -14.79 6.94
C GLN C 28 -6.06 -13.83 6.95
N GLN C 29 -4.89 -14.30 7.39
CA GLN C 29 -3.70 -13.46 7.38
C GLN C 29 -3.28 -13.24 5.94
N VAL C 30 -2.68 -12.07 5.69
CA VAL C 30 -2.22 -11.66 4.38
C VAL C 30 -0.87 -11.00 4.59
N ARG C 31 0.19 -11.66 4.09
CA ARG C 31 1.55 -11.18 4.23
C ARG C 31 1.85 -10.24 3.08
N ILE C 32 2.33 -9.04 3.41
CA ILE C 32 2.45 -7.96 2.44
C ILE C 32 3.85 -7.35 2.52
N GLY C 33 4.30 -6.74 1.43
CA GLY C 33 5.58 -6.06 1.38
C GLY C 33 5.38 -4.66 0.82
N ILE C 34 6.29 -3.75 1.19
CA ILE C 34 6.21 -2.34 0.82
C ILE C 34 7.61 -1.85 0.51
N ASN C 35 7.72 -0.97 -0.48
CA ASN C 35 9.01 -0.49 -0.93
C ASN C 35 8.92 1.00 -1.23
N ALA C 36 9.51 1.81 -0.35
CA ALA C 36 9.53 3.25 -0.48
C ALA C 36 10.82 3.79 0.14
N PRO C 37 11.24 4.99 -0.27
CA PRO C 37 12.38 5.66 0.29
C PRO C 37 12.16 6.00 1.76
N LYS C 38 13.24 6.20 2.51
CA LYS C 38 13.15 6.61 3.91
C LYS C 38 12.70 8.06 4.01
N ASP C 39 12.55 8.71 2.86
CA ASP C 39 12.03 10.07 2.73
C ASP C 39 10.53 10.11 3.07
N VAL C 40 9.93 8.93 3.26
CA VAL C 40 8.53 8.79 3.61
C VAL C 40 8.40 7.74 4.71
N ALA C 41 7.22 7.63 5.32
CA ALA C 41 7.04 6.73 6.44
C ALA C 41 6.08 5.60 6.09
N VAL C 42 6.17 4.49 6.82
CA VAL C 42 5.25 3.37 6.66
C VAL C 42 5.24 2.52 7.92
N HIS C 43 4.04 2.20 8.42
CA HIS C 43 3.85 1.36 9.60
C HIS C 43 2.46 0.74 9.55
N ARG C 44 2.16 -0.19 10.45
CA ARG C 44 0.81 -0.71 10.55
C ARG C 44 -0.08 0.41 11.07
N GLU C 45 -1.38 0.33 10.78
CA GLU C 45 -2.32 1.34 11.23
C GLU C 45 -2.42 1.32 12.76
N GLU C 46 -1.82 0.30 13.39
CA GLU C 46 -1.74 0.21 14.85
C GLU C 46 -0.62 1.11 15.36
N ILE C 47 0.57 1.03 14.75
CA ILE C 47 1.73 1.83 15.14
C ILE C 47 1.54 3.28 14.71
N TYR C 48 0.76 3.50 13.65
CA TYR C 48 0.53 4.84 13.14
C TYR C 48 -0.13 5.74 14.18
N GLN C 49 -0.93 5.15 15.07
CA GLN C 49 -1.63 5.92 16.10
C GLN C 49 -0.68 6.35 17.22
N ARG C 50 0.46 5.67 17.37
CA ARG C 50 1.49 6.03 18.35
C ARG C 50 2.30 7.20 17.81
N ILE C 51 2.22 7.43 16.50
CA ILE C 51 3.03 8.42 15.82
C ILE C 51 2.24 9.70 15.61
N GLN C 52 1.01 9.61 15.12
CA GLN C 52 0.17 10.77 14.89
C GLN C 52 -0.27 11.43 16.20
N ALA C 53 0.20 10.91 17.35
CA ALA C 53 -0.10 11.48 18.65
C ALA C 53 0.57 12.85 18.82
N GLY C 54 1.55 13.19 17.98
CA GLY C 54 2.21 14.49 18.06
C GLY C 54 3.62 14.50 17.46
N LEU C 55 3.97 13.50 16.65
CA LEU C 55 5.34 13.34 16.17
C LEU C 55 5.39 12.52 14.88
N THR C 56 6.60 12.15 14.45
CA THR C 56 6.79 11.32 13.25
C THR C 56 7.84 10.23 13.50
N ALA C 57 8.51 10.27 14.66
CA ALA C 57 9.49 9.28 15.04
C ALA C 57 9.59 9.23 16.57
N PRO C 58 9.24 8.09 17.19
CA PRO C 58 9.36 7.89 18.62
C PRO C 58 10.73 8.28 19.19
N ASP C 59 11.80 8.01 18.43
CA ASP C 59 13.16 8.28 18.87
C ASP C 59 14.15 8.05 17.73
N MET A 1 12.29 -1.04 2.23
CA MET A 1 11.43 -2.23 2.11
C MET A 1 10.88 -2.63 3.47
N LEU A 2 9.62 -3.05 3.53
CA LEU A 2 9.03 -3.58 4.74
C LEU A 2 8.13 -4.76 4.39
N ILE A 3 7.91 -5.64 5.37
CA ILE A 3 7.02 -6.78 5.23
C ILE A 3 6.20 -6.87 6.51
N LEU A 4 4.94 -7.30 6.38
CA LEU A 4 3.99 -7.39 7.47
C LEU A 4 3.10 -8.61 7.26
N THR A 5 2.36 -8.99 8.30
CA THR A 5 1.34 -10.03 8.17
C THR A 5 0.07 -9.55 8.87
N ARG A 6 -0.85 -9.02 8.07
CA ARG A 6 -2.12 -8.44 8.49
C ARG A 6 -3.25 -9.41 8.18
N LYS A 7 -4.44 -9.27 8.78
CA LYS A 7 -5.58 -10.09 8.37
C LYS A 7 -6.74 -9.22 7.89
N VAL A 8 -7.74 -9.87 7.29
CA VAL A 8 -8.84 -9.17 6.66
C VAL A 8 -9.57 -8.28 7.66
N GLY A 9 -9.85 -7.04 7.23
CA GLY A 9 -10.60 -6.08 8.04
C GLY A 9 -9.68 -5.10 8.77
N GLU A 10 -8.36 -5.27 8.66
CA GLU A 10 -7.41 -4.37 9.30
C GLU A 10 -6.76 -3.43 8.29
N SER A 11 -5.85 -2.57 8.75
CA SER A 11 -5.30 -1.50 7.93
C SER A 11 -3.81 -1.23 8.19
N ILE A 12 -3.22 -0.36 7.37
CA ILE A 12 -1.80 -0.04 7.29
C ILE A 12 -1.69 1.39 6.76
N ASN A 13 -0.53 2.04 6.87
CA ASN A 13 -0.37 3.44 6.46
C ASN A 13 0.98 3.70 5.78
N ILE A 14 1.01 4.74 4.96
CA ILE A 14 2.21 5.18 4.25
C ILE A 14 2.25 6.71 4.26
N GLY A 15 3.45 7.29 4.22
CA GLY A 15 3.62 8.72 4.28
C GLY A 15 2.92 9.29 5.51
N ASP A 16 2.28 10.44 5.34
CA ASP A 16 1.47 11.07 6.37
C ASP A 16 0.11 11.44 5.80
N ASP A 17 -0.18 10.95 4.59
CA ASP A 17 -1.41 11.27 3.86
C ASP A 17 -1.94 10.05 3.09
N ILE A 18 -1.42 8.85 3.36
CA ILE A 18 -1.88 7.64 2.66
C ILE A 18 -2.23 6.56 3.67
N THR A 19 -3.25 5.76 3.34
CA THR A 19 -3.71 4.65 4.15
C THR A 19 -4.05 3.47 3.24
N ILE A 20 -3.99 2.26 3.80
CA ILE A 20 -4.22 1.03 3.08
C ILE A 20 -5.13 0.13 3.93
N THR A 21 -5.96 -0.69 3.29
CA THR A 21 -6.86 -1.59 4.00
C THR A 21 -6.94 -2.91 3.26
N ILE A 22 -7.10 -4.01 4.00
CA ILE A 22 -7.24 -5.34 3.44
C ILE A 22 -8.71 -5.76 3.58
N LEU A 23 -9.49 -5.55 2.52
CA LEU A 23 -10.94 -5.77 2.58
C LEU A 23 -11.27 -7.25 2.76
N GLY A 24 -10.42 -8.15 2.25
CA GLY A 24 -10.65 -9.59 2.39
C GLY A 24 -9.90 -10.42 1.37
N VAL A 25 -10.17 -11.73 1.35
CA VAL A 25 -9.53 -12.63 0.38
C VAL A 25 -10.56 -13.54 -0.29
N SER A 26 -10.16 -14.14 -1.41
CA SER A 26 -10.98 -15.08 -2.17
C SER A 26 -10.07 -16.05 -2.91
N GLY A 27 -9.73 -17.18 -2.27
CA GLY A 27 -8.84 -18.16 -2.87
C GLY A 27 -7.41 -17.68 -2.78
N GLN A 28 -6.86 -17.12 -3.87
CA GLN A 28 -5.55 -16.49 -3.85
C GLN A 28 -5.71 -15.00 -4.10
N GLN A 29 -6.87 -14.57 -4.62
CA GLN A 29 -7.13 -13.16 -4.81
C GLN A 29 -7.28 -12.51 -3.43
N VAL A 30 -6.89 -11.24 -3.36
CA VAL A 30 -6.92 -10.47 -2.14
C VAL A 30 -7.50 -9.10 -2.50
N ARG A 31 -8.64 -8.77 -1.91
CA ARG A 31 -9.29 -7.48 -2.11
C ARG A 31 -8.62 -6.47 -1.20
N ILE A 32 -8.07 -5.42 -1.81
CA ILE A 32 -7.31 -4.41 -1.08
C ILE A 32 -7.89 -3.04 -1.36
N GLY A 33 -7.68 -2.09 -0.45
CA GLY A 33 -8.15 -0.73 -0.60
C GLY A 33 -7.01 0.25 -0.34
N ILE A 34 -7.11 1.43 -0.93
CA ILE A 34 -6.08 2.45 -0.87
C ILE A 34 -6.76 3.80 -0.72
N ASN A 35 -6.14 4.69 0.06
CA ASN A 35 -6.73 5.99 0.33
C ASN A 35 -5.62 7.04 0.32
N ALA A 36 -5.58 7.85 -0.73
CA ALA A 36 -4.61 8.92 -0.88
C ALA A 36 -5.22 10.08 -1.66
N PRO A 37 -4.67 11.29 -1.50
CA PRO A 37 -5.06 12.46 -2.25
C PRO A 37 -4.74 12.31 -3.73
N LYS A 38 -5.44 13.09 -4.58
CA LYS A 38 -5.15 13.12 -6.01
C LYS A 38 -3.84 13.86 -6.29
N ASP A 39 -3.21 14.35 -5.22
CA ASP A 39 -1.88 14.95 -5.26
C ASP A 39 -0.81 13.88 -5.50
N VAL A 40 -1.22 12.61 -5.49
CA VAL A 40 -0.33 11.47 -5.73
C VAL A 40 -1.04 10.46 -6.62
N ALA A 41 -0.30 9.48 -7.12
CA ALA A 41 -0.87 8.52 -8.06
C ALA A 41 -1.01 7.13 -7.44
N VAL A 42 -1.85 6.30 -8.02
CA VAL A 42 -2.01 4.90 -7.65
C VAL A 42 -2.65 4.12 -8.78
N HIS A 43 -2.04 3.00 -9.17
CA HIS A 43 -2.53 2.15 -10.25
C HIS A 43 -2.06 0.73 -10.04
N ARG A 44 -2.56 -0.21 -10.86
CA ARG A 44 -2.12 -1.60 -10.82
C ARG A 44 -0.70 -1.65 -11.37
N GLU A 45 0.06 -2.70 -11.07
CA GLU A 45 1.42 -2.79 -11.58
C GLU A 45 1.42 -2.81 -13.11
N GLU A 46 0.29 -3.21 -13.70
CA GLU A 46 0.11 -3.23 -15.15
C GLU A 46 -0.01 -1.81 -15.70
N ILE A 47 -0.89 -0.99 -15.11
CA ILE A 47 -1.15 0.36 -15.59
C ILE A 47 0.06 1.25 -15.29
N TYR A 48 0.81 0.91 -14.25
CA TYR A 48 1.97 1.68 -13.83
C TYR A 48 3.04 1.75 -14.93
N GLN A 49 3.15 0.70 -15.73
CA GLN A 49 4.17 0.62 -16.78
C GLN A 49 3.85 1.55 -17.94
N ARG A 50 2.58 1.95 -18.10
CA ARG A 50 2.16 2.86 -19.15
C ARG A 50 2.55 4.28 -18.77
N ILE A 51 2.83 4.50 -17.49
CA ILE A 51 3.11 5.81 -16.95
C ILE A 51 4.61 6.01 -16.79
N GLN A 52 5.32 5.01 -16.26
CA GLN A 52 6.76 5.11 -16.06
C GLN A 52 7.54 5.02 -17.37
N ALA A 53 6.83 4.93 -18.50
CA ALA A 53 7.45 4.91 -19.82
C ALA A 53 8.18 6.23 -20.11
N GLY A 54 7.90 7.29 -19.33
CA GLY A 54 8.58 8.57 -19.50
C GLY A 54 7.74 9.77 -19.09
N LEU A 55 6.68 9.56 -18.31
CA LEU A 55 5.70 10.60 -18.05
C LEU A 55 4.95 10.38 -16.73
N THR A 56 3.94 11.22 -16.47
CA THR A 56 3.06 11.09 -15.31
C THR A 56 1.64 11.47 -15.69
N ALA A 57 1.41 11.75 -16.97
CA ALA A 57 0.11 12.06 -17.51
C ALA A 57 0.04 11.60 -18.97
N PRO A 58 -0.94 10.76 -19.33
CA PRO A 58 -1.19 10.29 -20.68
C PRO A 58 -1.25 11.42 -21.72
N ASP A 59 -1.32 11.01 -22.99
CA ASP A 59 -1.31 11.91 -24.14
C ASP A 59 -2.44 12.95 -24.10
N MET C 1 -9.97 7.47 -2.88
CA MET C 1 -10.11 6.06 -2.49
C MET C 1 -10.04 5.16 -3.70
N LEU C 2 -9.39 4.00 -3.58
CA LEU C 2 -9.39 3.00 -4.64
C LEU C 2 -9.50 1.61 -4.01
N ILE C 3 -9.99 0.65 -4.78
CA ILE C 3 -10.10 -0.74 -4.36
C ILE C 3 -9.59 -1.59 -5.51
N LEU C 4 -8.79 -2.60 -5.18
CA LEU C 4 -8.08 -3.45 -6.12
C LEU C 4 -8.28 -4.91 -5.77
N THR C 5 -7.98 -5.79 -6.72
CA THR C 5 -7.93 -7.22 -6.44
C THR C 5 -6.67 -7.77 -7.09
N ARG C 6 -5.82 -8.37 -6.25
CA ARG C 6 -4.50 -8.88 -6.61
C ARG C 6 -4.33 -10.25 -5.97
N LYS C 7 -3.53 -11.16 -6.54
CA LYS C 7 -3.29 -12.44 -5.89
C LYS C 7 -1.84 -12.59 -5.50
N VAL C 8 -1.55 -13.65 -4.74
CA VAL C 8 -0.24 -13.82 -4.14
C VAL C 8 0.85 -13.90 -5.21
N GLY C 9 1.90 -13.09 -5.03
CA GLY C 9 3.04 -13.08 -5.93
C GLY C 9 2.98 -11.91 -6.92
N GLU C 10 1.95 -11.06 -6.84
CA GLU C 10 1.80 -9.92 -7.73
C GLU C 10 2.01 -8.60 -6.96
N SER C 11 1.86 -7.46 -7.65
CA SER C 11 2.17 -6.15 -7.07
C SER C 11 1.18 -5.06 -7.50
N ILE C 12 1.29 -3.91 -6.82
CA ILE C 12 0.53 -2.68 -7.06
C ILE C 12 1.50 -1.50 -6.85
N ASN C 13 1.13 -0.29 -7.27
CA ASN C 13 2.05 0.85 -7.20
C ASN C 13 1.36 2.14 -6.75
N ILE C 14 2.15 3.05 -6.17
CA ILE C 14 1.70 4.34 -5.67
C ILE C 14 2.77 5.38 -5.98
N GLY C 15 2.36 6.63 -6.21
CA GLY C 15 3.26 7.71 -6.56
C GLY C 15 4.15 7.31 -7.74
N ASP C 16 5.43 7.72 -7.66
CA ASP C 16 6.44 7.38 -8.64
C ASP C 16 7.67 6.81 -7.94
N ASP C 17 7.54 6.51 -6.63
CA ASP C 17 8.62 6.03 -5.80
C ASP C 17 8.15 4.99 -4.79
N ILE C 18 6.91 4.48 -4.93
CA ILE C 18 6.39 3.48 -3.99
C ILE C 18 5.83 2.28 -4.74
N THR C 19 5.96 1.11 -4.14
CA THR C 19 5.45 -0.16 -4.67
C THR C 19 4.89 -0.98 -3.52
N ILE C 20 3.97 -1.90 -3.84
CA ILE C 20 3.32 -2.77 -2.86
C ILE C 20 3.32 -4.18 -3.44
N THR C 21 3.46 -5.19 -2.58
CA THR C 21 3.51 -6.57 -3.01
C THR C 21 2.70 -7.43 -2.04
N ILE C 22 2.15 -8.54 -2.55
CA ILE C 22 1.35 -9.48 -1.78
C ILE C 22 2.09 -10.81 -1.73
N LEU C 23 2.94 -10.99 -0.70
CA LEU C 23 3.83 -12.13 -0.59
C LEU C 23 3.06 -13.45 -0.42
N GLY C 24 1.84 -13.40 0.11
CA GLY C 24 1.01 -14.60 0.25
C GLY C 24 -0.09 -14.45 1.28
N VAL C 25 -0.81 -15.55 1.57
CA VAL C 25 -1.87 -15.56 2.58
C VAL C 25 -1.82 -16.85 3.40
N SER C 26 -2.52 -16.84 4.54
CA SER C 26 -2.66 -18.01 5.39
C SER C 26 -3.97 -17.91 6.17
N GLY C 27 -5.06 -18.44 5.60
CA GLY C 27 -6.37 -18.39 6.23
C GLY C 27 -6.97 -17.00 6.06
N GLN C 28 -6.78 -16.14 7.07
CA GLN C 28 -7.18 -14.73 6.99
C GLN C 28 -5.95 -13.84 6.98
N GLN C 29 -4.79 -14.40 7.38
CA GLN C 29 -3.56 -13.64 7.33
C GLN C 29 -3.21 -13.38 5.87
N VAL C 30 -2.58 -12.24 5.64
CA VAL C 30 -2.17 -11.79 4.33
C VAL C 30 -0.81 -11.16 4.51
N ARG C 31 0.23 -11.81 3.99
CA ARG C 31 1.58 -11.33 4.11
C ARG C 31 1.82 -10.32 3.00
N ILE C 32 2.18 -9.09 3.37
CA ILE C 32 2.26 -7.99 2.43
C ILE C 32 3.64 -7.35 2.52
N GLY C 33 4.08 -6.71 1.43
CA GLY C 33 5.36 -6.02 1.39
C GLY C 33 5.15 -4.61 0.86
N ILE C 34 6.04 -3.71 1.25
CA ILE C 34 5.97 -2.30 0.92
C ILE C 34 7.37 -1.79 0.61
N ASN C 35 7.49 -0.94 -0.41
CA ASN C 35 8.78 -0.48 -0.86
C ASN C 35 8.73 1.01 -1.17
N ALA C 36 9.31 1.80 -0.29
CA ALA C 36 9.39 3.25 -0.43
C ALA C 36 10.68 3.75 0.19
N PRO C 37 11.15 4.93 -0.25
CA PRO C 37 12.33 5.57 0.32
C PRO C 37 12.11 5.92 1.79
N LYS C 38 13.20 6.09 2.53
CA LYS C 38 13.13 6.57 3.90
C LYS C 38 12.70 8.04 3.92
N ASP C 39 12.48 8.59 2.73
CA ASP C 39 11.94 9.92 2.51
C ASP C 39 10.49 10.00 2.98
N VAL C 40 9.88 8.84 3.26
CA VAL C 40 8.49 8.73 3.69
C VAL C 40 8.39 7.70 4.81
N ALA C 41 7.25 7.66 5.49
CA ALA C 41 7.05 6.77 6.61
C ALA C 41 6.12 5.62 6.23
N VAL C 42 6.16 4.53 6.99
CA VAL C 42 5.24 3.41 6.79
C VAL C 42 5.14 2.58 8.07
N HIS C 43 3.91 2.28 8.48
CA HIS C 43 3.62 1.46 9.65
C HIS C 43 2.23 0.84 9.49
N ARG C 44 1.82 -0.06 10.38
CA ARG C 44 0.47 -0.57 10.35
C ARG C 44 -0.45 0.42 11.05
N GLU C 45 -1.77 0.26 10.86
CA GLU C 45 -2.76 1.18 11.40
C GLU C 45 -2.76 1.20 12.93
N GLU C 46 -2.05 0.27 13.58
CA GLU C 46 -1.90 0.32 15.03
C GLU C 46 -0.85 1.36 15.43
N ILE C 47 0.29 1.37 14.74
CA ILE C 47 1.42 2.21 15.13
C ILE C 47 1.24 3.63 14.64
N TYR C 48 0.52 3.81 13.52
CA TYR C 48 0.29 5.13 12.96
C TYR C 48 -0.52 6.00 13.92
N GLN C 49 -1.33 5.38 14.78
CA GLN C 49 -2.17 6.10 15.72
C GLN C 49 -1.36 6.60 16.93
N ARG C 50 -0.20 5.99 17.19
CA ARG C 50 0.70 6.45 18.25
C ARG C 50 1.38 7.73 17.81
N ILE C 51 1.37 7.98 16.50
CA ILE C 51 2.08 9.09 15.90
C ILE C 51 1.12 10.23 15.63
N GLN C 52 -0.04 9.96 15.04
CA GLN C 52 -1.03 10.99 14.76
C GLN C 52 -1.65 11.56 16.03
N ALA C 53 -1.20 11.09 17.21
CA ALA C 53 -1.64 11.64 18.48
C ALA C 53 -1.20 13.10 18.64
N GLY C 54 -0.22 13.55 17.84
CA GLY C 54 0.22 14.94 17.87
C GLY C 54 1.68 15.15 17.47
N LEU C 55 2.31 14.18 16.79
CA LEU C 55 3.74 14.23 16.56
C LEU C 55 4.17 13.39 15.36
N THR C 56 5.47 13.41 15.05
CA THR C 56 6.10 12.59 14.02
C THR C 56 7.56 12.27 14.40
N ALA C 57 7.94 12.60 15.64
CA ALA C 57 9.29 12.33 16.13
C ALA C 57 9.23 12.13 17.64
N PRO C 58 9.73 10.99 18.14
CA PRO C 58 9.85 10.68 19.56
C PRO C 58 10.53 11.77 20.39
N ASP C 59 10.52 11.57 21.71
CA ASP C 59 11.09 12.50 22.68
C ASP C 59 12.59 12.70 22.50
N MET A 1 12.61 -1.25 2.37
CA MET A 1 11.71 -2.40 2.18
C MET A 1 11.10 -2.80 3.51
N LEU A 2 9.79 -3.09 3.52
CA LEU A 2 9.12 -3.56 4.73
C LEU A 2 8.20 -4.72 4.38
N ILE A 3 7.96 -5.60 5.34
CA ILE A 3 7.06 -6.74 5.18
C ILE A 3 6.18 -6.83 6.43
N LEU A 4 4.94 -7.29 6.25
CA LEU A 4 3.96 -7.39 7.32
C LEU A 4 3.09 -8.62 7.07
N THR A 5 2.33 -9.03 8.09
CA THR A 5 1.39 -10.13 7.96
C THR A 5 0.10 -9.76 8.67
N ARG A 6 -0.79 -9.06 7.94
CA ARG A 6 -2.03 -8.50 8.45
C ARG A 6 -3.19 -9.41 8.08
N LYS A 7 -4.37 -9.31 8.71
CA LYS A 7 -5.51 -10.11 8.27
C LYS A 7 -6.70 -9.25 7.87
N VAL A 8 -7.71 -9.91 7.31
CA VAL A 8 -8.85 -9.21 6.72
C VAL A 8 -9.57 -8.35 7.74
N GLY A 9 -9.89 -7.12 7.34
CA GLY A 9 -10.62 -6.17 8.17
C GLY A 9 -9.69 -5.21 8.90
N GLU A 10 -8.37 -5.36 8.71
CA GLU A 10 -7.38 -4.51 9.36
C GLU A 10 -6.80 -3.52 8.36
N SER A 11 -5.85 -2.68 8.80
CA SER A 11 -5.31 -1.61 7.98
C SER A 11 -3.83 -1.37 8.21
N ILE A 12 -3.23 -0.57 7.31
CA ILE A 12 -1.81 -0.20 7.30
C ILE A 12 -1.74 1.25 6.79
N ASN A 13 -0.60 1.93 6.94
CA ASN A 13 -0.49 3.33 6.54
C ASN A 13 0.87 3.64 5.91
N ILE A 14 0.90 4.72 5.11
CA ILE A 14 2.08 5.20 4.42
C ILE A 14 2.07 6.73 4.44
N GLY A 15 3.26 7.35 4.43
CA GLY A 15 3.39 8.79 4.45
C GLY A 15 2.64 9.39 5.64
N ASP A 16 2.02 10.55 5.41
CA ASP A 16 1.17 11.22 6.38
C ASP A 16 -0.17 11.58 5.74
N ASP A 17 -0.43 11.03 4.54
CA ASP A 17 -1.66 11.27 3.79
C ASP A 17 -2.15 10.01 3.08
N ILE A 18 -1.59 8.83 3.39
CA ILE A 18 -2.00 7.61 2.72
C ILE A 18 -2.38 6.52 3.73
N THR A 19 -3.35 5.69 3.36
CA THR A 19 -3.82 4.57 4.17
C THR A 19 -4.09 3.38 3.26
N ILE A 20 -4.04 2.18 3.82
CA ILE A 20 -4.25 0.92 3.11
C ILE A 20 -5.15 0.04 3.96
N THR A 21 -5.98 -0.78 3.31
CA THR A 21 -6.90 -1.67 4.01
C THR A 21 -6.98 -3.01 3.29
N ILE A 22 -7.32 -4.07 4.02
CA ILE A 22 -7.43 -5.41 3.48
C ILE A 22 -8.87 -5.89 3.68
N LEU A 23 -9.74 -5.65 2.70
CA LEU A 23 -11.16 -5.92 2.85
C LEU A 23 -11.44 -7.42 2.98
N GLY A 24 -10.58 -8.28 2.42
CA GLY A 24 -10.77 -9.72 2.54
C GLY A 24 -10.01 -10.53 1.48
N VAL A 25 -10.22 -11.84 1.47
CA VAL A 25 -9.58 -12.72 0.48
C VAL A 25 -10.57 -13.74 -0.07
N SER A 26 -10.22 -14.36 -1.20
CA SER A 26 -10.95 -15.46 -1.80
C SER A 26 -10.01 -16.29 -2.65
N GLY A 27 -9.71 -17.51 -2.21
CA GLY A 27 -8.78 -18.37 -2.95
C GLY A 27 -7.36 -17.82 -2.86
N GLN A 28 -6.91 -17.14 -3.92
CA GLN A 28 -5.63 -16.47 -3.93
C GLN A 28 -5.82 -14.97 -4.10
N GLN A 29 -7.00 -14.54 -4.56
CA GLN A 29 -7.25 -13.12 -4.70
C GLN A 29 -7.38 -12.50 -3.32
N VAL A 30 -6.97 -11.25 -3.22
CA VAL A 30 -6.95 -10.49 -2.00
C VAL A 30 -7.54 -9.11 -2.34
N ARG A 31 -8.68 -8.79 -1.72
CA ARG A 31 -9.35 -7.52 -1.93
C ARG A 31 -8.74 -6.49 -1.00
N ILE A 32 -8.22 -5.42 -1.60
CA ILE A 32 -7.45 -4.40 -0.90
C ILE A 32 -8.06 -3.03 -1.17
N GLY A 33 -7.83 -2.10 -0.25
CA GLY A 33 -8.28 -0.73 -0.40
C GLY A 33 -7.10 0.22 -0.24
N ILE A 34 -7.22 1.39 -0.87
CA ILE A 34 -6.17 2.40 -0.87
C ILE A 34 -6.81 3.77 -0.74
N ASN A 35 -6.20 4.65 0.04
CA ASN A 35 -6.77 5.95 0.30
C ASN A 35 -5.66 7.00 0.31
N ALA A 36 -5.62 7.81 -0.75
CA ALA A 36 -4.65 8.89 -0.89
C ALA A 36 -5.29 10.03 -1.67
N PRO A 37 -4.75 11.25 -1.51
CA PRO A 37 -5.19 12.41 -2.25
C PRO A 37 -4.90 12.26 -3.73
N LYS A 38 -5.61 13.02 -4.58
CA LYS A 38 -5.32 13.06 -6.00
C LYS A 38 -4.00 13.78 -6.26
N ASP A 39 -3.37 14.22 -5.17
CA ASP A 39 -2.05 14.81 -5.15
C ASP A 39 -0.97 13.78 -5.48
N VAL A 40 -1.36 12.49 -5.52
CA VAL A 40 -0.44 11.40 -5.78
C VAL A 40 -1.11 10.38 -6.70
N ALA A 41 -0.34 9.43 -7.23
CA ALA A 41 -0.85 8.45 -8.17
C ALA A 41 -0.97 7.06 -7.52
N VAL A 42 -1.85 6.23 -8.08
CA VAL A 42 -1.99 4.84 -7.65
C VAL A 42 -2.61 4.03 -8.78
N HIS A 43 -1.95 2.93 -9.15
CA HIS A 43 -2.42 2.06 -10.22
C HIS A 43 -1.91 0.64 -10.01
N ARG A 44 -2.37 -0.31 -10.80
CA ARG A 44 -1.85 -1.67 -10.76
C ARG A 44 -0.46 -1.66 -11.37
N GLU A 45 0.34 -2.68 -11.09
CA GLU A 45 1.69 -2.77 -11.63
C GLU A 45 1.62 -2.84 -13.17
N GLU A 46 0.47 -3.27 -13.70
CA GLU A 46 0.22 -3.37 -15.13
C GLU A 46 0.06 -2.00 -15.78
N ILE A 47 -0.54 -1.04 -15.06
CA ILE A 47 -0.80 0.29 -15.59
C ILE A 47 0.40 1.20 -15.28
N TYR A 48 1.13 0.90 -14.20
CA TYR A 48 2.26 1.70 -13.76
C TYR A 48 3.35 1.77 -14.84
N GLN A 49 3.49 0.71 -15.64
CA GLN A 49 4.52 0.64 -16.67
C GLN A 49 4.22 1.61 -17.83
N ARG A 50 2.96 2.02 -17.98
CA ARG A 50 2.57 2.95 -19.04
C ARG A 50 2.96 4.37 -18.67
N ILE A 51 3.20 4.58 -17.37
CA ILE A 51 3.46 5.89 -16.82
C ILE A 51 4.96 6.11 -16.63
N GLN A 52 5.66 5.11 -16.08
CA GLN A 52 7.09 5.23 -15.83
C GLN A 52 7.91 5.17 -17.13
N ALA A 53 7.23 5.08 -18.28
CA ALA A 53 7.89 5.08 -19.58
C ALA A 53 8.59 6.41 -19.87
N GLY A 54 8.29 7.47 -19.12
CA GLY A 54 8.95 8.76 -19.29
C GLY A 54 8.08 9.95 -18.89
N LEU A 55 7.01 9.72 -18.12
CA LEU A 55 6.03 10.75 -17.84
C LEU A 55 5.27 10.46 -16.54
N THR A 56 4.16 11.16 -16.31
CA THR A 56 3.33 10.97 -15.12
C THR A 56 1.84 10.99 -15.49
N ALA A 57 1.52 11.33 -16.74
CA ALA A 57 0.16 11.37 -17.22
C ALA A 57 0.13 11.21 -18.75
N PRO A 58 -0.07 9.98 -19.24
CA PRO A 58 -0.16 9.67 -20.66
C PRO A 58 -1.16 10.53 -21.44
N ASP A 59 -1.11 10.40 -22.76
CA ASP A 59 -1.98 11.14 -23.67
C ASP A 59 -3.44 10.76 -23.47
N MET C 1 -9.83 7.59 -3.06
CA MET C 1 -10.09 6.20 -2.61
C MET C 1 -10.05 5.25 -3.81
N LEU C 2 -9.40 4.09 -3.67
CA LEU C 2 -9.37 3.11 -4.74
C LEU C 2 -9.48 1.70 -4.16
N ILE C 3 -10.29 0.85 -4.80
CA ILE C 3 -10.45 -0.53 -4.39
C ILE C 3 -9.78 -1.42 -5.43
N LEU C 4 -9.05 -2.43 -4.97
CA LEU C 4 -8.23 -3.26 -5.84
C LEU C 4 -8.39 -4.73 -5.49
N THR C 5 -8.06 -5.61 -6.45
CA THR C 5 -7.93 -7.03 -6.17
C THR C 5 -6.65 -7.50 -6.84
N ARG C 6 -5.87 -8.29 -6.09
CA ARG C 6 -4.59 -8.81 -6.54
C ARG C 6 -4.46 -10.23 -5.98
N LYS C 7 -3.57 -11.07 -6.53
CA LYS C 7 -3.34 -12.38 -5.93
C LYS C 7 -1.87 -12.58 -5.61
N VAL C 8 -1.59 -13.61 -4.83
CA VAL C 8 -0.26 -13.82 -4.27
C VAL C 8 0.80 -13.89 -5.36
N GLY C 9 1.84 -13.06 -5.21
CA GLY C 9 2.97 -13.04 -6.13
C GLY C 9 2.94 -11.82 -7.06
N GLU C 10 1.88 -11.02 -7.01
CA GLU C 10 1.75 -9.84 -7.88
C GLU C 10 1.91 -8.55 -7.08
N SER C 11 1.79 -7.39 -7.74
CA SER C 11 2.08 -6.10 -7.12
C SER C 11 1.12 -4.98 -7.55
N ILE C 12 1.21 -3.86 -6.83
CA ILE C 12 0.48 -2.62 -7.05
C ILE C 12 1.47 -1.47 -6.83
N ASN C 13 1.15 -0.24 -7.25
CA ASN C 13 2.08 0.88 -7.15
C ASN C 13 1.40 2.16 -6.69
N ILE C 14 2.19 3.05 -6.09
CA ILE C 14 1.75 4.35 -5.60
C ILE C 14 2.83 5.38 -5.89
N GLY C 15 2.42 6.62 -6.13
CA GLY C 15 3.35 7.71 -6.45
C GLY C 15 4.23 7.31 -7.63
N ASP C 16 5.50 7.69 -7.56
CA ASP C 16 6.51 7.35 -8.57
C ASP C 16 7.73 6.74 -7.88
N ASP C 17 7.60 6.44 -6.58
CA ASP C 17 8.69 5.92 -5.76
C ASP C 17 8.20 4.90 -4.75
N ILE C 18 6.96 4.40 -4.88
CA ILE C 18 6.43 3.42 -3.94
C ILE C 18 5.85 2.22 -4.70
N THR C 19 6.00 1.03 -4.10
CA THR C 19 5.49 -0.22 -4.65
C THR C 19 4.95 -1.07 -3.51
N ILE C 20 4.01 -1.96 -3.84
CA ILE C 20 3.37 -2.86 -2.88
C ILE C 20 3.33 -4.25 -3.49
N THR C 21 3.51 -5.29 -2.67
CA THR C 21 3.50 -6.66 -3.16
C THR C 21 2.75 -7.55 -2.16
N ILE C 22 2.06 -8.57 -2.69
CA ILE C 22 1.30 -9.51 -1.89
C ILE C 22 2.07 -10.83 -1.86
N LEU C 23 2.90 -11.01 -0.81
CA LEU C 23 3.79 -12.15 -0.71
C LEU C 23 3.02 -13.48 -0.57
N GLY C 24 1.80 -13.45 -0.02
CA GLY C 24 0.98 -14.65 0.10
C GLY C 24 -0.11 -14.51 1.16
N VAL C 25 -0.82 -15.61 1.44
CA VAL C 25 -1.88 -15.63 2.45
C VAL C 25 -1.81 -16.90 3.29
N SER C 26 -2.47 -16.88 4.45
CA SER C 26 -2.58 -18.02 5.35
C SER C 26 -3.91 -17.92 6.11
N GLY C 27 -4.98 -18.50 5.55
CA GLY C 27 -6.29 -18.45 6.16
C GLY C 27 -6.91 -17.06 5.99
N GLN C 28 -6.73 -16.19 6.99
CA GLN C 28 -7.16 -14.80 6.90
C GLN C 28 -5.95 -13.90 6.91
N GLN C 29 -4.79 -14.42 7.34
CA GLN C 29 -3.57 -13.63 7.32
C GLN C 29 -3.18 -13.41 5.86
N VAL C 30 -2.53 -12.29 5.61
CA VAL C 30 -2.10 -11.87 4.29
C VAL C 30 -0.72 -11.26 4.46
N ARG C 31 0.29 -11.93 3.92
CA ARG C 31 1.65 -11.47 4.00
C ARG C 31 1.87 -10.45 2.90
N ILE C 32 2.37 -9.27 3.25
CA ILE C 32 2.45 -8.15 2.32
C ILE C 32 3.83 -7.51 2.41
N GLY C 33 4.25 -6.85 1.33
CA GLY C 33 5.51 -6.15 1.27
C GLY C 33 5.30 -4.73 0.77
N ILE C 34 6.20 -3.83 1.16
CA ILE C 34 6.12 -2.41 0.84
C ILE C 34 7.52 -1.92 0.52
N ASN C 35 7.64 -1.04 -0.47
CA ASN C 35 8.94 -0.58 -0.92
C ASN C 35 8.88 0.91 -1.22
N ALA C 36 9.47 1.70 -0.32
CA ALA C 36 9.51 3.15 -0.44
C ALA C 36 10.79 3.68 0.19
N PRO C 37 11.23 4.88 -0.23
CA PRO C 37 12.39 5.55 0.31
C PRO C 37 12.18 5.89 1.78
N LYS C 38 13.27 6.10 2.51
CA LYS C 38 13.21 6.53 3.91
C LYS C 38 12.79 7.99 4.00
N ASP C 39 12.57 8.60 2.83
CA ASP C 39 12.05 9.95 2.70
C ASP C 39 10.56 9.99 3.04
N VAL C 40 9.94 8.83 3.27
CA VAL C 40 8.53 8.73 3.62
C VAL C 40 8.35 7.70 4.74
N ALA C 41 7.16 7.66 5.33
CA ALA C 41 6.91 6.78 6.46
C ALA C 41 6.02 5.60 6.07
N VAL C 42 6.08 4.52 6.85
CA VAL C 42 5.20 3.38 6.67
C VAL C 42 5.13 2.59 7.98
N HIS C 43 3.90 2.34 8.45
CA HIS C 43 3.66 1.60 9.69
C HIS C 43 2.27 0.95 9.62
N ARG C 44 1.92 0.13 10.62
CA ARG C 44 0.57 -0.43 10.66
C ARG C 44 -0.35 0.59 11.33
N GLU C 45 -1.66 0.37 11.23
CA GLU C 45 -2.63 1.36 11.67
C GLU C 45 -2.48 1.70 13.15
N GLU C 46 -1.87 0.81 13.94
CA GLU C 46 -1.66 1.04 15.36
C GLU C 46 -0.57 2.09 15.60
N ILE C 47 0.57 1.95 14.92
CA ILE C 47 1.70 2.84 15.13
C ILE C 47 1.44 4.20 14.49
N TYR C 48 0.58 4.24 13.48
CA TYR C 48 0.28 5.47 12.78
C TYR C 48 -0.35 6.50 13.70
N GLN C 49 -1.11 6.06 14.70
CA GLN C 49 -1.79 6.96 15.63
C GLN C 49 -0.80 7.60 16.61
N ARG C 50 0.36 6.98 16.81
CA ARG C 50 1.40 7.51 17.70
C ARG C 50 2.12 8.65 17.00
N ILE C 51 1.99 8.72 15.68
CA ILE C 51 2.70 9.66 14.86
C ILE C 51 1.80 10.85 14.50
N GLN C 52 0.57 10.58 14.05
CA GLN C 52 -0.35 11.64 13.67
C GLN C 52 -0.82 12.45 14.89
N ALA C 53 -0.29 12.14 16.08
CA ALA C 53 -0.58 12.91 17.28
C ALA C 53 0.02 14.32 17.20
N GLY C 54 0.96 14.56 16.27
CA GLY C 54 1.53 15.90 16.08
C GLY C 54 2.94 15.89 15.49
N LEU C 55 3.39 14.78 14.90
CA LEU C 55 4.79 14.67 14.48
C LEU C 55 5.00 13.62 13.38
N THR C 56 6.26 13.40 13.01
CA THR C 56 6.67 12.36 12.05
C THR C 56 8.02 11.78 12.44
N ALA C 57 8.51 12.11 13.63
CA ALA C 57 9.77 11.59 14.15
C ALA C 57 9.71 11.55 15.67
N PRO C 58 9.88 10.37 16.29
CA PRO C 58 9.92 10.18 17.73
C PRO C 58 10.83 11.15 18.46
N ASP C 59 11.96 11.51 17.85
CA ASP C 59 12.99 12.31 18.48
C ASP C 59 13.97 12.84 17.42
N MET A 1 12.44 -1.02 2.05
CA MET A 1 11.58 -2.22 1.98
C MET A 1 11.11 -2.61 3.38
N LEU A 2 9.84 -3.01 3.51
CA LEU A 2 9.30 -3.49 4.77
C LEU A 2 8.39 -4.67 4.49
N ILE A 3 8.25 -5.58 5.46
CA ILE A 3 7.36 -6.73 5.34
C ILE A 3 6.62 -6.91 6.66
N LEU A 4 5.32 -7.21 6.57
CA LEU A 4 4.48 -7.49 7.73
C LEU A 4 3.20 -8.21 7.29
N THR A 5 2.46 -8.79 8.25
CA THR A 5 1.28 -9.57 7.94
C THR A 5 0.06 -8.90 8.55
N ARG A 6 -1.10 -9.07 7.90
CA ARG A 6 -2.34 -8.39 8.27
C ARG A 6 -3.51 -9.34 8.06
N LYS A 7 -4.60 -9.12 8.80
CA LYS A 7 -5.81 -9.90 8.63
C LYS A 7 -6.91 -9.05 8.01
N VAL A 8 -7.88 -9.73 7.42
CA VAL A 8 -8.95 -9.05 6.72
C VAL A 8 -9.71 -8.12 7.67
N GLY A 9 -10.01 -6.91 7.20
CA GLY A 9 -10.74 -5.92 7.97
C GLY A 9 -9.81 -4.97 8.73
N GLU A 10 -8.49 -5.13 8.60
CA GLU A 10 -7.51 -4.27 9.27
C GLU A 10 -6.84 -3.34 8.25
N SER A 11 -5.90 -2.52 8.71
CA SER A 11 -5.32 -1.49 7.86
C SER A 11 -3.81 -1.32 8.07
N ILE A 12 -3.18 -0.58 7.15
CA ILE A 12 -1.77 -0.24 7.15
C ILE A 12 -1.66 1.20 6.64
N ASN A 13 -0.54 1.88 6.86
CA ASN A 13 -0.42 3.29 6.53
C ASN A 13 0.93 3.61 5.89
N ILE A 14 0.96 4.68 5.09
CA ILE A 14 2.16 5.14 4.39
C ILE A 14 2.16 6.67 4.40
N GLY A 15 3.36 7.27 4.47
CA GLY A 15 3.49 8.71 4.54
C GLY A 15 2.64 9.27 5.67
N ASP A 16 2.03 10.43 5.42
CA ASP A 16 1.11 11.06 6.37
C ASP A 16 -0.21 11.43 5.67
N ASP A 17 -0.40 10.93 4.44
CA ASP A 17 -1.59 11.17 3.64
C ASP A 17 -2.05 9.91 2.91
N ILE A 18 -1.50 8.73 3.22
CA ILE A 18 -1.91 7.50 2.55
C ILE A 18 -2.27 6.42 3.54
N THR A 19 -3.27 5.60 3.19
CA THR A 19 -3.72 4.48 4.00
C THR A 19 -4.07 3.31 3.09
N ILE A 20 -4.03 2.10 3.65
CA ILE A 20 -4.33 0.86 2.95
C ILE A 20 -5.25 0.03 3.83
N THR A 21 -6.19 -0.70 3.22
CA THR A 21 -7.16 -1.49 3.97
C THR A 21 -7.42 -2.80 3.25
N ILE A 22 -7.16 -3.93 3.92
CA ILE A 22 -7.42 -5.25 3.38
C ILE A 22 -8.90 -5.56 3.56
N LEU A 23 -9.67 -5.47 2.46
CA LEU A 23 -11.11 -5.66 2.52
C LEU A 23 -11.48 -7.13 2.76
N GLY A 24 -10.64 -8.05 2.29
CA GLY A 24 -10.85 -9.48 2.50
C GLY A 24 -10.12 -10.35 1.47
N VAL A 25 -10.39 -11.66 1.48
CA VAL A 25 -9.75 -12.59 0.55
C VAL A 25 -10.77 -13.52 -0.08
N SER A 26 -10.37 -14.18 -1.18
CA SER A 26 -11.16 -15.18 -1.86
C SER A 26 -10.22 -16.17 -2.54
N GLY A 27 -9.85 -17.23 -1.82
CA GLY A 27 -8.90 -18.21 -2.34
C GLY A 27 -7.50 -17.62 -2.34
N GLN A 28 -7.01 -17.20 -3.51
CA GLN A 28 -5.72 -16.52 -3.60
C GLN A 28 -5.93 -15.03 -3.84
N GLN A 29 -7.12 -14.66 -4.33
CA GLN A 29 -7.44 -13.27 -4.56
C GLN A 29 -7.51 -12.56 -3.22
N VAL A 30 -7.11 -11.29 -3.22
CA VAL A 30 -7.09 -10.46 -2.04
C VAL A 30 -7.66 -9.10 -2.44
N ARG A 31 -8.81 -8.75 -1.86
CA ARG A 31 -9.50 -7.51 -2.17
C ARG A 31 -8.99 -6.44 -1.24
N ILE A 32 -8.54 -5.31 -1.80
CA ILE A 32 -7.85 -4.29 -1.02
C ILE A 32 -8.33 -2.91 -1.42
N GLY A 33 -8.19 -1.95 -0.49
CA GLY A 33 -8.55 -0.56 -0.74
C GLY A 33 -7.34 0.32 -0.46
N ILE A 34 -7.34 1.50 -1.07
CA ILE A 34 -6.25 2.45 -0.99
C ILE A 34 -6.84 3.85 -0.88
N ASN A 35 -6.21 4.71 -0.09
CA ASN A 35 -6.75 6.02 0.17
C ASN A 35 -5.62 7.05 0.18
N ALA A 36 -5.57 7.86 -0.88
CA ALA A 36 -4.58 8.91 -1.05
C ALA A 36 -5.20 10.07 -1.83
N PRO A 37 -4.64 11.28 -1.68
CA PRO A 37 -5.07 12.45 -2.42
C PRO A 37 -4.80 12.28 -3.91
N LYS A 38 -5.53 13.05 -4.74
CA LYS A 38 -5.32 13.05 -6.18
C LYS A 38 -4.00 13.74 -6.53
N ASP A 39 -3.33 14.29 -5.51
CA ASP A 39 -2.01 14.88 -5.63
C ASP A 39 -0.95 13.81 -5.89
N VAL A 40 -1.34 12.54 -5.83
CA VAL A 40 -0.45 11.41 -6.06
C VAL A 40 -1.16 10.39 -6.94
N ALA A 41 -0.42 9.40 -7.44
CA ALA A 41 -0.98 8.41 -8.34
C ALA A 41 -1.03 7.04 -7.69
N VAL A 42 -1.92 6.18 -8.19
CA VAL A 42 -2.02 4.80 -7.73
C VAL A 42 -2.64 3.93 -8.81
N HIS A 43 -1.99 2.80 -9.13
CA HIS A 43 -2.44 1.87 -10.14
C HIS A 43 -1.88 0.47 -9.86
N ARG A 44 -2.31 -0.55 -10.61
CA ARG A 44 -1.73 -1.87 -10.50
C ARG A 44 -0.36 -1.84 -11.17
N GLU A 45 0.52 -2.79 -10.84
CA GLU A 45 1.86 -2.79 -11.39
C GLU A 45 1.85 -2.83 -12.92
N GLU A 46 0.76 -3.36 -13.50
CA GLU A 46 0.59 -3.44 -14.95
C GLU A 46 0.41 -2.06 -15.57
N ILE A 47 -0.33 -1.16 -14.90
CA ILE A 47 -0.63 0.15 -15.44
C ILE A 47 0.50 1.10 -15.09
N TYR A 48 1.21 0.84 -13.99
CA TYR A 48 2.29 1.68 -13.53
C TYR A 48 3.38 1.84 -14.60
N GLN A 49 3.54 0.82 -15.45
CA GLN A 49 4.54 0.82 -16.50
C GLN A 49 4.19 1.83 -17.60
N ARG A 50 2.91 2.22 -17.70
CA ARG A 50 2.49 3.22 -18.66
C ARG A 50 2.71 4.61 -18.06
N ILE A 51 2.77 4.70 -16.72
CA ILE A 51 3.04 5.94 -16.03
C ILE A 51 4.51 6.29 -16.21
N GLN A 52 5.38 5.37 -15.80
CA GLN A 52 6.83 5.55 -15.77
C GLN A 52 7.43 5.59 -17.17
N ALA A 53 6.59 5.52 -18.21
CA ALA A 53 7.03 5.63 -19.58
C ALA A 53 7.54 7.03 -19.91
N GLY A 54 7.27 8.01 -19.05
CA GLY A 54 7.77 9.38 -19.25
C GLY A 54 6.90 10.44 -18.61
N LEU A 55 5.99 10.06 -17.69
CA LEU A 55 4.99 10.99 -17.16
C LEU A 55 4.46 10.54 -15.81
N THR A 56 3.40 11.20 -15.34
CA THR A 56 2.67 10.82 -14.13
C THR A 56 1.16 11.01 -14.33
N ALA A 57 0.77 11.53 -15.49
CA ALA A 57 -0.63 11.73 -15.82
C ALA A 57 -0.83 11.58 -17.33
N PRO A 58 -1.71 10.66 -17.75
CA PRO A 58 -2.14 10.49 -19.13
C PRO A 58 -2.60 11.79 -19.79
N ASP A 59 -2.92 11.71 -21.09
CA ASP A 59 -3.31 12.85 -21.91
C ASP A 59 -4.49 13.63 -21.31
N MET C 1 -10.11 7.50 -3.02
CA MET C 1 -10.27 6.09 -2.60
C MET C 1 -10.25 5.18 -3.80
N LEU C 2 -9.55 4.05 -3.72
CA LEU C 2 -9.53 3.05 -4.78
C LEU C 2 -9.67 1.67 -4.16
N ILE C 3 -10.17 0.71 -4.94
CA ILE C 3 -10.30 -0.67 -4.52
C ILE C 3 -9.83 -1.55 -5.69
N LEU C 4 -9.22 -2.69 -5.35
CA LEU C 4 -8.67 -3.62 -6.32
C LEU C 4 -8.81 -5.05 -5.81
N THR C 5 -8.62 -6.04 -6.69
CA THR C 5 -8.59 -7.43 -6.28
C THR C 5 -7.48 -8.16 -7.02
N ARG C 6 -6.34 -8.36 -6.37
CA ARG C 6 -5.23 -9.12 -6.95
C ARG C 6 -4.77 -10.21 -5.99
N LYS C 7 -4.00 -11.17 -6.50
CA LYS C 7 -3.67 -12.40 -5.78
C LYS C 7 -2.18 -12.48 -5.48
N VAL C 8 -1.78 -13.52 -4.75
CA VAL C 8 -0.41 -13.65 -4.27
C VAL C 8 0.61 -13.61 -5.40
N GLY C 9 1.75 -12.97 -5.13
CA GLY C 9 2.83 -12.82 -6.08
C GLY C 9 2.67 -11.59 -6.98
N GLU C 10 1.51 -10.93 -6.92
CA GLU C 10 1.24 -9.74 -7.70
C GLU C 10 1.76 -8.49 -6.96
N SER C 11 1.59 -7.30 -7.57
CA SER C 11 2.06 -6.04 -7.02
C SER C 11 1.13 -4.90 -7.41
N ILE C 12 1.27 -3.77 -6.71
CA ILE C 12 0.51 -2.54 -6.91
C ILE C 12 1.47 -1.37 -6.68
N ASN C 13 1.13 -0.15 -7.11
CA ASN C 13 2.04 0.98 -7.00
C ASN C 13 1.34 2.26 -6.56
N ILE C 14 2.12 3.17 -5.96
CA ILE C 14 1.66 4.46 -5.48
C ILE C 14 2.74 5.50 -5.76
N GLY C 15 2.34 6.74 -6.02
CA GLY C 15 3.26 7.82 -6.32
C GLY C 15 4.16 7.45 -7.49
N ASP C 16 5.44 7.82 -7.40
CA ASP C 16 6.45 7.50 -8.39
C ASP C 16 7.68 6.90 -7.69
N ASP C 17 7.54 6.59 -6.40
CA ASP C 17 8.63 6.09 -5.57
C ASP C 17 8.14 5.04 -4.58
N ILE C 18 6.90 4.53 -4.72
CA ILE C 18 6.37 3.53 -3.80
C ILE C 18 5.80 2.34 -4.57
N THR C 19 5.96 1.15 -4.01
CA THR C 19 5.46 -0.08 -4.57
C THR C 19 4.92 -0.96 -3.44
N ILE C 20 3.98 -1.86 -3.77
CA ILE C 20 3.37 -2.77 -2.83
C ILE C 20 3.43 -4.16 -3.44
N THR C 21 3.62 -5.18 -2.61
CA THR C 21 3.72 -6.56 -3.08
C THR C 21 3.03 -7.47 -2.08
N ILE C 22 2.42 -8.55 -2.59
CA ILE C 22 1.75 -9.55 -1.77
C ILE C 22 2.63 -10.80 -1.73
N LEU C 23 3.33 -11.02 -0.61
CA LEU C 23 4.24 -12.16 -0.53
C LEU C 23 3.44 -13.45 -0.45
N GLY C 24 2.20 -13.38 0.03
CA GLY C 24 1.28 -14.52 0.03
C GLY C 24 0.24 -14.43 1.14
N VAL C 25 -0.50 -15.51 1.37
CA VAL C 25 -1.53 -15.53 2.40
C VAL C 25 -1.41 -16.79 3.27
N SER C 26 -2.09 -16.75 4.42
CA SER C 26 -2.17 -17.86 5.36
C SER C 26 -3.52 -17.76 6.07
N GLY C 27 -4.56 -18.31 5.46
CA GLY C 27 -5.90 -18.18 5.99
C GLY C 27 -6.38 -16.74 5.84
N GLN C 28 -6.88 -16.14 6.93
CA GLN C 28 -7.34 -14.76 6.92
C GLN C 28 -6.16 -13.81 6.98
N GLN C 29 -4.97 -14.32 7.30
CA GLN C 29 -3.78 -13.49 7.32
C GLN C 29 -3.25 -13.35 5.90
N VAL C 30 -2.62 -12.21 5.64
CA VAL C 30 -2.12 -11.83 4.34
C VAL C 30 -0.78 -11.15 4.56
N ARG C 31 0.30 -11.72 4.01
CA ARG C 31 1.62 -11.18 4.20
C ARG C 31 1.96 -10.28 3.03
N ILE C 32 2.36 -9.05 3.35
CA ILE C 32 2.50 -7.98 2.38
C ILE C 32 3.86 -7.32 2.54
N GLY C 33 4.36 -6.71 1.47
CA GLY C 33 5.61 -6.00 1.47
C GLY C 33 5.40 -4.61 0.88
N ILE C 34 6.28 -3.68 1.26
CA ILE C 34 6.17 -2.28 0.86
C ILE C 34 7.56 -1.77 0.56
N ASN C 35 7.67 -0.91 -0.45
CA ASN C 35 8.97 -0.46 -0.90
C ASN C 35 8.91 1.04 -1.21
N ALA C 36 9.49 1.84 -0.32
CA ALA C 36 9.55 3.28 -0.43
C ALA C 36 10.83 3.80 0.20
N PRO C 37 11.28 4.99 -0.20
CA PRO C 37 12.44 5.64 0.38
C PRO C 37 12.22 5.94 1.84
N LYS C 38 13.32 6.11 2.60
CA LYS C 38 13.25 6.55 3.99
C LYS C 38 12.78 7.99 4.07
N ASP C 39 12.54 8.57 2.89
CA ASP C 39 11.97 9.89 2.71
C ASP C 39 10.50 9.93 3.15
N VAL C 40 9.92 8.76 3.39
CA VAL C 40 8.52 8.62 3.79
C VAL C 40 8.38 7.56 4.87
N ALA C 41 7.21 7.49 5.50
CA ALA C 41 6.95 6.57 6.58
C ALA C 41 6.06 5.42 6.13
N VAL C 42 6.11 4.29 6.85
CA VAL C 42 5.25 3.14 6.59
C VAL C 42 5.15 2.29 7.85
N HIS C 43 3.92 2.00 8.30
CA HIS C 43 3.69 1.17 9.48
C HIS C 43 2.30 0.57 9.48
N ARG C 44 2.06 -0.37 10.40
CA ARG C 44 0.74 -0.89 10.70
C ARG C 44 -0.07 0.24 11.36
N GLU C 45 -1.39 0.23 11.24
CA GLU C 45 -2.18 1.31 11.81
C GLU C 45 -2.04 1.39 13.33
N GLU C 46 -1.48 0.34 13.95
CA GLU C 46 -1.23 0.30 15.37
C GLU C 46 -0.10 1.26 15.75
N ILE C 47 0.92 1.37 14.89
CA ILE C 47 2.08 2.19 15.18
C ILE C 47 1.85 3.58 14.63
N TYR C 48 0.99 3.70 13.61
CA TYR C 48 0.68 4.96 12.97
C TYR C 48 0.08 5.95 13.97
N GLN C 49 -0.59 5.45 15.00
CA GLN C 49 -1.22 6.27 16.03
C GLN C 49 -0.17 6.94 16.92
N ARG C 50 1.06 6.41 16.94
CA ARG C 50 2.17 7.03 17.66
C ARG C 50 2.84 8.07 16.76
N ILE C 51 2.66 7.95 15.45
CA ILE C 51 3.18 8.91 14.50
C ILE C 51 2.35 10.19 14.59
N GLN C 52 1.04 10.04 14.39
CA GLN C 52 0.09 11.13 14.34
C GLN C 52 -0.12 11.79 15.70
N ALA C 53 0.62 11.33 16.72
CA ALA C 53 0.55 11.92 18.05
C ALA C 53 1.18 13.32 18.08
N GLY C 54 1.91 13.71 17.04
CA GLY C 54 2.48 15.05 16.95
C GLY C 54 3.72 15.14 16.06
N LEU C 55 3.96 14.14 15.21
CA LEU C 55 5.21 14.06 14.45
C LEU C 55 5.04 13.17 13.21
N THR C 56 6.17 12.83 12.57
CA THR C 56 6.19 11.89 11.45
C THR C 56 7.42 10.99 11.51
N ALA C 57 8.31 11.22 12.47
CA ALA C 57 9.50 10.43 12.66
C ALA C 57 9.93 10.47 14.14
N PRO C 58 9.97 9.32 14.82
CA PRO C 58 10.45 9.19 16.18
C PRO C 58 11.82 9.84 16.40
N ASP C 59 12.08 10.22 17.65
CA ASP C 59 13.35 10.79 18.09
C ASP C 59 13.92 11.81 17.10
N MET A 1 12.57 -1.35 2.20
CA MET A 1 11.63 -2.48 2.08
C MET A 1 11.07 -2.86 3.43
N LEU A 2 9.78 -3.19 3.50
CA LEU A 2 9.17 -3.68 4.72
C LEU A 2 8.26 -4.86 4.40
N ILE A 3 8.02 -5.72 5.38
CA ILE A 3 7.08 -6.82 5.27
C ILE A 3 6.22 -6.85 6.53
N LEU A 4 4.95 -7.21 6.36
CA LEU A 4 3.96 -7.24 7.43
C LEU A 4 3.04 -8.43 7.24
N THR A 5 2.27 -8.77 8.28
CA THR A 5 1.24 -9.80 8.17
C THR A 5 -0.04 -9.29 8.80
N ARG A 6 -0.92 -8.76 7.93
CA ARG A 6 -2.20 -8.20 8.29
C ARG A 6 -3.29 -9.25 8.04
N LYS A 7 -4.50 -9.09 8.60
CA LYS A 7 -5.62 -9.97 8.25
C LYS A 7 -6.86 -9.13 7.90
N VAL A 8 -7.88 -9.80 7.36
CA VAL A 8 -9.01 -9.09 6.79
C VAL A 8 -9.70 -8.20 7.80
N GLY A 9 -9.98 -6.96 7.39
CA GLY A 9 -10.67 -5.98 8.22
C GLY A 9 -9.72 -5.03 8.92
N GLU A 10 -8.40 -5.19 8.73
CA GLU A 10 -7.39 -4.34 9.37
C GLU A 10 -6.76 -3.38 8.36
N SER A 11 -5.81 -2.54 8.80
CA SER A 11 -5.26 -1.49 7.95
C SER A 11 -3.77 -1.25 8.18
N ILE A 12 -3.16 -0.47 7.27
CA ILE A 12 -1.75 -0.09 7.27
C ILE A 12 -1.70 1.37 6.82
N ASN A 13 -0.57 2.06 7.00
CA ASN A 13 -0.45 3.47 6.65
C ASN A 13 0.88 3.78 5.98
N ILE A 14 0.89 4.83 5.16
CA ILE A 14 2.07 5.30 4.44
C ILE A 14 2.07 6.83 4.45
N GLY A 15 3.26 7.44 4.48
CA GLY A 15 3.38 8.89 4.52
C GLY A 15 2.58 9.44 5.70
N ASP A 16 1.95 10.59 5.46
CA ASP A 16 1.07 11.22 6.44
C ASP A 16 -0.27 11.58 5.79
N ASP A 17 -0.50 11.08 4.56
CA ASP A 17 -1.73 11.32 3.81
C ASP A 17 -2.20 10.05 3.09
N ILE A 18 -1.63 8.88 3.39
CA ILE A 18 -2.05 7.65 2.72
C ILE A 18 -2.39 6.56 3.74
N THR A 19 -3.37 5.73 3.38
CA THR A 19 -3.81 4.60 4.18
C THR A 19 -4.11 3.42 3.26
N ILE A 20 -4.04 2.21 3.81
CA ILE A 20 -4.27 0.97 3.09
C ILE A 20 -5.16 0.08 3.94
N THR A 21 -6.02 -0.71 3.31
CA THR A 21 -6.94 -1.59 4.04
C THR A 21 -7.09 -2.91 3.29
N ILE A 22 -7.27 -3.99 4.04
CA ILE A 22 -7.47 -5.34 3.50
C ILE A 22 -8.94 -5.70 3.65
N LEU A 23 -9.72 -5.48 2.58
CA LEU A 23 -11.16 -5.62 2.63
C LEU A 23 -11.58 -7.09 2.82
N GLY A 24 -10.75 -8.04 2.39
CA GLY A 24 -11.00 -9.46 2.60
C GLY A 24 -10.29 -10.32 1.56
N VAL A 25 -10.59 -11.62 1.53
CA VAL A 25 -9.99 -12.53 0.55
C VAL A 25 -11.03 -13.43 -0.11
N SER A 26 -10.65 -13.99 -1.27
CA SER A 26 -11.46 -14.91 -2.06
C SER A 26 -10.51 -15.85 -2.79
N GLY A 27 -10.17 -16.98 -2.16
CA GLY A 27 -9.18 -17.88 -2.74
C GLY A 27 -7.81 -17.23 -2.69
N GLN A 28 -7.02 -17.33 -3.76
CA GLN A 28 -5.74 -16.63 -3.80
C GLN A 28 -5.97 -15.15 -3.97
N GLN A 29 -7.16 -14.75 -4.42
CA GLN A 29 -7.46 -13.34 -4.58
C GLN A 29 -7.61 -12.71 -3.21
N VAL A 30 -7.26 -11.43 -3.13
CA VAL A 30 -7.24 -10.65 -1.92
C VAL A 30 -7.77 -9.28 -2.31
N ARG A 31 -8.91 -8.88 -1.74
CA ARG A 31 -9.50 -7.59 -2.05
C ARG A 31 -8.87 -6.55 -1.14
N ILE A 32 -8.28 -5.52 -1.73
CA ILE A 32 -7.50 -4.53 -0.99
C ILE A 32 -7.97 -3.14 -1.39
N GLY A 33 -7.77 -2.15 -0.51
CA GLY A 33 -8.15 -0.78 -0.77
C GLY A 33 -7.00 0.18 -0.46
N ILE A 34 -7.07 1.36 -1.05
CA ILE A 34 -6.05 2.38 -0.95
C ILE A 34 -6.74 3.73 -0.81
N ASN A 35 -6.18 4.61 0.01
CA ASN A 35 -6.79 5.89 0.29
C ASN A 35 -5.73 6.98 0.33
N ALA A 36 -5.70 7.79 -0.72
CA ALA A 36 -4.77 8.89 -0.86
C ALA A 36 -5.43 10.02 -1.65
N PRO A 37 -4.94 11.25 -1.49
CA PRO A 37 -5.41 12.40 -2.24
C PRO A 37 -5.09 12.24 -3.73
N LYS A 38 -5.81 12.96 -4.59
CA LYS A 38 -5.50 13.00 -6.02
C LYS A 38 -4.19 13.74 -6.25
N ASP A 39 -3.60 14.23 -5.15
CA ASP A 39 -2.29 14.85 -5.11
C ASP A 39 -1.19 13.85 -5.44
N VAL A 40 -1.55 12.56 -5.49
CA VAL A 40 -0.60 11.49 -5.76
C VAL A 40 -1.22 10.47 -6.71
N ALA A 41 -0.42 9.55 -7.24
CA ALA A 41 -0.88 8.58 -8.21
C ALA A 41 -0.96 7.18 -7.60
N VAL A 42 -1.82 6.32 -8.15
CA VAL A 42 -1.92 4.93 -7.73
C VAL A 42 -2.52 4.10 -8.86
N HIS A 43 -1.81 3.05 -9.28
CA HIS A 43 -2.26 2.16 -10.34
C HIS A 43 -1.67 0.76 -10.14
N ARG A 44 -2.18 -0.21 -10.89
CA ARG A 44 -1.68 -1.57 -10.87
C ARG A 44 -0.33 -1.60 -11.55
N GLU A 45 0.51 -2.58 -11.21
CA GLU A 45 1.87 -2.63 -11.74
C GLU A 45 1.83 -2.69 -13.28
N GLU A 46 0.72 -3.16 -13.84
CA GLU A 46 0.51 -3.22 -15.28
C GLU A 46 0.40 -1.80 -15.87
N ILE A 47 -0.47 -0.98 -15.27
CA ILE A 47 -0.79 0.34 -15.79
C ILE A 47 0.36 1.31 -15.53
N TYR A 48 1.13 1.05 -14.47
CA TYR A 48 2.22 1.90 -14.05
C TYR A 48 3.30 2.01 -15.13
N GLN A 49 3.45 0.98 -15.96
CA GLN A 49 4.46 0.93 -16.99
C GLN A 49 4.12 1.87 -18.16
N ARG A 50 2.84 2.22 -18.32
CA ARG A 50 2.40 3.15 -19.36
C ARG A 50 2.75 4.58 -18.96
N ILE A 51 2.99 4.78 -17.66
CA ILE A 51 3.18 6.09 -17.09
C ILE A 51 4.67 6.38 -16.91
N GLN A 52 5.42 5.45 -16.33
CA GLN A 52 6.85 5.64 -16.12
C GLN A 52 7.63 5.62 -17.44
N ALA A 53 6.92 5.51 -18.58
CA ALA A 53 7.53 5.60 -19.88
C ALA A 53 8.10 7.01 -20.13
N GLY A 54 7.68 8.00 -19.34
CA GLY A 54 8.23 9.35 -19.46
C GLY A 54 7.25 10.45 -19.05
N LEU A 55 6.19 10.13 -18.30
CA LEU A 55 5.13 11.10 -18.05
C LEU A 55 4.30 10.77 -16.81
N THR A 56 3.30 11.62 -16.52
CA THR A 56 2.31 11.40 -15.48
C THR A 56 0.96 11.98 -15.89
N ALA A 57 0.84 12.42 -17.14
CA ALA A 57 -0.39 12.95 -17.70
C ALA A 57 -0.43 12.65 -19.20
N PRO A 58 -1.50 11.99 -19.67
CA PRO A 58 -1.74 11.73 -21.08
C PRO A 58 -1.64 12.98 -21.98
N ASP A 59 -1.68 12.73 -23.29
CA ASP A 59 -1.54 13.76 -24.31
C ASP A 59 -2.62 14.84 -24.20
N MET C 1 -9.98 7.26 -2.93
CA MET C 1 -10.16 5.85 -2.55
C MET C 1 -10.13 4.97 -3.79
N LEU C 2 -9.43 3.84 -3.72
CA LEU C 2 -9.37 2.86 -4.80
C LEU C 2 -9.43 1.47 -4.19
N ILE C 3 -9.95 0.51 -4.95
CA ILE C 3 -10.07 -0.87 -4.50
C ILE C 3 -9.65 -1.79 -5.64
N LEU C 4 -8.92 -2.85 -5.28
CA LEU C 4 -8.38 -3.84 -6.19
C LEU C 4 -8.71 -5.23 -5.65
N THR C 5 -8.63 -6.25 -6.51
CA THR C 5 -8.76 -7.64 -6.09
C THR C 5 -7.69 -8.44 -6.80
N ARG C 6 -6.51 -8.47 -6.17
CA ARG C 6 -5.29 -9.05 -6.70
C ARG C 6 -5.01 -10.39 -6.03
N LYS C 7 -3.97 -11.10 -6.43
CA LYS C 7 -3.63 -12.37 -5.77
C LYS C 7 -2.15 -12.47 -5.46
N VAL C 8 -1.79 -13.49 -4.70
CA VAL C 8 -0.44 -13.67 -4.19
C VAL C 8 0.59 -13.69 -5.32
N GLY C 9 1.68 -12.94 -5.12
CA GLY C 9 2.78 -12.85 -6.06
C GLY C 9 2.70 -11.61 -6.96
N GLU C 10 1.56 -10.90 -6.97
CA GLU C 10 1.38 -9.72 -7.80
C GLU C 10 1.84 -8.46 -7.08
N SER C 11 1.73 -7.30 -7.75
CA SER C 11 2.19 -6.02 -7.21
C SER C 11 1.31 -4.86 -7.66
N ILE C 12 1.46 -3.72 -6.97
CA ILE C 12 0.77 -2.47 -7.24
C ILE C 12 1.76 -1.31 -7.00
N ASN C 13 1.43 -0.10 -7.43
CA ASN C 13 2.32 1.04 -7.30
C ASN C 13 1.58 2.28 -6.80
N ILE C 14 2.33 3.17 -6.14
CA ILE C 14 1.83 4.45 -5.64
C ILE C 14 2.90 5.52 -5.89
N GLY C 15 2.46 6.75 -6.15
CA GLY C 15 3.36 7.84 -6.46
C GLY C 15 4.27 7.45 -7.61
N ASP C 16 5.55 7.82 -7.52
CA ASP C 16 6.57 7.45 -8.49
C ASP C 16 7.81 6.89 -7.79
N ASP C 17 7.67 6.60 -6.49
CA ASP C 17 8.75 6.06 -5.66
C ASP C 17 8.24 4.99 -4.69
N ILE C 18 7.00 4.50 -4.85
CA ILE C 18 6.47 3.50 -3.92
C ILE C 18 5.92 2.30 -4.70
N THR C 19 6.08 1.11 -4.10
CA THR C 19 5.60 -0.14 -4.67
C THR C 19 5.04 -1.01 -3.55
N ILE C 20 4.10 -1.90 -3.90
CA ILE C 20 3.46 -2.79 -2.96
C ILE C 20 3.44 -4.19 -3.56
N THR C 21 3.59 -5.22 -2.73
CA THR C 21 3.58 -6.61 -3.19
C THR C 21 2.81 -7.49 -2.20
N ILE C 22 2.13 -8.52 -2.71
CA ILE C 22 1.37 -9.45 -1.90
C ILE C 22 2.15 -10.76 -1.80
N LEU C 23 2.88 -10.94 -0.70
CA LEU C 23 3.79 -12.07 -0.56
C LEU C 23 3.03 -13.40 -0.42
N GLY C 24 1.80 -13.37 0.09
CA GLY C 24 0.96 -14.55 0.16
C GLY C 24 -0.12 -14.44 1.24
N VAL C 25 -0.86 -15.54 1.49
CA VAL C 25 -1.90 -15.57 2.50
C VAL C 25 -1.82 -16.85 3.34
N SER C 26 -2.50 -16.83 4.50
CA SER C 26 -2.61 -17.97 5.39
C SER C 26 -3.92 -17.86 6.17
N GLY C 27 -5.01 -18.42 5.62
CA GLY C 27 -6.31 -18.38 6.29
C GLY C 27 -6.94 -17.00 6.16
N GLN C 28 -6.71 -16.13 7.13
CA GLN C 28 -7.14 -14.74 7.08
C GLN C 28 -5.93 -13.83 7.02
N GLN C 29 -4.75 -14.33 7.42
CA GLN C 29 -3.56 -13.53 7.33
C GLN C 29 -3.21 -13.33 5.86
N VAL C 30 -2.63 -12.16 5.58
CA VAL C 30 -2.22 -11.74 4.26
C VAL C 30 -0.86 -11.08 4.47
N ARG C 31 0.20 -11.77 4.05
CA ARG C 31 1.55 -11.26 4.20
C ARG C 31 1.82 -10.31 3.04
N ILE C 32 2.22 -9.08 3.35
CA ILE C 32 2.36 -8.02 2.38
C ILE C 32 3.73 -7.39 2.50
N GLY C 33 4.21 -6.78 1.40
CA GLY C 33 5.49 -6.10 1.38
C GLY C 33 5.32 -4.69 0.82
N ILE C 34 6.22 -3.79 1.21
CA ILE C 34 6.15 -2.38 0.86
C ILE C 34 7.55 -1.88 0.56
N ASN C 35 7.67 -0.98 -0.41
CA ASN C 35 8.96 -0.51 -0.84
C ASN C 35 8.89 0.98 -1.12
N ALA C 36 9.49 1.78 -0.23
CA ALA C 36 9.52 3.23 -0.33
C ALA C 36 10.81 3.76 0.30
N PRO C 37 11.22 4.97 -0.11
CA PRO C 37 12.37 5.65 0.45
C PRO C 37 12.13 6.01 1.92
N LYS C 38 13.21 6.22 2.67
CA LYS C 38 13.10 6.66 4.05
C LYS C 38 12.66 8.12 4.12
N ASP C 39 12.50 8.74 2.95
CA ASP C 39 11.95 10.07 2.81
C ASP C 39 10.45 10.10 3.15
N VAL C 40 9.87 8.93 3.39
CA VAL C 40 8.47 8.77 3.75
C VAL C 40 8.34 7.71 4.83
N ALA C 41 7.15 7.61 5.45
CA ALA C 41 6.95 6.70 6.57
C ALA C 41 6.03 5.56 6.18
N VAL C 42 6.13 4.43 6.88
CA VAL C 42 5.24 3.30 6.69
C VAL C 42 5.20 2.44 7.95
N HIS C 43 3.99 2.17 8.45
CA HIS C 43 3.75 1.36 9.63
C HIS C 43 2.33 0.80 9.57
N ARG C 44 1.97 -0.12 10.48
CA ARG C 44 0.60 -0.61 10.50
C ARG C 44 -0.25 0.39 11.29
N GLU C 45 -1.57 0.26 11.17
CA GLU C 45 -2.50 1.24 11.75
C GLU C 45 -2.29 1.42 13.26
N GLU C 46 -1.74 0.41 13.94
CA GLU C 46 -1.51 0.47 15.37
C GLU C 46 -0.39 1.47 15.69
N ILE C 47 0.73 1.39 14.95
CA ILE C 47 1.91 2.17 15.26
C ILE C 47 1.73 3.61 14.79
N TYR C 48 0.88 3.81 13.78
CA TYR C 48 0.62 5.12 13.22
C TYR C 48 0.05 6.08 14.27
N GLN C 49 -0.69 5.54 15.24
CA GLN C 49 -1.31 6.35 16.28
C GLN C 49 -0.28 6.86 17.28
N ARG C 50 0.87 6.20 17.37
CA ARG C 50 1.97 6.61 18.25
C ARG C 50 2.79 7.71 17.58
N ILE C 51 2.66 7.82 16.26
CA ILE C 51 3.46 8.72 15.45
C ILE C 51 2.69 10.01 15.16
N GLN C 52 1.37 9.90 14.97
CA GLN C 52 0.52 11.07 14.78
C GLN C 52 0.14 11.68 16.13
N ALA C 53 0.67 11.13 17.23
CA ALA C 53 0.41 11.64 18.56
C ALA C 53 0.93 13.06 18.76
N GLY C 54 1.88 13.51 17.94
CA GLY C 54 2.39 14.88 18.04
C GLY C 54 3.86 15.03 17.63
N LEU C 55 4.38 14.18 16.74
CA LEU C 55 5.80 14.22 16.43
C LEU C 55 6.18 13.79 15.02
N THR C 56 5.42 12.89 14.40
CA THR C 56 5.76 12.26 13.13
C THR C 56 7.27 12.07 12.96
N ALA C 57 7.93 11.56 14.01
CA ALA C 57 9.37 11.37 14.03
C ALA C 57 9.73 10.08 14.79
N PRO C 58 9.41 8.91 14.22
CA PRO C 58 9.73 7.61 14.78
C PRO C 58 11.19 7.44 15.21
N ASP C 59 11.45 6.34 15.92
CA ASP C 59 12.75 6.03 16.49
C ASP C 59 13.85 5.86 15.44
N MET A 1 12.33 -1.02 2.23
CA MET A 1 11.41 -2.17 2.09
C MET A 1 10.88 -2.60 3.45
N LEU A 2 9.60 -2.94 3.53
CA LEU A 2 9.00 -3.47 4.75
C LEU A 2 8.07 -4.63 4.40
N ILE A 3 7.92 -5.56 5.34
CA ILE A 3 7.02 -6.70 5.18
C ILE A 3 6.23 -6.84 6.47
N LEU A 4 4.98 -7.29 6.34
CA LEU A 4 4.04 -7.41 7.44
C LEU A 4 3.12 -8.60 7.21
N THR A 5 2.40 -9.00 8.26
CA THR A 5 1.37 -10.03 8.14
C THR A 5 0.11 -9.52 8.80
N ARG A 6 -0.78 -8.96 7.99
CA ARG A 6 -2.04 -8.37 8.43
C ARG A 6 -3.17 -9.33 8.08
N LYS A 7 -4.36 -9.20 8.70
CA LYS A 7 -5.49 -10.03 8.32
C LYS A 7 -6.69 -9.17 7.93
N VAL A 8 -7.69 -9.84 7.34
CA VAL A 8 -8.81 -9.14 6.73
C VAL A 8 -9.53 -8.21 7.71
N GLY A 9 -9.83 -7.00 7.24
CA GLY A 9 -10.56 -6.01 8.02
C GLY A 9 -9.64 -5.03 8.76
N GLU A 10 -8.33 -5.22 8.67
CA GLU A 10 -7.35 -4.36 9.33
C GLU A 10 -6.73 -3.38 8.32
N SER A 11 -5.80 -2.53 8.77
CA SER A 11 -5.25 -1.47 7.92
C SER A 11 -3.76 -1.23 8.18
N ILE A 12 -3.16 -0.45 7.27
CA ILE A 12 -1.74 -0.08 7.27
C ILE A 12 -1.68 1.36 6.75
N ASN A 13 -0.54 2.05 6.92
CA ASN A 13 -0.43 3.46 6.52
C ASN A 13 0.93 3.78 5.91
N ILE A 14 0.97 4.85 5.11
CA ILE A 14 2.18 5.34 4.47
C ILE A 14 2.17 6.87 4.49
N GLY A 15 3.35 7.50 4.54
CA GLY A 15 3.48 8.93 4.57
C GLY A 15 2.65 9.53 5.71
N ASP A 16 2.02 10.67 5.43
CA ASP A 16 1.13 11.35 6.37
C ASP A 16 -0.21 11.68 5.69
N ASP A 17 -0.42 11.13 4.49
CA ASP A 17 -1.65 11.34 3.71
C ASP A 17 -2.11 10.06 3.01
N ILE A 18 -1.53 8.89 3.34
CA ILE A 18 -1.93 7.65 2.66
C ILE A 18 -2.30 6.57 3.67
N THR A 19 -3.27 5.73 3.29
CA THR A 19 -3.74 4.62 4.10
C THR A 19 -4.01 3.43 3.19
N ILE A 20 -3.96 2.22 3.75
CA ILE A 20 -4.16 0.96 3.04
C ILE A 20 -5.06 0.08 3.89
N THR A 21 -5.89 -0.75 3.25
CA THR A 21 -6.79 -1.65 3.96
C THR A 21 -6.89 -2.97 3.22
N ILE A 22 -7.04 -4.06 3.98
CA ILE A 22 -7.19 -5.41 3.45
C ILE A 22 -8.67 -5.81 3.59
N LEU A 23 -9.47 -5.52 2.56
CA LEU A 23 -10.91 -5.70 2.65
C LEU A 23 -11.30 -7.16 2.89
N GLY A 24 -10.50 -8.12 2.40
CA GLY A 24 -10.79 -9.53 2.60
C GLY A 24 -10.07 -10.42 1.58
N VAL A 25 -10.42 -11.71 1.53
CA VAL A 25 -9.85 -12.63 0.56
C VAL A 25 -10.92 -13.51 -0.08
N SER A 26 -10.57 -14.09 -1.23
CA SER A 26 -11.42 -15.00 -1.99
C SER A 26 -10.51 -15.97 -2.73
N GLY A 27 -10.17 -17.10 -2.09
CA GLY A 27 -9.19 -18.01 -2.66
C GLY A 27 -7.83 -17.34 -2.64
N GLN A 28 -7.07 -17.41 -3.74
CA GLN A 28 -5.78 -16.73 -3.81
C GLN A 28 -5.99 -15.24 -3.98
N GLN A 29 -7.18 -14.83 -4.42
CA GLN A 29 -7.47 -13.42 -4.59
C GLN A 29 -7.59 -12.78 -3.22
N VAL A 30 -7.24 -11.49 -3.16
CA VAL A 30 -7.20 -10.70 -1.95
C VAL A 30 -7.76 -9.33 -2.32
N ARG A 31 -8.86 -8.93 -1.68
CA ARG A 31 -9.46 -7.64 -1.95
C ARG A 31 -8.77 -6.60 -1.09
N ILE A 32 -8.32 -5.51 -1.70
CA ILE A 32 -7.50 -4.52 -1.04
C ILE A 32 -8.03 -3.13 -1.34
N GLY A 33 -7.75 -2.17 -0.47
CA GLY A 33 -8.19 -0.79 -0.64
C GLY A 33 -7.02 0.16 -0.38
N ILE A 34 -7.10 1.35 -0.99
CA ILE A 34 -6.06 2.36 -0.92
C ILE A 34 -6.72 3.71 -0.79
N ASN A 35 -6.12 4.60 -0.01
CA ASN A 35 -6.68 5.91 0.24
C ASN A 35 -5.58 6.96 0.25
N ALA A 36 -5.55 7.77 -0.81
CA ALA A 36 -4.60 8.86 -0.96
C ALA A 36 -5.25 9.99 -1.75
N PRO A 37 -4.74 11.22 -1.60
CA PRO A 37 -5.19 12.37 -2.36
C PRO A 37 -4.89 12.19 -3.84
N LYS A 38 -5.61 12.94 -4.69
CA LYS A 38 -5.31 12.98 -6.12
C LYS A 38 -4.01 13.73 -6.36
N ASP A 39 -3.40 14.20 -5.28
CA ASP A 39 -2.10 14.82 -5.26
C ASP A 39 -1.00 13.80 -5.59
N VAL A 40 -1.36 12.52 -5.61
CA VAL A 40 -0.46 11.41 -5.88
C VAL A 40 -1.15 10.38 -6.78
N ALA A 41 -0.39 9.43 -7.31
CA ALA A 41 -0.93 8.45 -8.24
C ALA A 41 -0.97 7.06 -7.62
N VAL A 42 -1.84 6.20 -8.14
CA VAL A 42 -1.93 4.81 -7.71
C VAL A 42 -2.54 3.97 -8.83
N HIS A 43 -1.85 2.88 -9.20
CA HIS A 43 -2.30 1.97 -10.25
C HIS A 43 -1.71 0.58 -10.04
N ARG A 44 -2.15 -0.39 -10.86
CA ARG A 44 -1.59 -1.73 -10.84
C ARG A 44 -0.17 -1.66 -11.41
N GLU A 45 0.68 -2.63 -11.06
CA GLU A 45 2.05 -2.62 -11.57
C GLU A 45 2.06 -2.65 -13.09
N GLU A 46 0.98 -3.14 -13.71
CA GLU A 46 0.84 -3.19 -15.15
C GLU A 46 0.72 -1.79 -15.74
N ILE A 47 -0.17 -0.98 -15.16
CA ILE A 47 -0.48 0.35 -15.69
C ILE A 47 0.63 1.33 -15.36
N TYR A 48 1.37 1.06 -14.28
CA TYR A 48 2.45 1.91 -13.82
C TYR A 48 3.56 2.06 -14.86
N GLN A 49 3.74 1.05 -15.71
CA GLN A 49 4.78 1.04 -16.73
C GLN A 49 4.44 1.99 -17.88
N ARG A 50 3.16 2.33 -18.06
CA ARG A 50 2.73 3.28 -19.08
C ARG A 50 3.05 4.70 -18.63
N ILE A 51 3.25 4.88 -17.32
CA ILE A 51 3.40 6.18 -16.72
C ILE A 51 4.87 6.51 -16.50
N GLN A 52 5.64 5.57 -15.96
CA GLN A 52 7.06 5.79 -15.72
C GLN A 52 7.85 5.86 -17.02
N ALA A 53 7.16 5.76 -18.16
CA ALA A 53 7.77 5.93 -19.47
C ALA A 53 8.26 7.37 -19.68
N GLY A 54 7.80 8.31 -18.86
CA GLY A 54 8.28 9.70 -18.94
C GLY A 54 7.25 10.75 -18.51
N LEU A 55 6.22 10.36 -17.75
CA LEU A 55 5.12 11.28 -17.48
C LEU A 55 4.31 10.87 -16.23
N THR A 56 3.23 11.61 -15.97
CA THR A 56 2.27 11.33 -14.90
C THR A 56 0.86 11.71 -15.32
N ALA A 57 0.65 11.92 -16.63
CA ALA A 57 -0.66 12.21 -17.18
C ALA A 57 -0.77 11.61 -18.58
N PRO A 58 -1.79 10.78 -18.84
CA PRO A 58 -2.07 10.18 -20.13
C PRO A 58 -1.99 11.15 -21.30
N ASP A 59 -2.33 12.42 -21.06
CA ASP A 59 -2.38 13.41 -22.12
C ASP A 59 -2.41 14.81 -21.52
N MET C 1 -10.02 7.35 -3.00
CA MET C 1 -10.17 5.95 -2.55
C MET C 1 -10.13 5.01 -3.75
N LEU C 2 -9.42 3.89 -3.64
CA LEU C 2 -9.40 2.87 -4.67
C LEU C 2 -9.50 1.50 -4.04
N ILE C 3 -10.04 0.53 -4.78
CA ILE C 3 -10.17 -0.85 -4.35
C ILE C 3 -9.80 -1.77 -5.51
N LEU C 4 -9.19 -2.92 -5.18
CA LEU C 4 -8.71 -3.87 -6.17
C LEU C 4 -8.87 -5.29 -5.63
N THR C 5 -8.72 -6.29 -6.49
CA THR C 5 -8.75 -7.68 -6.07
C THR C 5 -7.64 -8.44 -6.79
N ARG C 6 -6.46 -8.48 -6.16
CA ARG C 6 -5.24 -9.06 -6.69
C ARG C 6 -4.98 -10.41 -6.02
N LYS C 7 -4.07 -11.22 -6.56
CA LYS C 7 -3.74 -12.48 -5.90
C LYS C 7 -2.24 -12.60 -5.64
N VAL C 8 -1.88 -13.63 -4.88
CA VAL C 8 -0.52 -13.76 -4.37
C VAL C 8 0.52 -13.76 -5.48
N GLY C 9 1.57 -12.96 -5.28
CA GLY C 9 2.69 -12.85 -6.21
C GLY C 9 2.62 -11.57 -7.05
N GLU C 10 1.46 -10.89 -7.07
CA GLU C 10 1.29 -9.67 -7.86
C GLU C 10 1.73 -8.44 -7.07
N SER C 11 1.66 -7.27 -7.71
CA SER C 11 2.11 -6.01 -7.14
C SER C 11 1.23 -4.84 -7.59
N ILE C 12 1.35 -3.72 -6.87
CA ILE C 12 0.60 -2.49 -7.09
C ILE C 12 1.57 -1.33 -6.83
N ASN C 13 1.22 -0.09 -7.23
CA ASN C 13 2.14 1.04 -7.10
C ASN C 13 1.43 2.30 -6.61
N ILE C 14 2.22 3.18 -5.98
CA ILE C 14 1.75 4.46 -5.46
C ILE C 14 2.83 5.51 -5.71
N GLY C 15 2.41 6.76 -5.93
CA GLY C 15 3.33 7.85 -6.21
C GLY C 15 4.24 7.51 -7.39
N ASP C 16 5.51 7.89 -7.27
CA ASP C 16 6.54 7.60 -8.27
C ASP C 16 7.75 7.00 -7.59
N ASP C 17 7.62 6.65 -6.30
CA ASP C 17 8.71 6.09 -5.51
C ASP C 17 8.21 5.00 -4.56
N ILE C 18 6.97 4.52 -4.71
CA ILE C 18 6.44 3.49 -3.83
C ILE C 18 5.87 2.33 -4.63
N THR C 19 5.97 1.12 -4.07
CA THR C 19 5.44 -0.10 -4.66
C THR C 19 4.87 -0.96 -3.52
N ILE C 20 3.95 -1.85 -3.86
CA ILE C 20 3.29 -2.74 -2.91
C ILE C 20 3.27 -4.14 -3.51
N THR C 21 3.34 -5.16 -2.66
CA THR C 21 3.36 -6.54 -3.12
C THR C 21 2.59 -7.43 -2.16
N ILE C 22 1.91 -8.45 -2.71
CA ILE C 22 1.17 -9.43 -1.93
C ILE C 22 1.96 -10.73 -1.94
N LEU C 23 2.76 -10.96 -0.89
CA LEU C 23 3.67 -12.10 -0.88
C LEU C 23 2.92 -13.43 -0.77
N GLY C 24 1.73 -13.42 -0.15
CA GLY C 24 0.92 -14.63 -0.05
C GLY C 24 -0.13 -14.54 1.07
N VAL C 25 -0.83 -15.65 1.34
CA VAL C 25 -1.85 -15.70 2.37
C VAL C 25 -1.71 -16.94 3.24
N SER C 26 -2.31 -16.90 4.43
CA SER C 26 -2.37 -18.01 5.39
C SER C 26 -3.65 -17.89 6.19
N GLY C 27 -4.73 -18.51 5.69
CA GLY C 27 -6.03 -18.44 6.35
C GLY C 27 -6.64 -17.05 6.17
N GLN C 28 -6.58 -16.22 7.23
CA GLN C 28 -7.01 -14.83 7.12
C GLN C 28 -5.80 -13.91 7.12
N GLN C 29 -4.66 -14.42 7.59
CA GLN C 29 -3.44 -13.64 7.56
C GLN C 29 -3.01 -13.50 6.11
N VAL C 30 -2.40 -12.35 5.80
CA VAL C 30 -1.95 -12.02 4.48
C VAL C 30 -0.57 -11.42 4.61
N ARG C 31 0.43 -12.07 4.01
CA ARG C 31 1.80 -11.57 4.00
C ARG C 31 1.88 -10.50 2.93
N ILE C 32 2.18 -9.27 3.33
CA ILE C 32 2.21 -8.13 2.44
C ILE C 32 3.56 -7.45 2.53
N GLY C 33 3.98 -6.78 1.46
CA GLY C 33 5.23 -6.05 1.42
C GLY C 33 5.01 -4.65 0.88
N ILE C 34 5.91 -3.74 1.24
CA ILE C 34 5.84 -2.34 0.87
C ILE C 34 7.25 -1.88 0.56
N ASN C 35 7.40 -1.07 -0.49
CA ASN C 35 8.71 -0.69 -0.97
C ASN C 35 8.74 0.81 -1.25
N ALA C 36 9.26 1.56 -0.28
CA ALA C 36 9.45 2.99 -0.36
C ALA C 36 10.74 3.35 0.35
N PRO C 37 11.37 4.47 -0.05
CA PRO C 37 12.56 4.95 0.59
C PRO C 37 12.27 5.29 2.05
N LYS C 38 13.28 5.20 2.92
CA LYS C 38 13.13 5.57 4.32
C LYS C 38 12.85 7.06 4.48
N ASP C 39 12.93 7.77 3.35
CA ASP C 39 12.59 9.17 3.22
C ASP C 39 11.11 9.44 3.46
N VAL C 40 10.30 8.38 3.58
CA VAL C 40 8.87 8.47 3.85
C VAL C 40 8.53 7.46 4.94
N ALA C 41 7.33 7.55 5.52
CA ALA C 41 6.98 6.70 6.64
C ALA C 41 6.04 5.58 6.22
N VAL C 42 6.07 4.47 6.95
CA VAL C 42 5.14 3.36 6.75
C VAL C 42 5.09 2.51 8.01
N HIS C 43 3.87 2.24 8.50
CA HIS C 43 3.64 1.44 9.69
C HIS C 43 2.25 0.82 9.64
N ARG C 44 1.92 -0.06 10.59
CA ARG C 44 0.56 -0.58 10.68
C ARG C 44 -0.32 0.49 11.30
N GLU C 45 -1.65 0.31 11.22
CA GLU C 45 -2.57 1.32 11.68
C GLU C 45 -2.38 1.64 13.17
N GLU C 46 -1.84 0.70 13.95
CA GLU C 46 -1.62 0.90 15.38
C GLU C 46 -0.56 1.97 15.61
N ILE C 47 0.60 1.80 14.98
CA ILE C 47 1.74 2.67 15.21
C ILE C 47 1.52 4.03 14.58
N TYR C 48 0.77 4.08 13.48
CA TYR C 48 0.52 5.31 12.74
C TYR C 48 -0.09 6.40 13.61
N GLN C 49 -0.82 6.00 14.66
CA GLN C 49 -1.51 6.92 15.55
C GLN C 49 -0.53 7.81 16.32
N ARG C 50 0.77 7.48 16.31
CA ARG C 50 1.80 8.32 16.88
C ARG C 50 2.29 9.33 15.86
N ILE C 51 2.48 8.88 14.62
CA ILE C 51 3.16 9.61 13.55
C ILE C 51 2.54 10.98 13.25
N GLN C 52 1.30 11.01 12.79
CA GLN C 52 0.61 12.23 12.39
C GLN C 52 0.25 13.11 13.59
N ALA C 53 0.59 12.71 14.82
CA ALA C 53 0.29 13.51 15.99
C ALA C 53 1.15 14.77 16.04
N GLY C 54 2.25 14.81 15.28
CA GLY C 54 3.11 15.99 15.21
C GLY C 54 4.59 15.66 15.26
N LEU C 55 5.01 14.48 14.81
CA LEU C 55 6.39 14.06 14.98
C LEU C 55 6.93 13.18 13.86
N THR C 56 6.09 12.39 13.21
CA THR C 56 6.49 11.40 12.22
C THR C 56 7.73 10.59 12.63
N ALA C 57 8.01 10.51 13.94
CA ALA C 57 9.14 9.77 14.47
C ALA C 57 8.86 9.38 15.93
N PRO C 58 8.34 8.18 16.18
CA PRO C 58 8.07 7.67 17.51
C PRO C 58 9.24 7.81 18.48
N ASP C 59 8.91 7.92 19.78
CA ASP C 59 9.83 7.87 20.90
C ASP C 59 10.87 9.00 20.97
N MET A 1 12.22 -0.88 2.29
CA MET A 1 11.34 -2.04 2.12
C MET A 1 10.82 -2.53 3.46
N LEU A 2 9.55 -2.93 3.53
CA LEU A 2 8.97 -3.49 4.74
C LEU A 2 8.05 -4.65 4.39
N ILE A 3 7.91 -5.61 5.31
CA ILE A 3 7.00 -6.74 5.14
C ILE A 3 6.18 -6.88 6.43
N LEU A 4 4.92 -7.29 6.29
CA LEU A 4 3.97 -7.35 7.40
C LEU A 4 3.00 -8.51 7.21
N THR A 5 2.27 -8.87 8.26
CA THR A 5 1.22 -9.88 8.14
C THR A 5 -0.06 -9.36 8.80
N ARG A 6 -0.94 -8.81 7.96
CA ARG A 6 -2.22 -8.23 8.32
C ARG A 6 -3.33 -9.25 8.05
N LYS A 7 -4.53 -9.09 8.60
CA LYS A 7 -5.67 -9.94 8.20
C LYS A 7 -6.86 -9.09 7.81
N VAL A 8 -7.87 -9.73 7.22
CA VAL A 8 -8.97 -9.03 6.61
C VAL A 8 -9.70 -8.12 7.60
N GLY A 9 -9.96 -6.88 7.16
CA GLY A 9 -10.67 -5.90 7.95
C GLY A 9 -9.74 -4.95 8.70
N GLU A 10 -8.42 -5.14 8.57
CA GLU A 10 -7.43 -4.31 9.24
C GLU A 10 -6.76 -3.36 8.23
N SER A 11 -5.83 -2.52 8.69
CA SER A 11 -5.25 -1.47 7.86
C SER A 11 -3.76 -1.25 8.13
N ILE A 12 -3.13 -0.46 7.24
CA ILE A 12 -1.72 -0.10 7.26
C ILE A 12 -1.63 1.35 6.77
N ASN A 13 -0.50 2.04 6.97
CA ASN A 13 -0.39 3.45 6.60
C ASN A 13 0.96 3.77 5.97
N ILE A 14 0.99 4.84 5.17
CA ILE A 14 2.20 5.34 4.52
C ILE A 14 2.18 6.88 4.55
N GLY A 15 3.37 7.49 4.63
CA GLY A 15 3.50 8.94 4.71
C GLY A 15 2.64 9.49 5.84
N ASP A 16 1.98 10.61 5.58
CA ASP A 16 1.07 11.24 6.53
C ASP A 16 -0.27 11.55 5.85
N ASP A 17 -0.47 11.03 4.63
CA ASP A 17 -1.67 11.28 3.83
C ASP A 17 -2.12 10.03 3.08
N ILE A 18 -1.55 8.85 3.39
CA ILE A 18 -1.93 7.62 2.70
C ILE A 18 -2.26 6.53 3.71
N THR A 19 -3.24 5.68 3.35
CA THR A 19 -3.68 4.56 4.16
C THR A 19 -3.97 3.38 3.23
N ILE A 20 -3.91 2.17 3.76
CA ILE A 20 -4.13 0.93 3.03
C ILE A 20 -5.04 0.06 3.87
N THR A 21 -5.87 -0.77 3.22
CA THR A 21 -6.81 -1.64 3.92
C THR A 21 -6.93 -2.97 3.16
N ILE A 22 -7.15 -4.05 3.90
CA ILE A 22 -7.33 -5.39 3.35
C ILE A 22 -8.80 -5.76 3.49
N LEU A 23 -9.59 -5.48 2.44
CA LEU A 23 -11.03 -5.65 2.51
C LEU A 23 -11.43 -7.11 2.66
N GLY A 24 -10.59 -8.05 2.21
CA GLY A 24 -10.85 -9.47 2.39
C GLY A 24 -10.08 -10.36 1.40
N VAL A 25 -10.37 -11.66 1.41
CA VAL A 25 -9.73 -12.61 0.51
C VAL A 25 -10.74 -13.60 -0.06
N SER A 26 -10.37 -14.27 -1.16
CA SER A 26 -11.18 -15.31 -1.79
C SER A 26 -10.25 -16.30 -2.47
N GLY A 27 -9.82 -17.34 -1.74
CA GLY A 27 -8.89 -18.31 -2.27
C GLY A 27 -7.48 -17.73 -2.31
N GLN A 28 -7.02 -17.31 -3.49
CA GLN A 28 -5.74 -16.63 -3.62
C GLN A 28 -5.97 -15.16 -3.87
N GLN A 29 -7.20 -14.78 -4.23
CA GLN A 29 -7.52 -13.39 -4.45
C GLN A 29 -7.50 -12.67 -3.11
N VAL A 30 -7.12 -11.41 -3.14
CA VAL A 30 -6.97 -10.56 -1.97
C VAL A 30 -7.48 -9.19 -2.38
N ARG A 31 -8.63 -8.81 -1.83
CA ARG A 31 -9.25 -7.52 -2.14
C ARG A 31 -8.63 -6.48 -1.22
N ILE A 32 -8.09 -5.42 -1.82
CA ILE A 32 -7.32 -4.43 -1.09
C ILE A 32 -7.86 -3.04 -1.43
N GLY A 33 -7.65 -2.09 -0.52
CA GLY A 33 -8.07 -0.71 -0.72
C GLY A 33 -6.90 0.23 -0.48
N ILE A 34 -6.97 1.42 -1.08
CA ILE A 34 -5.91 2.41 -1.01
C ILE A 34 -6.55 3.78 -0.87
N ASN A 35 -6.07 4.56 0.08
CA ASN A 35 -6.68 5.83 0.41
C ASN A 35 -5.64 6.92 0.45
N ALA A 36 -5.56 7.67 -0.64
CA ALA A 36 -4.65 8.80 -0.79
C ALA A 36 -5.37 9.90 -1.57
N PRO A 37 -4.96 11.15 -1.38
CA PRO A 37 -5.54 12.27 -2.09
C PRO A 37 -5.35 12.09 -3.59
N LYS A 38 -6.23 12.70 -4.37
CA LYS A 38 -6.12 12.68 -5.83
C LYS A 38 -4.83 13.41 -6.26
N ASP A 39 -4.11 13.94 -5.28
CA ASP A 39 -2.85 14.64 -5.40
C ASP A 39 -1.70 13.72 -5.77
N VAL A 40 -1.90 12.40 -5.66
CA VAL A 40 -0.86 11.41 -5.94
C VAL A 40 -1.40 10.33 -6.87
N ALA A 41 -0.50 9.52 -7.42
CA ALA A 41 -0.89 8.48 -8.37
C ALA A 41 -0.96 7.12 -7.68
N VAL A 42 -1.83 6.25 -8.19
CA VAL A 42 -1.93 4.87 -7.73
C VAL A 42 -2.54 4.01 -8.84
N HIS A 43 -1.88 2.89 -9.17
CA HIS A 43 -2.34 1.98 -10.21
C HIS A 43 -1.81 0.58 -9.94
N ARG A 44 -2.25 -0.41 -10.73
CA ARG A 44 -1.73 -1.76 -10.64
C ARG A 44 -0.34 -1.76 -11.29
N GLU A 45 0.46 -2.78 -11.02
CA GLU A 45 1.80 -2.85 -11.60
C GLU A 45 1.72 -2.88 -13.12
N GLU A 46 0.58 -3.33 -13.66
CA GLU A 46 0.38 -3.41 -15.10
C GLU A 46 0.23 -2.02 -15.72
N ILE A 47 -0.39 -1.09 -15.01
CA ILE A 47 -0.66 0.25 -15.52
C ILE A 47 0.50 1.18 -15.18
N TYR A 48 1.17 0.92 -14.06
CA TYR A 48 2.25 1.78 -13.59
C TYR A 48 3.35 1.94 -14.65
N GLN A 49 3.51 0.94 -15.51
CA GLN A 49 4.53 0.92 -16.55
C GLN A 49 4.34 2.03 -17.58
N ARG A 50 3.18 2.70 -17.58
CA ARG A 50 2.97 3.87 -18.42
C ARG A 50 3.45 5.14 -17.73
N ILE A 51 3.22 5.23 -16.42
CA ILE A 51 3.39 6.47 -15.65
C ILE A 51 4.84 6.95 -15.61
N GLN A 52 5.74 6.18 -15.01
CA GLN A 52 7.13 6.58 -14.84
C GLN A 52 7.87 6.71 -16.17
N ALA A 53 7.21 6.42 -17.29
CA ALA A 53 7.80 6.61 -18.60
C ALA A 53 7.96 8.10 -18.92
N GLY A 54 7.28 8.96 -18.15
CA GLY A 54 7.39 10.41 -18.28
C GLY A 54 6.04 11.11 -18.30
N LEU A 55 4.99 10.48 -17.77
CA LEU A 55 3.63 10.97 -17.92
C LEU A 55 2.70 10.52 -16.80
N THR A 56 1.43 10.94 -16.87
CA THR A 56 0.39 10.53 -15.94
C THR A 56 -0.96 10.42 -16.66
N ALA A 57 -0.97 10.64 -17.98
CA ALA A 57 -2.16 10.61 -18.80
C ALA A 57 -1.80 10.26 -20.24
N PRO A 58 -1.57 8.97 -20.54
CA PRO A 58 -1.19 8.48 -21.86
C PRO A 58 -2.04 9.03 -23.00
N ASP A 59 -3.35 9.21 -22.75
CA ASP A 59 -4.28 9.65 -23.76
C ASP A 59 -5.59 10.06 -23.09
N MET C 1 -9.84 7.49 -3.10
CA MET C 1 -9.97 6.09 -2.66
C MET C 1 -9.96 5.15 -3.86
N LEU C 2 -9.32 3.99 -3.73
CA LEU C 2 -9.33 2.98 -4.76
C LEU C 2 -9.45 1.60 -4.11
N ILE C 3 -9.95 0.62 -4.87
CA ILE C 3 -10.06 -0.76 -4.43
C ILE C 3 -9.63 -1.65 -5.59
N LEU C 4 -9.03 -2.80 -5.27
CA LEU C 4 -8.49 -3.73 -6.25
C LEU C 4 -8.67 -5.16 -5.76
N THR C 5 -8.51 -6.13 -6.66
CA THR C 5 -8.52 -7.54 -6.27
C THR C 5 -7.40 -8.27 -7.01
N ARG C 6 -6.26 -8.42 -6.32
CA ARG C 6 -5.08 -9.11 -6.84
C ARG C 6 -4.97 -10.48 -6.20
N LYS C 7 -3.96 -11.26 -6.58
CA LYS C 7 -3.69 -12.52 -5.91
C LYS C 7 -2.24 -12.61 -5.48
N VAL C 8 -1.91 -13.66 -4.72
CA VAL C 8 -0.59 -13.79 -4.13
C VAL C 8 0.51 -13.78 -5.17
N GLY C 9 1.52 -12.94 -4.92
CA GLY C 9 2.72 -12.86 -5.75
C GLY C 9 2.67 -11.66 -6.71
N GLU C 10 1.53 -10.97 -6.78
CA GLU C 10 1.37 -9.83 -7.68
C GLU C 10 1.73 -8.53 -6.96
N SER C 11 1.63 -7.40 -7.66
CA SER C 11 2.08 -6.12 -7.14
C SER C 11 1.17 -4.96 -7.53
N ILE C 12 1.35 -3.82 -6.87
CA ILE C 12 0.59 -2.58 -7.05
C ILE C 12 1.57 -1.42 -6.84
N ASN C 13 1.21 -0.18 -7.22
CA ASN C 13 2.12 0.95 -7.12
C ASN C 13 1.43 2.24 -6.67
N ILE C 14 2.20 3.15 -6.08
CA ILE C 14 1.73 4.45 -5.61
C ILE C 14 2.82 5.50 -5.87
N GLY C 15 2.42 6.74 -6.11
CA GLY C 15 3.33 7.84 -6.37
C GLY C 15 4.27 7.50 -7.52
N ASP C 16 5.53 7.91 -7.39
CA ASP C 16 6.58 7.62 -8.37
C ASP C 16 7.80 7.04 -7.66
N ASP C 17 7.65 6.69 -6.38
CA ASP C 17 8.73 6.16 -5.57
C ASP C 17 8.23 5.06 -4.62
N ILE C 18 6.99 4.59 -4.79
CA ILE C 18 6.45 3.54 -3.92
C ILE C 18 5.88 2.39 -4.73
N THR C 19 6.04 1.19 -4.19
CA THR C 19 5.52 -0.05 -4.77
C THR C 19 4.97 -0.91 -3.63
N ILE C 20 4.06 -1.81 -3.96
CA ILE C 20 3.40 -2.68 -3.01
C ILE C 20 3.38 -4.09 -3.57
N THR C 21 3.44 -5.10 -2.70
CA THR C 21 3.47 -6.49 -3.11
C THR C 21 2.65 -7.31 -2.13
N ILE C 22 2.12 -8.44 -2.58
CA ILE C 22 1.32 -9.32 -1.75
C ILE C 22 2.00 -10.70 -1.75
N LEU C 23 2.84 -10.96 -0.73
CA LEU C 23 3.70 -12.14 -0.76
C LEU C 23 2.92 -13.45 -0.67
N GLY C 24 1.76 -13.46 0.00
CA GLY C 24 0.94 -14.66 0.12
C GLY C 24 -0.08 -14.56 1.24
N VAL C 25 -0.77 -15.68 1.53
CA VAL C 25 -1.77 -15.72 2.61
C VAL C 25 -1.59 -16.95 3.49
N SER C 26 -2.19 -16.89 4.69
CA SER C 26 -2.23 -17.98 5.64
C SER C 26 -3.52 -17.83 6.45
N GLY C 27 -4.61 -18.44 5.98
CA GLY C 27 -5.89 -18.27 6.62
C GLY C 27 -6.41 -16.87 6.34
N GLN C 28 -6.77 -16.12 7.38
CA GLN C 28 -7.23 -14.75 7.20
C GLN C 28 -6.01 -13.82 7.12
N GLN C 29 -4.86 -14.31 7.57
CA GLN C 29 -3.65 -13.52 7.51
C GLN C 29 -3.22 -13.41 6.06
N VAL C 30 -2.63 -12.27 5.72
CA VAL C 30 -2.17 -11.95 4.39
C VAL C 30 -0.81 -11.30 4.58
N ARG C 31 0.25 -11.94 4.06
CA ARG C 31 1.58 -11.37 4.17
C ARG C 31 1.77 -10.41 3.00
N ILE C 32 2.13 -9.19 3.33
CA ILE C 32 2.17 -8.10 2.37
C ILE C 32 3.55 -7.44 2.44
N GLY C 33 3.97 -6.81 1.35
CA GLY C 33 5.23 -6.10 1.30
C GLY C 33 5.02 -4.69 0.79
N ILE C 34 5.92 -3.79 1.17
CA ILE C 34 5.85 -2.39 0.84
C ILE C 34 7.25 -1.92 0.52
N ASN C 35 7.39 -1.10 -0.52
CA ASN C 35 8.69 -0.70 -1.00
C ASN C 35 8.70 0.81 -1.27
N ALA C 36 9.24 1.54 -0.31
CA ALA C 36 9.41 2.98 -0.39
C ALA C 36 10.72 3.34 0.31
N PRO C 37 11.34 4.45 -0.09
CA PRO C 37 12.55 4.94 0.55
C PRO C 37 12.27 5.28 2.01
N LYS C 38 13.30 5.21 2.85
CA LYS C 38 13.19 5.58 4.25
C LYS C 38 12.88 7.07 4.40
N ASP C 39 12.94 7.77 3.27
CA ASP C 39 12.60 9.17 3.12
C ASP C 39 11.11 9.43 3.39
N VAL C 40 10.31 8.37 3.52
CA VAL C 40 8.89 8.48 3.81
C VAL C 40 8.54 7.48 4.91
N ALA C 41 7.34 7.60 5.49
CA ALA C 41 6.97 6.74 6.61
C ALA C 41 6.06 5.59 6.17
N VAL C 42 6.09 4.49 6.91
CA VAL C 42 5.16 3.37 6.73
C VAL C 42 5.13 2.54 8.00
N HIS C 43 3.92 2.26 8.51
CA HIS C 43 3.73 1.47 9.71
C HIS C 43 2.34 0.84 9.70
N ARG C 44 2.07 -0.06 10.65
CA ARG C 44 0.75 -0.64 10.80
C ARG C 44 -0.18 0.43 11.37
N GLU C 45 -1.50 0.24 11.24
CA GLU C 45 -2.45 1.24 11.73
C GLU C 45 -2.29 1.43 13.24
N GLU C 46 -1.75 0.41 13.93
CA GLU C 46 -1.52 0.49 15.36
C GLU C 46 -0.41 1.49 15.69
N ILE C 47 0.71 1.41 14.96
CA ILE C 47 1.87 2.23 15.25
C ILE C 47 1.67 3.65 14.74
N TYR C 48 0.81 3.80 13.73
CA TYR C 48 0.53 5.10 13.13
C TYR C 48 -0.10 6.07 14.14
N GLN C 49 -0.83 5.54 15.12
CA GLN C 49 -1.49 6.36 16.12
C GLN C 49 -0.50 6.95 17.12
N ARG C 50 0.68 6.33 17.26
CA ARG C 50 1.73 6.83 18.16
C ARG C 50 2.41 8.03 17.51
N ILE C 51 2.26 8.16 16.20
CA ILE C 51 2.97 9.15 15.42
C ILE C 51 2.08 10.35 15.13
N GLN C 52 0.84 10.11 14.71
CA GLN C 52 -0.09 11.19 14.42
C GLN C 52 -0.54 11.92 15.69
N ALA C 53 0.00 11.52 16.84
CA ALA C 53 -0.25 12.22 18.09
C ALA C 53 0.33 13.64 18.07
N GLY C 54 1.24 13.94 17.13
CA GLY C 54 1.78 15.29 16.99
C GLY C 54 3.21 15.33 16.45
N LEU C 55 3.70 14.26 15.81
CA LEU C 55 5.10 14.17 15.47
C LEU C 55 5.37 13.19 14.32
N THR C 56 6.65 13.00 14.00
CA THR C 56 7.14 12.00 13.05
C THR C 56 8.48 11.43 13.51
N ALA C 57 8.90 11.78 14.74
CA ALA C 57 10.12 11.28 15.34
C ALA C 57 9.94 11.26 16.86
N PRO C 58 10.10 10.10 17.50
CA PRO C 58 10.05 9.94 18.95
C PRO C 58 10.93 10.91 19.74
N ASP C 59 10.73 10.89 21.06
CA ASP C 59 11.42 11.76 22.00
C ASP C 59 12.94 11.53 22.04
N MET A 1 12.47 -1.24 2.12
CA MET A 1 11.54 -2.38 2.00
C MET A 1 11.03 -2.80 3.37
N LEU A 2 9.76 -3.19 3.45
CA LEU A 2 9.16 -3.68 4.68
C LEU A 2 8.25 -4.86 4.37
N ILE A 3 8.07 -5.75 5.34
CA ILE A 3 7.19 -6.90 5.21
C ILE A 3 6.36 -7.01 6.49
N LEU A 4 5.11 -7.47 6.35
CA LEU A 4 4.15 -7.54 7.44
C LEU A 4 3.24 -8.74 7.23
N THR A 5 2.45 -9.06 8.26
CA THR A 5 1.39 -10.06 8.14
C THR A 5 0.14 -9.52 8.81
N ARG A 6 -0.77 -8.97 7.99
CA ARG A 6 -2.01 -8.35 8.42
C ARG A 6 -3.17 -9.30 8.13
N LYS A 7 -4.34 -9.11 8.74
CA LYS A 7 -5.50 -9.93 8.37
C LYS A 7 -6.68 -9.08 7.96
N VAL A 8 -7.70 -9.74 7.41
CA VAL A 8 -8.81 -9.04 6.79
C VAL A 8 -9.53 -8.12 7.76
N GLY A 9 -9.82 -6.90 7.30
CA GLY A 9 -10.55 -5.91 8.08
C GLY A 9 -9.61 -4.96 8.83
N GLU A 10 -8.29 -5.13 8.68
CA GLU A 10 -7.31 -4.28 9.32
C GLU A 10 -6.67 -3.34 8.30
N SER A 11 -5.72 -2.48 8.74
CA SER A 11 -5.18 -1.42 7.90
C SER A 11 -3.70 -1.14 8.15
N ILE A 12 -3.15 -0.28 7.31
CA ILE A 12 -1.74 0.08 7.21
C ILE A 12 -1.69 1.51 6.65
N ASN A 13 -0.61 2.26 6.88
CA ASN A 13 -0.51 3.65 6.46
C ASN A 13 0.83 3.96 5.82
N ILE A 14 0.85 5.04 5.02
CA ILE A 14 2.02 5.51 4.29
C ILE A 14 2.04 7.04 4.35
N GLY A 15 3.24 7.63 4.44
CA GLY A 15 3.41 9.06 4.53
C GLY A 15 2.56 9.62 5.66
N ASP A 16 1.90 10.75 5.39
CA ASP A 16 1.00 11.39 6.35
C ASP A 16 -0.34 11.70 5.68
N ASP A 17 -0.55 11.18 4.47
CA ASP A 17 -1.75 11.45 3.69
C ASP A 17 -2.23 10.21 2.93
N ILE A 18 -1.69 9.02 3.21
CA ILE A 18 -2.09 7.81 2.51
C ILE A 18 -2.42 6.70 3.50
N THR A 19 -3.40 5.86 3.13
CA THR A 19 -3.84 4.74 3.95
C THR A 19 -4.08 3.54 3.04
N ILE A 20 -4.01 2.33 3.63
CA ILE A 20 -4.18 1.06 2.94
C ILE A 20 -5.06 0.17 3.82
N THR A 21 -5.89 -0.67 3.19
CA THR A 21 -6.78 -1.56 3.92
C THR A 21 -6.90 -2.90 3.20
N ILE A 22 -7.07 -3.97 3.97
CA ILE A 22 -7.24 -5.33 3.46
C ILE A 22 -8.70 -5.71 3.63
N LEU A 23 -9.53 -5.48 2.61
CA LEU A 23 -10.97 -5.69 2.71
C LEU A 23 -11.28 -7.16 2.96
N GLY A 24 -10.48 -8.08 2.41
CA GLY A 24 -10.72 -9.50 2.59
C GLY A 24 -9.98 -10.35 1.58
N VAL A 25 -10.28 -11.66 1.56
CA VAL A 25 -9.67 -12.59 0.63
C VAL A 25 -10.72 -13.50 -0.01
N SER A 26 -10.35 -14.10 -1.15
CA SER A 26 -11.17 -15.07 -1.86
C SER A 26 -10.22 -16.00 -2.60
N GLY A 27 -9.80 -17.09 -1.93
CA GLY A 27 -8.83 -17.99 -2.51
C GLY A 27 -7.46 -17.30 -2.54
N GLN A 28 -6.86 -17.16 -3.72
CA GLN A 28 -5.59 -16.45 -3.84
C GLN A 28 -5.84 -14.97 -4.04
N GLN A 29 -7.06 -14.61 -4.47
CA GLN A 29 -7.41 -13.21 -4.65
C GLN A 29 -7.50 -12.57 -3.27
N VAL A 30 -7.13 -11.30 -3.22
CA VAL A 30 -7.10 -10.51 -2.01
C VAL A 30 -7.66 -9.13 -2.34
N ARG A 31 -8.78 -8.77 -1.69
CA ARG A 31 -9.40 -7.47 -1.87
C ARG A 31 -8.65 -6.45 -1.04
N ILE A 32 -8.09 -5.45 -1.72
CA ILE A 32 -7.29 -4.42 -1.07
C ILE A 32 -7.85 -3.05 -1.43
N GLY A 33 -7.63 -2.06 -0.57
CA GLY A 33 -8.11 -0.71 -0.80
C GLY A 33 -7.01 0.29 -0.48
N ILE A 34 -7.11 1.47 -1.08
CA ILE A 34 -6.11 2.52 -0.97
C ILE A 34 -6.82 3.86 -0.86
N ASN A 35 -6.25 4.77 -0.07
CA ASN A 35 -6.88 6.05 0.16
C ASN A 35 -5.82 7.15 0.20
N ALA A 36 -5.79 7.97 -0.85
CA ALA A 36 -4.84 9.07 -0.98
C ALA A 36 -5.48 10.20 -1.78
N PRO A 37 -4.96 11.43 -1.63
CA PRO A 37 -5.38 12.57 -2.41
C PRO A 37 -5.03 12.38 -3.87
N LYS A 38 -5.73 13.09 -4.77
CA LYS A 38 -5.38 13.11 -6.19
C LYS A 38 -4.05 13.83 -6.39
N ASP A 39 -3.48 14.32 -5.29
CA ASP A 39 -2.16 14.93 -5.24
C ASP A 39 -1.06 13.89 -5.55
N VAL A 40 -1.44 12.62 -5.58
CA VAL A 40 -0.51 11.51 -5.81
C VAL A 40 -1.16 10.49 -6.75
N ALA A 41 -0.38 9.55 -7.26
CA ALA A 41 -0.87 8.56 -8.21
C ALA A 41 -0.97 7.19 -7.55
N VAL A 42 -1.86 6.35 -8.06
CA VAL A 42 -1.98 4.96 -7.60
C VAL A 42 -2.61 4.11 -8.69
N HIS A 43 -1.98 2.99 -9.01
CA HIS A 43 -2.45 2.04 -10.01
C HIS A 43 -1.90 0.65 -9.72
N ARG A 44 -2.39 -0.38 -10.42
CA ARG A 44 -1.80 -1.71 -10.29
C ARG A 44 -0.51 -1.71 -11.10
N GLU A 45 0.35 -2.71 -10.87
CA GLU A 45 1.67 -2.75 -11.49
C GLU A 45 1.60 -2.74 -13.02
N GLU A 46 0.45 -3.12 -13.58
CA GLU A 46 0.27 -3.17 -15.02
C GLU A 46 0.21 -1.77 -15.61
N ILE A 47 -0.61 -0.89 -15.01
CA ILE A 47 -0.86 0.44 -15.57
C ILE A 47 0.32 1.37 -15.26
N TYR A 48 1.07 1.06 -14.20
CA TYR A 48 2.19 1.86 -13.76
C TYR A 48 3.29 1.96 -14.83
N GLN A 49 3.40 0.93 -15.67
CA GLN A 49 4.43 0.87 -16.70
C GLN A 49 4.15 1.84 -17.85
N ARG A 50 2.89 2.26 -18.02
CA ARG A 50 2.50 3.22 -19.05
C ARG A 50 2.93 4.62 -18.61
N ILE A 51 3.16 4.78 -17.31
CA ILE A 51 3.40 6.08 -16.72
C ILE A 51 4.90 6.31 -16.52
N GLN A 52 5.60 5.31 -15.97
CA GLN A 52 7.04 5.44 -15.73
C GLN A 52 7.83 5.43 -17.04
N ALA A 53 7.13 5.39 -18.18
CA ALA A 53 7.75 5.47 -19.48
C ALA A 53 8.39 6.85 -19.70
N GLY A 54 8.01 7.85 -18.88
CA GLY A 54 8.61 9.17 -18.97
C GLY A 54 7.67 10.31 -18.56
N LEU A 55 6.59 10.02 -17.83
CA LEU A 55 5.55 11.02 -17.59
C LEU A 55 4.69 10.71 -16.36
N THR A 56 3.67 11.55 -16.14
CA THR A 56 2.63 11.36 -15.13
C THR A 56 1.29 11.88 -15.65
N ALA A 57 1.23 12.20 -16.94
CA ALA A 57 0.00 12.65 -17.58
C ALA A 57 0.02 12.24 -19.05
N PRO A 58 -0.99 11.49 -19.51
CA PRO A 58 -1.18 11.11 -20.90
C PRO A 58 -1.08 12.26 -21.91
N ASP A 59 -1.12 11.91 -23.20
CA ASP A 59 -1.03 12.83 -24.30
C ASP A 59 -2.22 13.79 -24.35
N MET C 1 -10.34 7.34 -2.92
CA MET C 1 -10.39 5.91 -2.53
C MET C 1 -10.27 5.03 -3.76
N LEU C 2 -9.53 3.91 -3.67
CA LEU C 2 -9.46 2.93 -4.74
C LEU C 2 -9.52 1.54 -4.13
N ILE C 3 -9.99 0.57 -4.94
CA ILE C 3 -10.08 -0.83 -4.54
C ILE C 3 -9.58 -1.68 -5.70
N LEU C 4 -8.96 -2.80 -5.38
CA LEU C 4 -8.42 -3.74 -6.35
C LEU C 4 -8.58 -5.16 -5.83
N THR C 5 -8.42 -6.14 -6.72
CA THR C 5 -8.40 -7.54 -6.32
C THR C 5 -7.15 -8.17 -6.93
N ARG C 6 -6.08 -8.23 -6.14
CA ARG C 6 -4.79 -8.74 -6.53
C ARG C 6 -4.65 -10.15 -5.96
N LYS C 7 -3.71 -10.97 -6.46
CA LYS C 7 -3.47 -12.28 -5.87
C LYS C 7 -1.98 -12.46 -5.57
N VAL C 8 -1.68 -13.50 -4.79
CA VAL C 8 -0.34 -13.70 -4.26
C VAL C 8 0.72 -13.73 -5.35
N GLY C 9 1.78 -12.93 -5.15
CA GLY C 9 2.92 -12.88 -6.06
C GLY C 9 2.86 -11.69 -7.01
N GLU C 10 1.80 -10.88 -6.93
CA GLU C 10 1.65 -9.71 -7.80
C GLU C 10 1.85 -8.42 -7.00
N SER C 11 1.73 -7.27 -7.66
CA SER C 11 2.08 -5.98 -7.07
C SER C 11 1.13 -4.84 -7.46
N ILE C 12 1.26 -3.72 -6.76
CA ILE C 12 0.51 -2.48 -6.93
C ILE C 12 1.51 -1.33 -6.74
N ASN C 13 1.18 -0.11 -7.15
CA ASN C 13 2.12 1.01 -7.07
C ASN C 13 1.44 2.30 -6.63
N ILE C 14 2.24 3.19 -6.01
CA ILE C 14 1.78 4.47 -5.52
C ILE C 14 2.87 5.52 -5.79
N GLY C 15 2.45 6.76 -6.04
CA GLY C 15 3.38 7.84 -6.35
C GLY C 15 4.30 7.46 -7.49
N ASP C 16 5.57 7.82 -7.37
CA ASP C 16 6.61 7.48 -8.35
C ASP C 16 7.82 6.88 -7.65
N ASP C 17 7.68 6.56 -6.35
CA ASP C 17 8.75 6.01 -5.54
C ASP C 17 8.23 4.94 -4.57
N ILE C 18 6.98 4.48 -4.73
CA ILE C 18 6.43 3.47 -3.83
C ILE C 18 5.81 2.32 -4.63
N THR C 19 5.95 1.11 -4.07
CA THR C 19 5.38 -0.11 -4.62
C THR C 19 4.88 -0.96 -3.46
N ILE C 20 3.90 -1.84 -3.74
CA ILE C 20 3.30 -2.71 -2.75
C ILE C 20 3.23 -4.11 -3.34
N THR C 21 3.35 -5.14 -2.50
CA THR C 21 3.38 -6.51 -2.98
C THR C 21 2.60 -7.41 -2.03
N ILE C 22 1.93 -8.42 -2.59
CA ILE C 22 1.16 -9.40 -1.83
C ILE C 22 1.95 -10.71 -1.81
N LEU C 23 2.78 -10.90 -0.78
CA LEU C 23 3.71 -12.01 -0.72
C LEU C 23 3.00 -13.36 -0.61
N GLY C 24 1.79 -13.39 -0.05
CA GLY C 24 1.01 -14.61 0.07
C GLY C 24 -0.07 -14.53 1.14
N VAL C 25 -0.73 -15.64 1.44
CA VAL C 25 -1.75 -15.67 2.48
C VAL C 25 -1.56 -16.89 3.41
N SER C 26 -2.15 -16.80 4.59
CA SER C 26 -2.16 -17.86 5.59
C SER C 26 -3.44 -17.71 6.40
N GLY C 27 -4.54 -18.34 5.96
CA GLY C 27 -5.83 -18.15 6.62
C GLY C 27 -6.30 -16.72 6.41
N GLN C 28 -6.76 -16.05 7.47
CA GLN C 28 -7.16 -14.65 7.36
C GLN C 28 -5.93 -13.78 7.31
N GLN C 29 -4.79 -14.30 7.79
CA GLN C 29 -3.55 -13.55 7.72
C GLN C 29 -3.14 -13.47 6.26
N VAL C 30 -2.50 -12.36 5.90
CA VAL C 30 -2.06 -12.07 4.54
C VAL C 30 -0.67 -11.48 4.67
N ARG C 31 0.31 -12.10 4.01
CA ARG C 31 1.69 -11.64 4.06
C ARG C 31 1.84 -10.56 2.99
N ILE C 32 2.36 -9.41 3.39
CA ILE C 32 2.38 -8.23 2.53
C ILE C 32 3.75 -7.57 2.59
N GLY C 33 4.10 -6.85 1.53
CA GLY C 33 5.35 -6.13 1.46
C GLY C 33 5.10 -4.69 1.01
N ILE C 34 6.04 -3.81 1.35
CA ILE C 34 5.95 -2.39 1.07
C ILE C 34 7.33 -1.94 0.64
N ASN C 35 7.40 -1.14 -0.42
CA ASN C 35 8.68 -0.76 -0.98
C ASN C 35 8.68 0.73 -1.28
N ALA C 36 9.26 1.49 -0.34
CA ALA C 36 9.44 2.92 -0.44
C ALA C 36 10.74 3.27 0.26
N PRO C 37 11.37 4.39 -0.12
CA PRO C 37 12.56 4.85 0.54
C PRO C 37 12.26 5.14 2.01
N LYS C 38 13.28 5.05 2.87
CA LYS C 38 13.13 5.41 4.28
C LYS C 38 12.79 6.90 4.41
N ASP C 39 12.83 7.58 3.27
CA ASP C 39 12.47 8.98 3.08
C ASP C 39 11.00 9.24 3.40
N VAL C 40 10.20 8.18 3.56
CA VAL C 40 8.78 8.28 3.88
C VAL C 40 8.46 7.29 5.00
N ALA C 41 7.36 7.52 5.73
CA ALA C 41 7.01 6.65 6.83
C ALA C 41 5.95 5.65 6.40
N VAL C 42 6.05 4.41 6.90
CA VAL C 42 5.02 3.41 6.69
C VAL C 42 4.96 2.52 7.92
N HIS C 43 3.76 2.23 8.40
CA HIS C 43 3.54 1.34 9.53
C HIS C 43 2.14 0.74 9.43
N ARG C 44 1.85 -0.31 10.19
CA ARG C 44 0.48 -0.79 10.23
C ARG C 44 -0.35 0.28 10.92
N GLU C 45 -1.67 0.30 10.68
CA GLU C 45 -2.49 1.38 11.18
C GLU C 45 -2.53 1.43 12.71
N GLU C 46 -1.98 0.41 13.38
CA GLU C 46 -1.86 0.42 14.83
C GLU C 46 -0.81 1.43 15.28
N ILE C 47 0.37 1.40 14.66
CA ILE C 47 1.49 2.22 15.10
C ILE C 47 1.32 3.66 14.60
N TYR C 48 0.57 3.84 13.52
CA TYR C 48 0.33 5.15 12.95
C TYR C 48 -0.39 6.07 13.93
N GLN C 49 -1.19 5.49 14.83
CA GLN C 49 -1.95 6.25 15.82
C GLN C 49 -1.06 6.75 16.95
N ARG C 50 0.10 6.10 17.15
CA ARG C 50 1.07 6.52 18.15
C ARG C 50 1.86 7.70 17.61
N ILE C 51 1.83 7.90 16.29
CA ILE C 51 2.63 8.90 15.62
C ILE C 51 1.81 10.15 15.35
N GLN C 52 0.59 9.98 14.82
CA GLN C 52 -0.27 11.12 14.53
C GLN C 52 -0.79 11.79 15.80
N ALA C 53 -0.35 11.33 16.97
CA ALA C 53 -0.69 11.94 18.24
C ALA C 53 -0.07 13.33 18.38
N GLY C 54 0.86 13.71 17.49
CA GLY C 54 1.45 15.04 17.52
C GLY C 54 2.90 15.08 16.99
N LEU C 55 3.34 14.05 16.29
CA LEU C 55 4.74 13.92 15.89
C LEU C 55 4.89 13.03 14.65
N THR C 56 6.11 12.56 14.35
CA THR C 56 6.34 11.76 13.15
C THR C 56 7.21 10.54 13.42
N ALA C 57 7.93 10.50 14.54
CA ALA C 57 8.78 9.37 14.88
C ALA C 57 9.20 9.32 16.35
N PRO C 58 9.45 10.47 17.02
CA PRO C 58 9.84 10.50 18.42
C PRO C 58 8.85 9.79 19.32
N ASP C 59 9.36 9.22 20.42
CA ASP C 59 8.59 8.56 21.47
C ASP C 59 7.42 7.72 20.90
N MET A 1 12.47 -1.17 2.35
CA MET A 1 11.60 -2.35 2.17
C MET A 1 11.01 -2.78 3.50
N LEU A 2 9.72 -3.13 3.54
CA LEU A 2 9.08 -3.63 4.74
C LEU A 2 8.16 -4.79 4.38
N ILE A 3 7.94 -5.69 5.35
CA ILE A 3 7.05 -6.83 5.18
C ILE A 3 6.21 -6.95 6.46
N LEU A 4 4.95 -7.38 6.30
CA LEU A 4 3.99 -7.48 7.38
C LEU A 4 3.07 -8.67 7.13
N THR A 5 2.31 -9.07 8.15
CA THR A 5 1.29 -10.09 7.98
C THR A 5 0.01 -9.63 8.69
N ARG A 6 -0.87 -9.00 7.90
CA ARG A 6 -2.11 -8.39 8.37
C ARG A 6 -3.28 -9.30 7.99
N LYS A 7 -4.47 -9.15 8.59
CA LYS A 7 -5.61 -9.96 8.20
C LYS A 7 -6.80 -9.10 7.80
N VAL A 8 -7.81 -9.76 7.21
CA VAL A 8 -8.92 -9.05 6.61
C VAL A 8 -9.66 -8.16 7.60
N GLY A 9 -9.89 -6.92 7.19
CA GLY A 9 -10.63 -5.95 7.99
C GLY A 9 -9.69 -4.99 8.73
N GLU A 10 -8.38 -5.18 8.58
CA GLU A 10 -7.38 -4.33 9.25
C GLU A 10 -6.76 -3.35 8.25
N SER A 11 -5.84 -2.50 8.71
CA SER A 11 -5.28 -1.44 7.87
C SER A 11 -3.79 -1.21 8.13
N ILE A 12 -3.17 -0.43 7.22
CA ILE A 12 -1.77 -0.06 7.26
C ILE A 12 -1.68 1.39 6.75
N ASN A 13 -0.56 2.07 6.95
CA ASN A 13 -0.44 3.48 6.58
C ASN A 13 0.92 3.79 5.97
N ILE A 14 0.97 4.85 5.15
CA ILE A 14 2.18 5.31 4.48
C ILE A 14 2.18 6.84 4.46
N GLY A 15 3.36 7.44 4.50
CA GLY A 15 3.50 8.90 4.52
C GLY A 15 2.69 9.49 5.67
N ASP A 16 2.07 10.63 5.40
CA ASP A 16 1.20 11.31 6.35
C ASP A 16 -0.14 11.63 5.69
N ASP A 17 -0.37 11.06 4.50
CA ASP A 17 -1.57 11.33 3.71
C ASP A 17 -2.03 10.07 2.96
N ILE A 18 -1.50 8.89 3.28
CA ILE A 18 -1.89 7.66 2.60
C ILE A 18 -2.29 6.58 3.61
N THR A 19 -3.25 5.74 3.23
CA THR A 19 -3.72 4.64 4.05
C THR A 19 -3.99 3.45 3.14
N ILE A 20 -3.94 2.24 3.71
CA ILE A 20 -4.15 0.99 2.99
C ILE A 20 -5.07 0.11 3.84
N THR A 21 -5.91 -0.71 3.19
CA THR A 21 -6.82 -1.59 3.90
C THR A 21 -6.93 -2.92 3.16
N ILE A 22 -7.09 -4.01 3.92
CA ILE A 22 -7.23 -5.36 3.40
C ILE A 22 -8.69 -5.76 3.53
N LEU A 23 -9.48 -5.51 2.49
CA LEU A 23 -10.92 -5.70 2.54
C LEU A 23 -11.30 -7.17 2.71
N GLY A 24 -10.47 -8.10 2.22
CA GLY A 24 -10.74 -9.52 2.36
C GLY A 24 -9.97 -10.38 1.37
N VAL A 25 -10.26 -11.69 1.34
CA VAL A 25 -9.62 -12.62 0.43
C VAL A 25 -10.64 -13.57 -0.20
N SER A 26 -10.24 -14.20 -1.32
CA SER A 26 -11.04 -15.18 -2.03
C SER A 26 -10.10 -16.17 -2.71
N GLY A 27 -9.75 -17.25 -2.00
CA GLY A 27 -8.83 -18.24 -2.53
C GLY A 27 -7.40 -17.68 -2.53
N GLN A 28 -6.90 -17.26 -3.70
CA GLN A 28 -5.60 -16.62 -3.79
C GLN A 28 -5.79 -15.13 -4.03
N GLN A 29 -6.99 -14.73 -4.48
CA GLN A 29 -7.26 -13.32 -4.69
C GLN A 29 -7.35 -12.65 -3.33
N VAL A 30 -7.00 -11.37 -3.30
CA VAL A 30 -6.98 -10.57 -2.10
C VAL A 30 -7.55 -9.21 -2.50
N ARG A 31 -8.67 -8.83 -1.90
CA ARG A 31 -9.30 -7.55 -2.21
C ARG A 31 -8.69 -6.51 -1.29
N ILE A 32 -8.15 -5.46 -1.90
CA ILE A 32 -7.35 -4.47 -1.18
C ILE A 32 -7.86 -3.07 -1.51
N GLY A 33 -7.65 -2.12 -0.61
CA GLY A 33 -8.05 -0.74 -0.82
C GLY A 33 -6.91 0.21 -0.51
N ILE A 34 -6.99 1.41 -1.10
CA ILE A 34 -5.96 2.43 -0.98
C ILE A 34 -6.66 3.78 -0.86
N ASN A 35 -6.07 4.68 -0.10
CA ASN A 35 -6.66 5.99 0.14
C ASN A 35 -5.56 7.05 0.15
N ALA A 36 -5.52 7.85 -0.91
CA ALA A 36 -4.51 8.87 -1.09
C ALA A 36 -5.09 10.06 -1.86
N PRO A 37 -4.49 11.25 -1.69
CA PRO A 37 -4.87 12.44 -2.42
C PRO A 37 -4.59 12.27 -3.91
N LYS A 38 -5.30 13.06 -4.75
CA LYS A 38 -5.06 13.05 -6.19
C LYS A 38 -3.75 13.74 -6.52
N ASP A 39 -3.06 14.24 -5.49
CA ASP A 39 -1.72 14.79 -5.58
C ASP A 39 -0.71 13.67 -5.85
N VAL A 40 -1.17 12.40 -5.78
CA VAL A 40 -0.36 11.22 -6.03
C VAL A 40 -1.19 10.22 -6.83
N ALA A 41 -0.54 9.17 -7.33
CA ALA A 41 -1.20 8.21 -8.22
C ALA A 41 -1.22 6.82 -7.61
N VAL A 42 -2.08 5.95 -8.13
CA VAL A 42 -2.19 4.56 -7.70
C VAL A 42 -2.81 3.72 -8.82
N HIS A 43 -2.14 2.63 -9.21
CA HIS A 43 -2.61 1.76 -10.28
C HIS A 43 -2.06 0.35 -10.10
N ARG A 44 -2.52 -0.60 -10.93
CA ARG A 44 -1.91 -1.92 -11.01
C ARG A 44 -0.57 -1.74 -11.71
N GLU A 45 0.38 -2.65 -11.48
CA GLU A 45 1.70 -2.52 -12.08
C GLU A 45 1.65 -2.42 -13.60
N GLU A 46 0.56 -2.87 -14.23
CA GLU A 46 0.43 -2.81 -15.68
C GLU A 46 0.45 -1.37 -16.16
N ILE A 47 -0.37 -0.53 -15.53
CA ILE A 47 -0.55 0.85 -15.96
C ILE A 47 0.64 1.70 -15.51
N TYR A 48 1.30 1.29 -14.43
CA TYR A 48 2.43 2.02 -13.86
C TYR A 48 3.62 2.00 -14.81
N GLN A 49 3.77 0.92 -15.58
CA GLN A 49 4.89 0.76 -16.49
C GLN A 49 4.78 1.70 -17.69
N ARG A 50 3.55 2.18 -17.98
CA ARG A 50 3.31 3.14 -19.06
C ARG A 50 3.65 4.55 -18.58
N ILE A 51 3.72 4.74 -17.26
CA ILE A 51 3.87 6.06 -16.68
C ILE A 51 5.33 6.31 -16.31
N GLN A 52 6.00 5.34 -15.68
CA GLN A 52 7.40 5.50 -15.30
C GLN A 52 8.32 5.47 -16.50
N ALA A 53 7.79 5.37 -17.72
CA ALA A 53 8.57 5.38 -18.94
C ALA A 53 9.23 6.75 -19.16
N GLY A 54 8.78 7.78 -18.45
CA GLY A 54 9.39 9.11 -18.58
C GLY A 54 8.45 10.26 -18.24
N LEU A 55 7.33 10.00 -17.56
CA LEU A 55 6.29 11.00 -17.37
C LEU A 55 5.41 10.69 -16.15
N THR A 56 4.33 11.44 -15.98
CA THR A 56 3.36 11.23 -14.90
C THR A 56 1.93 11.49 -15.38
N ALA A 57 1.77 11.82 -16.66
CA ALA A 57 0.48 12.15 -17.24
C ALA A 57 0.45 11.75 -18.73
N PRO A 58 0.19 10.47 -19.01
CA PRO A 58 0.09 9.93 -20.36
C PRO A 58 -0.89 10.67 -21.27
N ASP A 59 -0.94 10.23 -22.53
CA ASP A 59 -1.80 10.79 -23.56
C ASP A 59 -3.29 10.70 -23.21
N MET C 1 -10.03 7.33 -2.58
CA MET C 1 -10.20 5.92 -2.22
C MET C 1 -10.26 5.05 -3.48
N LEU C 2 -9.54 3.94 -3.50
CA LEU C 2 -9.58 2.98 -4.59
C LEU C 2 -9.62 1.57 -4.01
N ILE C 3 -10.14 0.62 -4.79
CA ILE C 3 -10.18 -0.78 -4.40
C ILE C 3 -9.75 -1.62 -5.60
N LEU C 4 -9.11 -2.76 -5.32
CA LEU C 4 -8.54 -3.64 -6.35
C LEU C 4 -8.65 -5.09 -5.90
N THR C 5 -8.34 -6.02 -6.80
CA THR C 5 -8.21 -7.42 -6.42
C THR C 5 -7.03 -8.06 -7.14
N ARG C 6 -5.96 -8.30 -6.39
CA ARG C 6 -4.76 -8.97 -6.85
C ARG C 6 -4.72 -10.39 -6.30
N LYS C 7 -3.70 -11.17 -6.67
CA LYS C 7 -3.48 -12.47 -6.02
C LYS C 7 -2.01 -12.62 -5.64
N VAL C 8 -1.71 -13.66 -4.87
CA VAL C 8 -0.38 -13.83 -4.31
C VAL C 8 0.70 -13.85 -5.38
N GLY C 9 1.78 -13.10 -5.14
CA GLY C 9 2.91 -13.03 -6.03
C GLY C 9 2.86 -11.81 -6.95
N GLU C 10 1.80 -11.01 -6.86
CA GLU C 10 1.61 -9.82 -7.70
C GLU C 10 1.88 -8.54 -6.91
N SER C 11 1.72 -7.38 -7.56
CA SER C 11 2.01 -6.09 -6.96
C SER C 11 1.09 -4.98 -7.47
N ILE C 12 1.18 -3.83 -6.77
CA ILE C 12 0.44 -2.60 -7.01
C ILE C 12 1.42 -1.44 -6.79
N ASN C 13 1.09 -0.23 -7.25
CA ASN C 13 2.02 0.89 -7.18
C ASN C 13 1.33 2.16 -6.72
N ILE C 14 2.11 3.07 -6.11
CA ILE C 14 1.62 4.33 -5.59
C ILE C 14 2.67 5.42 -5.84
N GLY C 15 2.22 6.65 -6.07
CA GLY C 15 3.11 7.78 -6.33
C GLY C 15 4.03 7.46 -7.49
N ASP C 16 5.30 7.85 -7.37
CA ASP C 16 6.33 7.58 -8.36
C ASP C 16 7.56 6.98 -7.68
N ASP C 17 7.43 6.61 -6.40
CA ASP C 17 8.52 6.08 -5.59
C ASP C 17 8.03 5.00 -4.61
N ILE C 18 6.79 4.52 -4.74
CA ILE C 18 6.27 3.50 -3.83
C ILE C 18 5.68 2.33 -4.60
N THR C 19 5.84 1.13 -4.03
CA THR C 19 5.31 -0.11 -4.59
C THR C 19 4.81 -0.99 -3.44
N ILE C 20 3.87 -1.88 -3.74
CA ILE C 20 3.26 -2.79 -2.79
C ILE C 20 3.24 -4.17 -3.40
N THR C 21 3.40 -5.21 -2.58
CA THR C 21 3.44 -6.58 -3.06
C THR C 21 2.68 -7.50 -2.11
N ILE C 22 2.01 -8.52 -2.65
CA ILE C 22 1.27 -9.50 -1.87
C ILE C 22 2.07 -10.80 -1.86
N LEU C 23 2.87 -11.01 -0.80
CA LEU C 23 3.78 -12.14 -0.73
C LEU C 23 3.03 -13.47 -0.65
N GLY C 24 1.82 -13.48 -0.08
CA GLY C 24 1.01 -14.68 0.02
C GLY C 24 -0.03 -14.59 1.12
N VAL C 25 -0.71 -15.70 1.43
CA VAL C 25 -1.72 -15.74 2.49
C VAL C 25 -1.53 -16.96 3.39
N SER C 26 -2.13 -16.89 4.58
CA SER C 26 -2.14 -17.97 5.56
C SER C 26 -3.42 -17.83 6.37
N GLY C 27 -4.50 -18.47 5.92
CA GLY C 27 -5.79 -18.29 6.56
C GLY C 27 -6.28 -16.87 6.29
N GLN C 28 -6.74 -16.17 7.34
CA GLN C 28 -7.18 -14.79 7.17
C GLN C 28 -5.96 -13.88 7.12
N GLN C 29 -4.81 -14.37 7.59
CA GLN C 29 -3.59 -13.60 7.55
C GLN C 29 -3.14 -13.48 6.09
N VAL C 30 -2.55 -12.34 5.75
CA VAL C 30 -2.11 -12.04 4.41
C VAL C 30 -0.74 -11.39 4.56
N ARG C 31 0.29 -12.02 3.97
CA ARG C 31 1.64 -11.51 4.07
C ARG C 31 1.86 -10.51 2.94
N ILE C 32 2.29 -9.30 3.31
CA ILE C 32 2.35 -8.18 2.39
C ILE C 32 3.72 -7.52 2.49
N GLY C 33 4.14 -6.84 1.42
CA GLY C 33 5.40 -6.12 1.39
C GLY C 33 5.18 -4.71 0.87
N ILE C 34 6.09 -3.81 1.24
CA ILE C 34 6.02 -2.39 0.90
C ILE C 34 7.42 -1.91 0.56
N ASN C 35 7.51 -1.01 -0.42
CA ASN C 35 8.81 -0.55 -0.89
C ASN C 35 8.73 0.95 -1.16
N ALA C 36 9.35 1.73 -0.27
CA ALA C 36 9.42 3.18 -0.38
C ALA C 36 10.72 3.66 0.24
N PRO C 37 11.19 4.85 -0.17
CA PRO C 37 12.37 5.48 0.40
C PRO C 37 12.14 5.84 1.87
N LYS C 38 13.22 6.01 2.62
CA LYS C 38 13.15 6.51 3.99
C LYS C 38 12.74 7.97 4.00
N ASP C 39 12.54 8.53 2.81
CA ASP C 39 12.02 9.86 2.57
C ASP C 39 10.56 9.96 3.01
N VAL C 40 9.95 8.80 3.30
CA VAL C 40 8.55 8.71 3.70
C VAL C 40 8.41 7.67 4.83
N ALA C 41 7.24 7.65 5.47
CA ALA C 41 7.01 6.75 6.59
C ALA C 41 6.09 5.61 6.19
N VAL C 42 6.15 4.50 6.94
CA VAL C 42 5.23 3.38 6.75
C VAL C 42 5.15 2.56 8.03
N HIS C 43 3.93 2.30 8.51
CA HIS C 43 3.68 1.51 9.71
C HIS C 43 2.28 0.91 9.64
N ARG C 44 1.96 0.00 10.57
CA ARG C 44 0.61 -0.52 10.65
C ARG C 44 -0.27 0.55 11.28
N GLU C 45 -1.59 0.39 11.18
CA GLU C 45 -2.52 1.41 11.65
C GLU C 45 -2.36 1.68 13.15
N GLU C 46 -1.78 0.73 13.89
CA GLU C 46 -1.58 0.87 15.32
C GLU C 46 -0.52 1.93 15.64
N ILE C 47 0.64 1.83 14.98
CA ILE C 47 1.78 2.69 15.30
C ILE C 47 1.57 4.09 14.72
N TYR C 48 0.77 4.19 13.66
CA TYR C 48 0.53 5.45 13.00
C TYR C 48 -0.12 6.46 13.93
N GLN C 49 -0.91 6.00 14.91
CA GLN C 49 -1.61 6.86 15.84
C GLN C 49 -0.65 7.54 16.82
N ARG C 50 0.54 6.96 17.02
CA ARG C 50 1.55 7.54 17.91
C ARG C 50 2.30 8.66 17.20
N ILE C 51 2.25 8.66 15.86
CA ILE C 51 3.02 9.57 15.03
C ILE C 51 2.14 10.73 14.56
N GLN C 52 0.84 10.49 14.41
CA GLN C 52 -0.11 11.53 14.06
C GLN C 52 -0.65 12.27 15.30
N ALA C 53 -0.12 11.94 16.48
CA ALA C 53 -0.56 12.54 17.73
C ALA C 53 -0.32 14.06 17.76
N GLY C 54 0.48 14.60 16.83
CA GLY C 54 0.73 16.03 16.75
C GLY C 54 2.20 16.37 16.61
N LEU C 55 3.00 15.49 16.01
CA LEU C 55 4.45 15.65 16.07
C LEU C 55 5.22 14.99 14.91
N THR C 56 4.64 14.00 14.25
CA THR C 56 5.32 13.19 13.25
C THR C 56 6.75 12.81 13.65
N ALA C 57 6.98 12.58 14.94
CA ALA C 57 8.28 12.18 15.45
C ALA C 57 8.11 11.34 16.72
N PRO C 58 8.67 10.13 16.77
CA PRO C 58 8.69 9.27 17.94
C PRO C 58 9.25 9.94 19.19
N ASP C 59 9.23 9.20 20.30
CA ASP C 59 9.73 9.67 21.60
C ASP C 59 11.21 10.04 21.55
N MET A 1 12.33 -1.07 2.23
CA MET A 1 11.42 -2.23 2.07
C MET A 1 10.91 -2.67 3.43
N LEU A 2 9.62 -3.02 3.52
CA LEU A 2 9.02 -3.52 4.74
C LEU A 2 8.11 -4.70 4.42
N ILE A 3 7.96 -5.61 5.38
CA ILE A 3 7.08 -6.76 5.25
C ILE A 3 6.29 -6.89 6.54
N LEU A 4 5.03 -7.32 6.41
CA LEU A 4 4.09 -7.42 7.53
C LEU A 4 3.13 -8.57 7.29
N THR A 5 2.40 -8.99 8.33
CA THR A 5 1.35 -9.99 8.17
C THR A 5 0.09 -9.54 8.89
N ARG A 6 -0.82 -8.94 8.12
CA ARG A 6 -2.12 -8.48 8.58
C ARG A 6 -3.16 -9.57 8.34
N LYS A 7 -4.42 -9.32 8.72
CA LYS A 7 -5.54 -10.17 8.32
C LYS A 7 -6.72 -9.32 7.88
N VAL A 8 -7.75 -9.96 7.33
CA VAL A 8 -8.86 -9.23 6.73
C VAL A 8 -9.54 -8.32 7.74
N GLY A 9 -9.82 -7.08 7.31
CA GLY A 9 -10.49 -6.09 8.11
C GLY A 9 -9.51 -5.13 8.80
N GLU A 10 -8.21 -5.34 8.60
CA GLU A 10 -7.18 -4.50 9.23
C GLU A 10 -6.61 -3.49 8.23
N SER A 11 -5.66 -2.67 8.65
CA SER A 11 -5.14 -1.57 7.84
C SER A 11 -3.64 -1.34 8.05
N ILE A 12 -3.05 -0.51 7.18
CA ILE A 12 -1.66 -0.12 7.18
C ILE A 12 -1.62 1.35 6.74
N ASN A 13 -0.50 2.07 6.96
CA ASN A 13 -0.41 3.48 6.64
C ASN A 13 0.94 3.82 6.00
N ILE A 14 0.96 4.89 5.20
CA ILE A 14 2.18 5.39 4.54
C ILE A 14 2.16 6.92 4.56
N GLY A 15 3.35 7.52 4.66
CA GLY A 15 3.50 8.96 4.73
C GLY A 15 2.62 9.53 5.85
N ASP A 16 1.96 10.65 5.56
CA ASP A 16 1.04 11.29 6.50
C ASP A 16 -0.28 11.59 5.78
N ASP A 17 -0.46 11.05 4.57
CA ASP A 17 -1.64 11.30 3.75
C ASP A 17 -2.07 10.04 2.98
N ILE A 18 -1.52 8.87 3.32
CA ILE A 18 -1.90 7.64 2.62
C ILE A 18 -2.23 6.55 3.63
N THR A 19 -3.22 5.71 3.29
CA THR A 19 -3.66 4.59 4.09
C THR A 19 -3.98 3.42 3.17
N ILE A 20 -3.91 2.20 3.72
CA ILE A 20 -4.16 0.97 2.99
C ILE A 20 -5.04 0.08 3.85
N THR A 21 -5.90 -0.74 3.23
CA THR A 21 -6.80 -1.62 3.95
C THR A 21 -6.92 -2.95 3.23
N ILE A 22 -7.10 -4.03 3.99
CA ILE A 22 -7.28 -5.37 3.45
C ILE A 22 -8.76 -5.74 3.61
N LEU A 23 -9.56 -5.48 2.57
CA LEU A 23 -11.01 -5.66 2.65
C LEU A 23 -11.38 -7.12 2.89
N GLY A 24 -10.57 -8.06 2.39
CA GLY A 24 -10.84 -9.49 2.56
C GLY A 24 -10.13 -10.34 1.51
N VAL A 25 -10.46 -11.62 1.46
CA VAL A 25 -9.88 -12.52 0.46
C VAL A 25 -10.96 -13.30 -0.27
N SER A 26 -10.59 -13.85 -1.44
CA SER A 26 -11.45 -14.66 -2.28
C SER A 26 -10.55 -15.64 -3.02
N GLY A 27 -10.31 -16.81 -2.42
CA GLY A 27 -9.36 -17.75 -2.98
C GLY A 27 -7.95 -17.17 -2.87
N GLN A 28 -7.12 -17.36 -3.90
CA GLN A 28 -5.79 -16.77 -3.92
C GLN A 28 -5.89 -15.27 -4.11
N GLN A 29 -7.06 -14.77 -4.55
CA GLN A 29 -7.24 -13.36 -4.73
C GLN A 29 -7.42 -12.70 -3.37
N VAL A 30 -6.99 -11.44 -3.27
CA VAL A 30 -7.03 -10.67 -2.05
C VAL A 30 -7.55 -9.29 -2.43
N ARG A 31 -8.63 -8.87 -1.76
CA ARG A 31 -9.29 -7.62 -2.07
C ARG A 31 -8.73 -6.56 -1.14
N ILE A 32 -8.23 -5.47 -1.72
CA ILE A 32 -7.45 -4.47 -1.02
C ILE A 32 -7.97 -3.08 -1.35
N GLY A 33 -7.74 -2.12 -0.46
CA GLY A 33 -8.16 -0.74 -0.65
C GLY A 33 -7.00 0.21 -0.41
N ILE A 34 -7.09 1.40 -1.01
CA ILE A 34 -6.05 2.41 -0.95
C ILE A 34 -6.71 3.77 -0.80
N ASN A 35 -6.11 4.65 -0.02
CA ASN A 35 -6.70 5.95 0.25
C ASN A 35 -5.60 7.01 0.26
N ALA A 36 -5.57 7.81 -0.81
CA ALA A 36 -4.60 8.88 -0.98
C ALA A 36 -5.23 10.03 -1.77
N PRO A 37 -4.69 11.24 -1.59
CA PRO A 37 -5.15 12.42 -2.33
C PRO A 37 -4.86 12.27 -3.82
N LYS A 38 -5.59 13.03 -4.65
CA LYS A 38 -5.37 13.08 -6.08
C LYS A 38 -4.07 13.82 -6.40
N ASP A 39 -3.41 14.30 -5.36
CA ASP A 39 -2.10 14.92 -5.44
C ASP A 39 -1.01 13.88 -5.71
N VAL A 40 -1.38 12.59 -5.70
CA VAL A 40 -0.48 11.49 -5.96
C VAL A 40 -1.16 10.46 -6.85
N ALA A 41 -0.39 9.51 -7.37
CA ALA A 41 -0.92 8.52 -8.30
C ALA A 41 -0.98 7.13 -7.68
N VAL A 42 -1.86 6.29 -8.20
CA VAL A 42 -1.96 4.89 -7.78
C VAL A 42 -2.59 4.08 -8.90
N HIS A 43 -1.95 2.97 -9.29
CA HIS A 43 -2.44 2.10 -10.35
C HIS A 43 -1.91 0.68 -10.15
N ARG A 44 -2.41 -0.24 -10.98
CA ARG A 44 -1.95 -1.62 -10.99
C ARG A 44 -0.54 -1.63 -11.56
N GLU A 45 0.28 -2.62 -11.20
CA GLU A 45 1.65 -2.67 -11.68
C GLU A 45 1.68 -2.70 -13.21
N GLU A 46 0.59 -3.14 -13.83
CA GLU A 46 0.45 -3.20 -15.28
C GLU A 46 0.40 -1.79 -15.88
N ILE A 47 -0.41 -0.90 -15.29
CA ILE A 47 -0.65 0.42 -15.83
C ILE A 47 0.53 1.34 -15.52
N TYR A 48 1.23 1.08 -14.41
CA TYR A 48 2.34 1.89 -13.96
C TYR A 48 3.46 1.96 -15.00
N GLN A 49 3.59 0.91 -15.82
CA GLN A 49 4.63 0.84 -16.83
C GLN A 49 4.38 1.82 -17.99
N ARG A 50 3.14 2.25 -18.17
CA ARG A 50 2.77 3.22 -19.20
C ARG A 50 3.11 4.63 -18.73
N ILE A 51 3.26 4.80 -17.42
CA ILE A 51 3.44 6.09 -16.79
C ILE A 51 4.92 6.35 -16.51
N GLN A 52 5.67 5.28 -16.22
CA GLN A 52 7.11 5.38 -16.05
C GLN A 52 7.83 5.28 -17.40
N ALA A 53 7.07 5.22 -18.50
CA ALA A 53 7.63 5.13 -19.84
C ALA A 53 8.45 6.38 -20.21
N GLY A 54 8.25 7.50 -19.52
CA GLY A 54 9.02 8.71 -19.79
C GLY A 54 8.24 10.00 -19.57
N LEU A 55 7.24 10.01 -18.67
CA LEU A 55 6.38 11.19 -18.53
C LEU A 55 5.84 11.40 -17.13
N THR A 56 5.50 10.33 -16.41
CA THR A 56 4.79 10.36 -15.14
C THR A 56 3.70 11.44 -15.06
N ALA A 57 3.11 11.80 -16.21
CA ALA A 57 2.05 12.81 -16.27
C ALA A 57 1.19 12.61 -17.52
N PRO A 58 0.44 11.51 -17.61
CA PRO A 58 -0.49 11.23 -18.68
C PRO A 58 -1.51 12.35 -18.93
N ASP A 59 -2.32 12.17 -19.97
CA ASP A 59 -3.38 13.10 -20.35
C ASP A 59 -4.45 13.23 -19.26
N MET C 1 -10.05 7.44 -3.10
CA MET C 1 -10.20 6.05 -2.61
C MET C 1 -10.17 5.07 -3.78
N LEU C 2 -9.42 3.98 -3.67
CA LEU C 2 -9.40 2.95 -4.70
C LEU C 2 -9.48 1.58 -4.05
N ILE C 3 -10.00 0.60 -4.81
CA ILE C 3 -10.10 -0.78 -4.37
C ILE C 3 -9.62 -1.69 -5.50
N LEU C 4 -9.04 -2.83 -5.14
CA LEU C 4 -8.40 -3.73 -6.09
C LEU C 4 -8.59 -5.19 -5.64
N THR C 5 -8.32 -6.13 -6.56
CA THR C 5 -8.34 -7.54 -6.21
C THR C 5 -7.19 -8.24 -6.95
N ARG C 6 -6.06 -8.42 -6.26
CA ARG C 6 -4.85 -9.06 -6.81
C ARG C 6 -4.65 -10.44 -6.23
N LYS C 7 -3.73 -11.20 -6.81
CA LYS C 7 -3.41 -12.53 -6.36
C LYS C 7 -2.02 -12.58 -5.74
N VAL C 8 -1.74 -13.67 -5.02
CA VAL C 8 -0.46 -13.77 -4.32
C VAL C 8 0.70 -13.78 -5.31
N GLY C 9 1.74 -13.01 -4.99
CA GLY C 9 2.92 -12.91 -5.84
C GLY C 9 2.81 -11.74 -6.83
N GLU C 10 1.77 -10.92 -6.73
CA GLU C 10 1.57 -9.80 -7.64
C GLU C 10 1.79 -8.47 -6.92
N SER C 11 1.67 -7.34 -7.65
CA SER C 11 2.04 -6.03 -7.11
C SER C 11 1.12 -4.91 -7.59
N ILE C 12 1.25 -3.75 -6.93
CA ILE C 12 0.52 -2.51 -7.17
C ILE C 12 1.51 -1.35 -6.92
N ASN C 13 1.20 -0.13 -7.40
CA ASN C 13 2.12 0.99 -7.27
C ASN C 13 1.41 2.26 -6.82
N ILE C 14 2.19 3.15 -6.21
CA ILE C 14 1.75 4.43 -5.68
C ILE C 14 2.84 5.48 -5.91
N GLY C 15 2.44 6.73 -6.16
CA GLY C 15 3.37 7.81 -6.42
C GLY C 15 4.31 7.44 -7.57
N ASP C 16 5.58 7.82 -7.43
CA ASP C 16 6.62 7.50 -8.39
C ASP C 16 7.84 6.91 -7.68
N ASP C 17 7.70 6.60 -6.39
CA ASP C 17 8.75 6.00 -5.57
C ASP C 17 8.21 4.94 -4.62
N ILE C 18 6.95 4.49 -4.79
CA ILE C 18 6.38 3.48 -3.90
C ILE C 18 5.79 2.32 -4.69
N THR C 19 5.92 1.11 -4.14
CA THR C 19 5.37 -0.11 -4.71
C THR C 19 4.83 -0.97 -3.57
N ILE C 20 3.89 -1.85 -3.87
CA ILE C 20 3.26 -2.74 -2.91
C ILE C 20 3.22 -4.14 -3.50
N THR C 21 3.36 -5.15 -2.66
CA THR C 21 3.38 -6.54 -3.10
C THR C 21 2.64 -7.41 -2.10
N ILE C 22 1.96 -8.45 -2.58
CA ILE C 22 1.24 -9.41 -1.76
C ILE C 22 2.05 -10.70 -1.73
N LEU C 23 2.81 -10.91 -0.65
CA LEU C 23 3.72 -12.05 -0.56
C LEU C 23 2.95 -13.37 -0.48
N GLY C 24 1.73 -13.35 0.07
CA GLY C 24 0.88 -14.54 0.11
C GLY C 24 -0.15 -14.48 1.23
N VAL C 25 -0.88 -15.58 1.43
CA VAL C 25 -1.91 -15.64 2.47
C VAL C 25 -1.81 -16.93 3.27
N SER C 26 -2.43 -16.93 4.46
CA SER C 26 -2.48 -18.08 5.35
C SER C 26 -3.76 -18.02 6.16
N GLY C 27 -4.85 -18.59 5.65
CA GLY C 27 -6.13 -18.55 6.33
C GLY C 27 -6.75 -17.17 6.15
N GLN C 28 -6.68 -16.33 7.20
CA GLN C 28 -7.14 -14.95 7.09
C GLN C 28 -5.96 -14.01 7.05
N GLN C 29 -4.79 -14.48 7.49
CA GLN C 29 -3.60 -13.65 7.43
C GLN C 29 -3.21 -13.45 5.97
N VAL C 30 -2.61 -12.30 5.72
CA VAL C 30 -2.18 -11.86 4.40
C VAL C 30 -0.83 -11.22 4.62
N ARG C 31 0.24 -11.87 4.15
CA ARG C 31 1.58 -11.34 4.28
C ARG C 31 1.81 -10.37 3.13
N ILE C 32 2.18 -9.14 3.46
CA ILE C 32 2.27 -8.06 2.49
C ILE C 32 3.65 -7.41 2.57
N GLY C 33 4.08 -6.81 1.48
CA GLY C 33 5.34 -6.10 1.41
C GLY C 33 5.11 -4.69 0.87
N ILE C 34 6.02 -3.78 1.24
CA ILE C 34 5.92 -2.38 0.90
C ILE C 34 7.31 -1.88 0.54
N ASN C 35 7.41 -1.09 -0.52
CA ASN C 35 8.71 -0.69 -1.01
C ASN C 35 8.70 0.81 -1.28
N ALA C 36 9.24 1.56 -0.32
CA ALA C 36 9.40 2.99 -0.40
C ALA C 36 10.70 3.36 0.30
N PRO C 37 11.32 4.47 -0.10
CA PRO C 37 12.53 4.95 0.53
C PRO C 37 12.24 5.30 1.99
N LYS C 38 13.27 5.23 2.85
CA LYS C 38 13.14 5.60 4.26
C LYS C 38 12.84 7.08 4.40
N ASP C 39 12.92 7.78 3.27
CA ASP C 39 12.59 9.19 3.13
C ASP C 39 11.10 9.46 3.39
N VAL C 40 10.30 8.40 3.52
CA VAL C 40 8.87 8.52 3.81
C VAL C 40 8.54 7.53 4.91
N ALA C 41 7.34 7.63 5.50
CA ALA C 41 6.99 6.79 6.62
C ALA C 41 6.06 5.65 6.21
N VAL C 42 6.07 4.55 6.97
CA VAL C 42 5.14 3.46 6.81
C VAL C 42 5.11 2.64 8.10
N HIS C 43 3.90 2.34 8.59
CA HIS C 43 3.70 1.55 9.80
C HIS C 43 2.33 0.89 9.79
N ARG C 44 2.09 -0.02 10.75
CA ARG C 44 0.76 -0.56 10.97
C ARG C 44 -0.08 0.52 11.62
N GLU C 45 -1.42 0.43 11.51
CA GLU C 45 -2.27 1.42 12.15
C GLU C 45 -2.07 1.41 13.67
N GLU C 46 -1.57 0.30 14.21
CA GLU C 46 -1.32 0.20 15.64
C GLU C 46 -0.22 1.17 16.07
N ILE C 47 0.68 1.49 15.16
CA ILE C 47 1.82 2.36 15.45
C ILE C 47 1.53 3.78 14.97
N TYR C 48 0.77 3.90 13.88
CA TYR C 48 0.45 5.19 13.30
C TYR C 48 -0.35 6.06 14.28
N GLN C 49 -1.19 5.43 15.11
CA GLN C 49 -2.05 6.09 16.07
C GLN C 49 -1.26 6.81 17.15
N ARG C 50 0.02 6.48 17.33
CA ARG C 50 0.88 7.10 18.33
C ARG C 50 1.54 8.37 17.82
N ILE C 51 1.50 8.60 16.49
CA ILE C 51 2.30 9.63 15.85
C ILE C 51 1.54 10.92 15.53
N GLN C 52 0.52 10.84 14.66
CA GLN C 52 -0.31 12.00 14.31
C GLN C 52 -1.11 12.55 15.50
N ALA C 53 -0.93 11.98 16.70
CA ALA C 53 -1.69 12.35 17.88
C ALA C 53 -1.43 13.78 18.36
N GLY C 54 -0.33 14.40 17.91
CA GLY C 54 -0.02 15.77 18.30
C GLY C 54 1.48 16.07 18.29
N LEU C 55 2.28 15.25 17.58
CA LEU C 55 3.73 15.37 17.64
C LEU C 55 4.42 14.95 16.34
N THR C 56 3.82 14.03 15.59
CA THR C 56 4.39 13.42 14.41
C THR C 56 5.88 13.10 14.55
N ALA C 57 6.33 12.77 15.77
CA ALA C 57 7.71 12.44 16.05
C ALA C 57 7.78 11.54 17.29
N PRO C 58 8.07 10.25 17.11
CA PRO C 58 8.26 9.27 18.17
C PRO C 58 9.28 9.69 19.23
N ASP C 59 9.44 8.83 20.25
CA ASP C 59 10.36 9.05 21.35
C ASP C 59 11.81 9.20 20.89
N MET A 1 12.57 -1.29 2.18
CA MET A 1 11.61 -2.41 2.03
C MET A 1 11.03 -2.80 3.39
N LEU A 2 9.75 -3.14 3.45
CA LEU A 2 9.11 -3.62 4.67
C LEU A 2 8.14 -4.74 4.35
N ILE A 3 7.90 -5.61 5.33
CA ILE A 3 6.97 -6.71 5.21
C ILE A 3 6.17 -6.80 6.52
N LEU A 4 4.91 -7.20 6.42
CA LEU A 4 3.97 -7.28 7.53
C LEU A 4 3.06 -8.49 7.36
N THR A 5 2.33 -8.85 8.41
CA THR A 5 1.31 -9.88 8.31
C THR A 5 0.05 -9.39 9.02
N ARG A 6 -0.89 -8.89 8.22
CA ARG A 6 -2.18 -8.40 8.72
C ARG A 6 -3.25 -9.44 8.40
N LYS A 7 -4.49 -9.20 8.81
CA LYS A 7 -5.59 -10.06 8.41
C LYS A 7 -6.77 -9.23 7.95
N VAL A 8 -7.77 -9.89 7.35
CA VAL A 8 -8.87 -9.17 6.72
C VAL A 8 -9.58 -8.25 7.70
N GLY A 9 -9.82 -7.01 7.25
CA GLY A 9 -10.49 -5.98 8.03
C GLY A 9 -9.51 -4.99 8.68
N GLU A 10 -8.22 -5.29 8.66
CA GLU A 10 -7.18 -4.43 9.23
C GLU A 10 -6.68 -3.41 8.20
N SER A 11 -5.72 -2.57 8.60
CA SER A 11 -5.20 -1.50 7.74
C SER A 11 -3.71 -1.28 7.97
N ILE A 12 -3.11 -0.51 7.05
CA ILE A 12 -1.69 -0.14 7.06
C ILE A 12 -1.61 1.33 6.60
N ASN A 13 -0.48 2.00 6.82
CA ASN A 13 -0.35 3.42 6.49
C ASN A 13 1.00 3.72 5.85
N ILE A 14 1.01 4.80 5.04
CA ILE A 14 2.21 5.28 4.37
C ILE A 14 2.19 6.81 4.39
N GLY A 15 3.38 7.43 4.44
CA GLY A 15 3.50 8.88 4.50
C GLY A 15 2.68 9.41 5.66
N ASP A 16 2.03 10.56 5.44
CA ASP A 16 1.13 11.16 6.41
C ASP A 16 -0.20 11.53 5.74
N ASP A 17 -0.41 11.05 4.51
CA ASP A 17 -1.61 11.29 3.73
C ASP A 17 -2.07 10.04 2.99
N ILE A 18 -1.51 8.85 3.30
CA ILE A 18 -1.90 7.63 2.61
C ILE A 18 -2.26 6.53 3.61
N THR A 19 -3.25 5.72 3.26
CA THR A 19 -3.70 4.59 4.05
C THR A 19 -4.00 3.43 3.12
N ILE A 20 -3.93 2.21 3.65
CA ILE A 20 -4.18 0.98 2.93
C ILE A 20 -5.10 0.10 3.78
N THR A 21 -5.94 -0.71 3.13
CA THR A 21 -6.88 -1.57 3.84
C THR A 21 -6.96 -2.93 3.15
N ILE A 22 -7.17 -3.98 3.93
CA ILE A 22 -7.34 -5.33 3.42
C ILE A 22 -8.81 -5.69 3.53
N LEU A 23 -9.57 -5.51 2.45
CA LEU A 23 -11.02 -5.72 2.48
C LEU A 23 -11.36 -7.20 2.69
N GLY A 24 -10.49 -8.12 2.25
CA GLY A 24 -10.69 -9.56 2.46
C GLY A 24 -9.92 -10.42 1.47
N VAL A 25 -10.19 -11.73 1.47
CA VAL A 25 -9.53 -12.66 0.55
C VAL A 25 -10.52 -13.65 -0.05
N SER A 26 -10.12 -14.31 -1.14
CA SER A 26 -10.90 -15.33 -1.81
C SER A 26 -9.94 -16.31 -2.50
N GLY A 27 -9.52 -17.36 -1.79
CA GLY A 27 -8.61 -18.36 -2.34
C GLY A 27 -7.20 -17.82 -2.42
N GLN A 28 -6.85 -17.17 -3.52
CA GLN A 28 -5.56 -16.49 -3.69
C GLN A 28 -5.78 -15.01 -3.92
N GLN A 29 -6.98 -14.61 -4.34
CA GLN A 29 -7.25 -13.20 -4.53
C GLN A 29 -7.33 -12.55 -3.17
N VAL A 30 -6.95 -11.29 -3.12
CA VAL A 30 -6.92 -10.49 -1.91
C VAL A 30 -7.49 -9.14 -2.30
N ARG A 31 -8.68 -8.81 -1.80
CA ARG A 31 -9.30 -7.55 -2.12
C ARG A 31 -8.70 -6.49 -1.22
N ILE A 32 -8.18 -5.42 -1.84
CA ILE A 32 -7.42 -4.41 -1.12
C ILE A 32 -8.01 -3.03 -1.42
N GLY A 33 -7.81 -2.08 -0.50
CA GLY A 33 -8.26 -0.72 -0.67
C GLY A 33 -7.09 0.24 -0.43
N ILE A 34 -7.18 1.43 -1.03
CA ILE A 34 -6.11 2.41 -0.99
C ILE A 34 -6.75 3.78 -0.84
N ASN A 35 -6.14 4.64 -0.02
CA ASN A 35 -6.71 5.93 0.28
C ASN A 35 -5.61 6.99 0.30
N ALA A 36 -5.56 7.78 -0.76
CA ALA A 36 -4.61 8.86 -0.92
C ALA A 36 -5.28 9.99 -1.67
N PRO A 37 -4.80 11.23 -1.48
CA PRO A 37 -5.33 12.38 -2.17
C PRO A 37 -5.17 12.21 -3.68
N LYS A 38 -6.05 12.87 -4.45
CA LYS A 38 -5.99 12.84 -5.90
C LYS A 38 -4.71 13.53 -6.39
N ASP A 39 -3.95 14.10 -5.46
CA ASP A 39 -2.68 14.78 -5.67
C ASP A 39 -1.54 13.81 -5.96
N VAL A 40 -1.77 12.50 -5.81
CA VAL A 40 -0.76 11.48 -6.06
C VAL A 40 -1.35 10.38 -6.92
N ALA A 41 -0.49 9.49 -7.43
CA ALA A 41 -0.94 8.46 -8.35
C ALA A 41 -1.01 7.09 -7.66
N VAL A 42 -1.87 6.22 -8.18
CA VAL A 42 -1.98 4.84 -7.72
C VAL A 42 -2.60 3.99 -8.83
N HIS A 43 -1.94 2.88 -9.18
CA HIS A 43 -2.42 1.97 -10.23
C HIS A 43 -1.87 0.56 -10.00
N ARG A 44 -2.34 -0.40 -10.80
CA ARG A 44 -1.81 -1.75 -10.79
C ARG A 44 -0.39 -1.69 -11.37
N GLU A 45 0.45 -2.67 -11.03
CA GLU A 45 1.82 -2.69 -11.50
C GLU A 45 1.86 -2.70 -13.03
N GLU A 46 0.77 -3.16 -13.65
CA GLU A 46 0.64 -3.22 -15.11
C GLU A 46 0.57 -1.81 -15.69
N ILE A 47 -0.30 -0.97 -15.13
CA ILE A 47 -0.57 0.35 -15.67
C ILE A 47 0.58 1.31 -15.32
N TYR A 48 1.30 1.01 -14.24
CA TYR A 48 2.40 1.85 -13.78
C TYR A 48 3.50 1.96 -14.83
N GLN A 49 3.66 0.92 -15.66
CA GLN A 49 4.71 0.88 -16.67
C GLN A 49 4.41 1.84 -17.83
N ARG A 50 3.14 2.21 -18.03
CA ARG A 50 2.73 3.16 -19.06
C ARG A 50 3.10 4.57 -18.62
N ILE A 51 3.29 4.76 -17.33
CA ILE A 51 3.48 6.07 -16.74
C ILE A 51 4.96 6.34 -16.50
N GLN A 52 5.70 5.37 -15.95
CA GLN A 52 7.12 5.54 -15.70
C GLN A 52 7.92 5.56 -17.00
N ALA A 53 7.22 5.49 -18.15
CA ALA A 53 7.86 5.60 -19.45
C ALA A 53 8.43 7.01 -19.67
N GLY A 54 8.00 7.99 -18.87
CA GLY A 54 8.54 9.34 -18.95
C GLY A 54 7.56 10.44 -18.57
N LEU A 55 6.47 10.12 -17.85
CA LEU A 55 5.41 11.09 -17.63
C LEU A 55 4.54 10.77 -16.41
N THR A 56 3.52 11.61 -16.17
CA THR A 56 2.51 11.39 -15.15
C THR A 56 1.16 11.96 -15.61
N ALA A 57 1.08 12.41 -16.87
CA ALA A 57 -0.13 13.01 -17.42
C ALA A 57 -0.16 12.80 -18.94
N PRO A 58 -0.56 11.60 -19.39
CA PRO A 58 -0.69 11.26 -20.80
C PRO A 58 -1.51 12.24 -21.63
N ASP A 59 -1.52 12.03 -22.95
CA ASP A 59 -2.20 12.89 -23.91
C ASP A 59 -3.69 13.07 -23.61
N MET C 1 -10.06 7.57 -3.04
CA MET C 1 -10.18 6.16 -2.60
C MET C 1 -10.13 5.24 -3.80
N LEU C 2 -9.47 4.09 -3.68
CA LEU C 2 -9.43 3.08 -4.74
C LEU C 2 -9.53 1.69 -4.12
N ILE C 3 -10.03 0.73 -4.90
CA ILE C 3 -10.13 -0.66 -4.46
C ILE C 3 -9.64 -1.56 -5.58
N LEU C 4 -8.85 -2.57 -5.23
CA LEU C 4 -8.17 -3.48 -6.14
C LEU C 4 -8.41 -4.92 -5.70
N THR C 5 -8.12 -5.88 -6.58
CA THR C 5 -8.14 -7.29 -6.22
C THR C 5 -6.96 -7.99 -6.86
N ARG C 6 -5.90 -8.17 -6.07
CA ARG C 6 -4.63 -8.75 -6.48
C ARG C 6 -4.55 -10.18 -5.94
N LYS C 7 -3.65 -11.02 -6.47
CA LYS C 7 -3.44 -12.34 -5.88
C LYS C 7 -1.97 -12.53 -5.53
N VAL C 8 -1.68 -13.59 -4.77
CA VAL C 8 -0.36 -13.78 -4.20
C VAL C 8 0.72 -13.85 -5.26
N GLY C 9 1.75 -13.00 -5.08
CA GLY C 9 2.90 -12.98 -5.98
C GLY C 9 2.83 -11.81 -6.97
N GLU C 10 1.80 -10.95 -6.88
CA GLU C 10 1.64 -9.82 -7.77
C GLU C 10 1.77 -8.50 -7.00
N SER C 11 1.71 -7.35 -7.69
CA SER C 11 2.03 -6.07 -7.09
C SER C 11 1.13 -4.92 -7.55
N ILE C 12 1.25 -3.79 -6.84
CA ILE C 12 0.51 -2.55 -7.07
C ILE C 12 1.50 -1.39 -6.82
N ASN C 13 1.18 -0.16 -7.24
CA ASN C 13 2.09 0.96 -7.11
C ASN C 13 1.38 2.24 -6.68
N ILE C 14 2.15 3.15 -6.07
CA ILE C 14 1.67 4.46 -5.63
C ILE C 14 2.77 5.49 -5.90
N GLY C 15 2.37 6.75 -6.14
CA GLY C 15 3.29 7.83 -6.43
C GLY C 15 4.20 7.45 -7.60
N ASP C 16 5.47 7.83 -7.48
CA ASP C 16 6.50 7.51 -8.46
C ASP C 16 7.71 6.89 -7.76
N ASP C 17 7.55 6.56 -6.48
CA ASP C 17 8.63 6.02 -5.65
C ASP C 17 8.12 4.97 -4.65
N ILE C 18 6.88 4.50 -4.81
CA ILE C 18 6.34 3.51 -3.87
C ILE C 18 5.77 2.32 -4.64
N THR C 19 5.89 1.14 -4.01
CA THR C 19 5.39 -0.12 -4.56
C THR C 19 4.80 -0.96 -3.43
N ILE C 20 3.88 -1.85 -3.78
CA ILE C 20 3.19 -2.72 -2.83
C ILE C 20 3.17 -4.13 -3.43
N THR C 21 3.27 -5.15 -2.58
CA THR C 21 3.28 -6.54 -3.03
C THR C 21 2.53 -7.41 -2.04
N ILE C 22 1.85 -8.45 -2.55
CA ILE C 22 1.13 -9.42 -1.75
C ILE C 22 1.93 -10.73 -1.78
N LEU C 23 2.74 -10.98 -0.73
CA LEU C 23 3.61 -12.14 -0.74
C LEU C 23 2.80 -13.44 -0.67
N GLY C 24 1.66 -13.42 0.05
CA GLY C 24 0.86 -14.62 0.19
C GLY C 24 -0.18 -14.53 1.30
N VAL C 25 -0.90 -15.62 1.54
CA VAL C 25 -1.94 -15.67 2.57
C VAL C 25 -1.83 -16.95 3.40
N SER C 26 -2.45 -16.92 4.59
CA SER C 26 -2.52 -18.06 5.48
C SER C 26 -3.80 -17.95 6.33
N GLY C 27 -4.90 -18.51 5.82
CA GLY C 27 -6.19 -18.44 6.50
C GLY C 27 -6.80 -17.06 6.31
N GLN C 28 -6.65 -16.18 7.31
CA GLN C 28 -7.08 -14.79 7.19
C GLN C 28 -5.86 -13.88 7.20
N GLN C 29 -4.71 -14.39 7.66
CA GLN C 29 -3.51 -13.59 7.64
C GLN C 29 -3.06 -13.43 6.20
N VAL C 30 -2.43 -12.29 5.92
CA VAL C 30 -1.95 -11.93 4.60
C VAL C 30 -0.57 -11.32 4.78
N ARG C 31 0.45 -11.97 4.21
CA ARG C 31 1.80 -11.44 4.19
C ARG C 31 1.85 -10.41 3.09
N ILE C 32 2.14 -9.16 3.46
CA ILE C 32 2.16 -8.03 2.54
C ILE C 32 3.52 -7.35 2.62
N GLY C 33 3.93 -6.71 1.53
CA GLY C 33 5.21 -6.01 1.48
C GLY C 33 5.01 -4.61 0.93
N ILE C 34 5.92 -3.72 1.30
CA ILE C 34 5.88 -2.30 0.93
C ILE C 34 7.29 -1.85 0.63
N ASN C 35 7.42 -0.95 -0.34
CA ASN C 35 8.72 -0.48 -0.76
C ASN C 35 8.66 1.01 -1.05
N ALA C 36 9.29 1.80 -0.18
CA ALA C 36 9.35 3.25 -0.31
C ALA C 36 10.65 3.76 0.29
N PRO C 37 11.09 4.95 -0.13
CA PRO C 37 12.27 5.59 0.42
C PRO C 37 12.07 5.93 1.89
N LYS C 38 13.18 6.12 2.62
CA LYS C 38 13.13 6.60 3.99
C LYS C 38 12.71 8.07 4.02
N ASP C 39 12.48 8.62 2.84
CA ASP C 39 11.94 9.95 2.62
C ASP C 39 10.49 10.02 3.10
N VAL C 40 9.89 8.86 3.37
CA VAL C 40 8.50 8.73 3.80
C VAL C 40 8.41 7.68 4.90
N ALA C 41 7.27 7.61 5.57
CA ALA C 41 7.06 6.68 6.68
C ALA C 41 6.11 5.56 6.26
N VAL C 42 6.19 4.42 6.95
CA VAL C 42 5.27 3.30 6.72
C VAL C 42 5.20 2.42 7.96
N HIS C 43 3.99 2.14 8.42
CA HIS C 43 3.72 1.28 9.57
C HIS C 43 2.31 0.74 9.45
N ARG C 44 1.91 -0.20 10.31
CA ARG C 44 0.53 -0.68 10.29
C ARG C 44 -0.34 0.33 11.05
N GLU C 45 -1.66 0.23 10.91
CA GLU C 45 -2.56 1.21 11.51
C GLU C 45 -2.40 1.30 13.02
N GLU C 46 -1.88 0.24 13.66
CA GLU C 46 -1.67 0.20 15.09
C GLU C 46 -0.53 1.13 15.53
N ILE C 47 0.53 1.22 14.72
CA ILE C 47 1.70 1.98 15.10
C ILE C 47 1.56 3.41 14.60
N TYR C 48 0.76 3.61 13.54
CA TYR C 48 0.53 4.92 12.96
C TYR C 48 -0.07 5.89 13.98
N GLN C 49 -0.80 5.36 14.95
CA GLN C 49 -1.43 6.16 16.00
C GLN C 49 -0.38 6.73 16.96
N ARG C 50 0.81 6.12 17.01
CA ARG C 50 1.91 6.62 17.83
C ARG C 50 2.70 7.66 17.05
N ILE C 51 2.50 7.71 15.73
CA ILE C 51 3.11 8.72 14.89
C ILE C 51 2.29 10.00 15.02
N GLN C 52 1.00 9.90 14.69
CA GLN C 52 0.08 11.03 14.64
C GLN C 52 -0.23 11.60 16.02
N ALA C 53 0.42 11.06 17.06
CA ALA C 53 0.29 11.56 18.41
C ALA C 53 0.86 12.98 18.54
N GLY C 54 1.66 13.43 17.56
CA GLY C 54 2.20 14.78 17.56
C GLY C 54 3.50 14.92 16.77
N LEU C 55 3.85 13.94 15.94
CA LEU C 55 5.17 13.90 15.31
C LEU C 55 5.19 13.06 14.04
N THR C 56 6.38 12.90 13.45
CA THR C 56 6.60 11.99 12.31
C THR C 56 8.00 11.39 12.38
N ALA C 57 8.77 11.74 13.43
CA ALA C 57 10.13 11.29 13.61
C ALA C 57 10.46 11.25 15.11
N PRO C 58 10.05 10.17 15.80
CA PRO C 58 10.28 9.97 17.23
C PRO C 58 11.72 10.15 17.69
N ASP C 59 11.89 10.17 19.01
CA ASP C 59 13.18 10.37 19.66
C ASP C 59 14.16 9.24 19.33
N MET A 1 12.54 -1.30 2.27
CA MET A 1 11.59 -2.42 2.12
C MET A 1 11.01 -2.79 3.47
N LEU A 2 9.72 -3.12 3.52
CA LEU A 2 9.08 -3.64 4.72
C LEU A 2 8.19 -4.82 4.34
N ILE A 3 7.94 -5.69 5.31
CA ILE A 3 7.04 -6.83 5.16
C ILE A 3 6.22 -6.94 6.45
N LEU A 4 4.97 -7.38 6.31
CA LEU A 4 4.03 -7.49 7.41
C LEU A 4 3.18 -8.74 7.23
N THR A 5 2.44 -9.12 8.28
CA THR A 5 1.47 -10.21 8.17
C THR A 5 0.20 -9.77 8.88
N ARG A 6 -0.74 -9.23 8.10
CA ARG A 6 -1.99 -8.71 8.59
C ARG A 6 -3.12 -9.65 8.21
N LYS A 7 -4.37 -9.34 8.59
CA LYS A 7 -5.49 -10.15 8.15
C LYS A 7 -6.67 -9.29 7.73
N VAL A 8 -7.69 -9.93 7.15
CA VAL A 8 -8.80 -9.21 6.57
C VAL A 8 -9.49 -8.30 7.59
N GLY A 9 -9.80 -7.09 7.15
CA GLY A 9 -10.50 -6.10 7.97
C GLY A 9 -9.55 -5.11 8.65
N GLU A 10 -8.24 -5.33 8.56
CA GLU A 10 -7.24 -4.47 9.20
C GLU A 10 -6.73 -3.39 8.24
N SER A 11 -5.82 -2.53 8.71
CA SER A 11 -5.29 -1.43 7.91
C SER A 11 -3.83 -1.13 8.27
N ILE A 12 -3.18 -0.35 7.39
CA ILE A 12 -1.78 0.09 7.51
C ILE A 12 -1.70 1.52 6.98
N ASN A 13 -0.58 2.22 7.20
CA ASN A 13 -0.43 3.61 6.79
C ASN A 13 0.92 3.89 6.15
N ILE A 14 0.95 4.91 5.29
CA ILE A 14 2.15 5.36 4.59
C ILE A 14 2.14 6.88 4.53
N GLY A 15 3.33 7.50 4.52
CA GLY A 15 3.47 8.94 4.50
C GLY A 15 2.68 9.56 5.64
N ASP A 16 2.02 10.69 5.35
CA ASP A 16 1.16 11.37 6.31
C ASP A 16 -0.20 11.68 5.66
N ASP A 17 -0.45 11.12 4.48
CA ASP A 17 -1.68 11.31 3.73
C ASP A 17 -2.14 10.03 3.03
N ILE A 18 -1.57 8.87 3.37
CA ILE A 18 -1.96 7.62 2.71
C ILE A 18 -2.33 6.55 3.73
N THR A 19 -3.28 5.70 3.35
CA THR A 19 -3.75 4.58 4.16
C THR A 19 -4.01 3.39 3.25
N ILE A 20 -3.94 2.18 3.80
CA ILE A 20 -4.14 0.94 3.07
C ILE A 20 -5.07 0.04 3.91
N THR A 21 -5.91 -0.74 3.25
CA THR A 21 -6.85 -1.63 3.93
C THR A 21 -6.96 -2.96 3.20
N ILE A 22 -7.21 -4.04 3.94
CA ILE A 22 -7.37 -5.38 3.41
C ILE A 22 -8.84 -5.77 3.50
N LEU A 23 -9.60 -5.56 2.43
CA LEU A 23 -11.05 -5.75 2.45
C LEU A 23 -11.42 -7.22 2.64
N GLY A 24 -10.56 -8.15 2.22
CA GLY A 24 -10.81 -9.57 2.41
C GLY A 24 -10.07 -10.43 1.39
N VAL A 25 -10.39 -11.73 1.34
CA VAL A 25 -9.80 -12.64 0.37
C VAL A 25 -10.87 -13.49 -0.31
N SER A 26 -10.51 -14.06 -1.46
CA SER A 26 -11.36 -14.97 -2.22
C SER A 26 -10.45 -15.93 -2.97
N GLY A 27 -10.13 -17.07 -2.35
CA GLY A 27 -9.15 -17.98 -2.93
C GLY A 27 -7.78 -17.32 -2.86
N GLN A 28 -7.00 -17.38 -3.95
CA GLN A 28 -5.71 -16.70 -3.98
C GLN A 28 -5.91 -15.21 -4.15
N GLN A 29 -7.09 -14.79 -4.60
CA GLN A 29 -7.36 -13.38 -4.77
C GLN A 29 -7.46 -12.73 -3.40
N VAL A 30 -7.09 -11.46 -3.33
CA VAL A 30 -7.06 -10.67 -2.11
C VAL A 30 -7.62 -9.31 -2.49
N ARG A 31 -8.73 -8.93 -1.86
CA ARG A 31 -9.39 -7.67 -2.13
C ARG A 31 -8.76 -6.62 -1.23
N ILE A 32 -8.33 -5.50 -1.82
CA ILE A 32 -7.52 -4.52 -1.12
C ILE A 32 -8.04 -3.12 -1.43
N GLY A 33 -7.78 -2.16 -0.53
CA GLY A 33 -8.21 -0.79 -0.70
C GLY A 33 -7.04 0.15 -0.42
N ILE A 34 -7.10 1.34 -1.02
CA ILE A 34 -6.05 2.35 -0.91
C ILE A 34 -6.71 3.71 -0.79
N ASN A 35 -6.10 4.60 -0.01
CA ASN A 35 -6.68 5.90 0.24
C ASN A 35 -5.58 6.96 0.26
N ALA A 36 -5.55 7.78 -0.79
CA ALA A 36 -4.60 8.87 -0.94
C ALA A 36 -5.25 10.00 -1.73
N PRO A 37 -4.73 11.22 -1.59
CA PRO A 37 -5.18 12.38 -2.34
C PRO A 37 -4.88 12.20 -3.83
N LYS A 38 -5.59 12.96 -4.67
CA LYS A 38 -5.30 13.00 -6.11
C LYS A 38 -4.00 13.75 -6.36
N ASP A 39 -3.40 14.23 -5.26
CA ASP A 39 -2.08 14.84 -5.24
C ASP A 39 -1.00 13.81 -5.58
N VAL A 40 -1.37 12.54 -5.60
CA VAL A 40 -0.47 11.43 -5.88
C VAL A 40 -1.16 10.41 -6.78
N ALA A 41 -0.40 9.45 -7.33
CA ALA A 41 -0.95 8.48 -8.26
C ALA A 41 -0.97 7.09 -7.63
N VAL A 42 -1.86 6.23 -8.13
CA VAL A 42 -1.93 4.84 -7.68
C VAL A 42 -2.57 3.99 -8.76
N HIS A 43 -1.91 2.86 -9.08
CA HIS A 43 -2.41 1.90 -10.06
C HIS A 43 -1.81 0.52 -9.78
N ARG A 44 -2.25 -0.50 -10.51
CA ARG A 44 -1.63 -1.81 -10.41
C ARG A 44 -0.27 -1.75 -11.10
N GLU A 45 0.58 -2.74 -10.84
CA GLU A 45 1.90 -2.76 -11.47
C GLU A 45 1.76 -2.85 -12.99
N GLU A 46 0.65 -3.42 -13.46
CA GLU A 46 0.37 -3.57 -14.88
C GLU A 46 0.16 -2.20 -15.54
N ILE A 47 -0.50 -1.29 -14.83
CA ILE A 47 -0.88 0.01 -15.39
C ILE A 47 0.20 1.05 -15.13
N TYR A 48 0.94 0.89 -14.02
CA TYR A 48 1.98 1.82 -13.62
C TYR A 48 3.00 2.03 -14.74
N GLN A 49 3.20 1.01 -15.56
CA GLN A 49 4.17 1.03 -16.65
C GLN A 49 3.87 2.12 -17.68
N ARG A 50 2.65 2.69 -17.68
CA ARG A 50 2.32 3.77 -18.59
C ARG A 50 2.80 5.08 -18.00
N ILE A 51 2.63 5.24 -16.70
CA ILE A 51 3.01 6.44 -15.95
C ILE A 51 4.54 6.58 -15.98
N GLN A 52 5.23 5.51 -16.35
CA GLN A 52 6.68 5.50 -16.46
C GLN A 52 7.18 5.41 -17.90
N ALA A 53 6.30 5.42 -18.91
CA ALA A 53 6.72 5.26 -20.29
C ALA A 53 6.02 6.18 -21.30
N GLY A 54 5.05 6.99 -20.86
CA GLY A 54 4.36 7.92 -21.76
C GLY A 54 3.26 8.73 -21.08
N LEU A 55 2.91 8.33 -19.86
CA LEU A 55 2.03 9.06 -18.94
C LEU A 55 0.58 9.05 -19.44
N THR A 56 -0.32 9.60 -18.62
CA THR A 56 -1.74 9.63 -18.92
C THR A 56 -2.39 10.92 -18.42
N ALA A 57 -1.57 11.89 -17.98
CA ALA A 57 -2.05 13.16 -17.47
C ALA A 57 -1.01 14.26 -17.70
N PRO A 58 -0.82 14.69 -18.96
CA PRO A 58 0.10 15.76 -19.34
C PRO A 58 -0.10 17.05 -18.56
N ASP A 59 0.79 18.01 -18.81
CA ASP A 59 0.78 19.32 -18.17
C ASP A 59 -0.47 20.13 -18.51
N MET C 1 -10.10 7.34 -2.95
CA MET C 1 -10.21 5.93 -2.49
C MET C 1 -10.20 5.00 -3.70
N LEU C 2 -9.43 3.91 -3.64
CA LEU C 2 -9.39 2.92 -4.70
C LEU C 2 -9.48 1.52 -4.10
N ILE C 3 -10.02 0.59 -4.88
CA ILE C 3 -10.14 -0.81 -4.49
C ILE C 3 -9.66 -1.68 -5.64
N LEU C 4 -9.09 -2.83 -5.31
CA LEU C 4 -8.49 -3.75 -6.27
C LEU C 4 -8.69 -5.19 -5.82
N THR C 5 -8.45 -6.14 -6.72
CA THR C 5 -8.47 -7.56 -6.37
C THR C 5 -7.31 -8.26 -7.08
N ARG C 6 -6.19 -8.38 -6.37
CA ARG C 6 -4.96 -9.01 -6.86
C ARG C 6 -4.81 -10.39 -6.22
N LYS C 7 -3.81 -11.17 -6.64
CA LYS C 7 -3.54 -12.45 -5.99
C LYS C 7 -2.06 -12.60 -5.66
N VAL C 8 -1.74 -13.65 -4.90
CA VAL C 8 -0.40 -13.81 -4.37
C VAL C 8 0.65 -13.83 -5.47
N GLY C 9 1.72 -13.04 -5.28
CA GLY C 9 2.82 -12.95 -6.22
C GLY C 9 2.69 -11.75 -7.16
N GLU C 10 1.64 -10.93 -7.01
CA GLU C 10 1.42 -9.77 -7.85
C GLU C 10 1.75 -8.48 -7.09
N SER C 11 1.63 -7.32 -7.75
CA SER C 11 2.05 -6.06 -7.17
C SER C 11 1.14 -4.89 -7.54
N ILE C 12 1.34 -3.78 -6.83
CA ILE C 12 0.58 -2.53 -6.97
C ILE C 12 1.58 -1.38 -6.76
N ASN C 13 1.23 -0.15 -7.14
CA ASN C 13 2.15 0.98 -7.04
C ASN C 13 1.47 2.26 -6.60
N ILE C 14 2.25 3.16 -6.01
CA ILE C 14 1.80 4.46 -5.52
C ILE C 14 2.88 5.50 -5.84
N GLY C 15 2.47 6.74 -6.10
CA GLY C 15 3.38 7.82 -6.44
C GLY C 15 4.26 7.41 -7.62
N ASP C 16 5.55 7.75 -7.55
CA ASP C 16 6.54 7.38 -8.54
C ASP C 16 7.76 6.77 -7.85
N ASP C 17 7.63 6.49 -6.55
CA ASP C 17 8.72 5.98 -5.74
C ASP C 17 8.24 4.93 -4.73
N ILE C 18 7.00 4.46 -4.83
CA ILE C 18 6.48 3.47 -3.90
C ILE C 18 5.90 2.27 -4.64
N THR C 19 6.04 1.09 -4.05
CA THR C 19 5.53 -0.16 -4.60
C THR C 19 4.96 -0.99 -3.46
N ILE C 20 4.02 -1.88 -3.78
CA ILE C 20 3.37 -2.76 -2.83
C ILE C 20 3.33 -4.16 -3.44
N THR C 21 3.46 -5.20 -2.61
CA THR C 21 3.45 -6.57 -3.11
C THR C 21 2.67 -7.46 -2.16
N ILE C 22 2.00 -8.48 -2.72
CA ILE C 22 1.24 -9.46 -1.95
C ILE C 22 2.03 -10.77 -1.96
N LEU C 23 2.80 -10.99 -0.90
CA LEU C 23 3.73 -12.12 -0.84
C LEU C 23 3.00 -13.45 -0.69
N GLY C 24 1.79 -13.44 -0.13
CA GLY C 24 0.99 -14.66 -0.01
C GLY C 24 -0.08 -14.58 1.07
N VAL C 25 -0.78 -15.69 1.33
CA VAL C 25 -1.82 -15.74 2.37
C VAL C 25 -1.73 -17.02 3.20
N SER C 26 -2.34 -16.98 4.38
CA SER C 26 -2.43 -18.11 5.30
C SER C 26 -3.73 -17.99 6.10
N GLY C 27 -4.82 -18.56 5.59
CA GLY C 27 -6.11 -18.50 6.26
C GLY C 27 -6.73 -17.11 6.08
N GLN C 28 -6.65 -16.26 7.11
CA GLN C 28 -7.07 -14.87 6.99
C GLN C 28 -5.85 -13.98 6.95
N GLN C 29 -4.71 -14.48 7.44
CA GLN C 29 -3.48 -13.71 7.40
C GLN C 29 -3.06 -13.56 5.95
N VAL C 30 -2.40 -12.43 5.67
CA VAL C 30 -1.93 -12.06 4.35
C VAL C 30 -0.54 -11.47 4.53
N ARG C 31 0.47 -12.13 3.96
CA ARG C 31 1.83 -11.61 3.95
C ARG C 31 1.91 -10.53 2.89
N ILE C 32 2.28 -9.32 3.31
CA ILE C 32 2.31 -8.17 2.41
C ILE C 32 3.67 -7.49 2.51
N GLY C 33 4.07 -6.79 1.46
CA GLY C 33 5.33 -6.07 1.45
C GLY C 33 5.13 -4.65 0.92
N ILE C 34 6.06 -3.77 1.28
CA ILE C 34 6.03 -2.35 0.93
C ILE C 34 7.43 -1.91 0.59
N ASN C 35 7.56 -1.03 -0.40
CA ASN C 35 8.87 -0.59 -0.85
C ASN C 35 8.82 0.90 -1.14
N ALA C 36 9.45 1.68 -0.27
CA ALA C 36 9.52 3.13 -0.40
C ALA C 36 10.83 3.64 0.20
N PRO C 37 11.27 4.82 -0.24
CA PRO C 37 12.46 5.47 0.29
C PRO C 37 12.26 5.84 1.75
N LYS C 38 13.37 6.02 2.49
CA LYS C 38 13.33 6.47 3.88
C LYS C 38 12.95 7.95 3.95
N ASP C 39 12.73 8.55 2.77
CA ASP C 39 12.24 9.91 2.62
C ASP C 39 10.75 9.99 2.98
N VAL C 40 10.11 8.85 3.22
CA VAL C 40 8.71 8.77 3.59
C VAL C 40 8.54 7.76 4.72
N ALA C 41 7.37 7.73 5.35
CA ALA C 41 7.14 6.88 6.49
C ALA C 41 6.18 5.74 6.17
N VAL C 42 6.25 4.66 6.94
CA VAL C 42 5.33 3.53 6.82
C VAL C 42 5.29 2.79 8.15
N HIS C 43 4.09 2.61 8.70
CA HIS C 43 3.90 1.92 9.97
C HIS C 43 2.52 1.27 10.00
N ARG C 44 2.26 0.44 11.01
CA ARG C 44 0.97 -0.20 11.18
C ARG C 44 -0.03 0.85 11.62
N GLU C 45 -1.32 0.57 11.45
CA GLU C 45 -2.35 1.52 11.83
C GLU C 45 -2.30 1.81 13.33
N GLU C 46 -1.66 0.92 14.09
CA GLU C 46 -1.48 1.09 15.53
C GLU C 46 -0.38 2.11 15.81
N ILE C 47 0.78 1.95 15.18
CA ILE C 47 1.94 2.81 15.42
C ILE C 47 1.68 4.20 14.84
N TYR C 48 0.90 4.28 13.76
CA TYR C 48 0.62 5.53 13.09
C TYR C 48 -0.07 6.54 14.01
N GLN C 49 -0.85 6.07 14.98
CA GLN C 49 -1.57 6.94 15.88
C GLN C 49 -0.65 7.58 16.91
N ARG C 50 0.53 6.98 17.16
CA ARG C 50 1.51 7.52 18.08
C ARG C 50 2.26 8.66 17.41
N ILE C 51 2.19 8.72 16.08
CA ILE C 51 2.94 9.67 15.29
C ILE C 51 2.06 10.84 14.89
N GLN C 52 0.83 10.59 14.45
CA GLN C 52 -0.08 11.64 14.06
C GLN C 52 -0.62 12.42 15.25
N ALA C 53 -0.15 12.10 16.47
CA ALA C 53 -0.54 12.83 17.66
C ALA C 53 -0.06 14.28 17.63
N GLY C 54 0.88 14.61 16.74
CA GLY C 54 1.36 15.98 16.61
C GLY C 54 2.83 16.06 16.15
N LEU C 55 3.37 14.99 15.55
CA LEU C 55 4.79 14.91 15.26
C LEU C 55 5.08 13.94 14.10
N THR C 56 6.35 13.60 13.92
CA THR C 56 6.79 12.62 12.92
C THR C 56 7.90 11.73 13.50
N ALA C 57 8.58 12.23 14.54
CA ALA C 57 9.63 11.50 15.24
C ALA C 57 9.85 12.17 16.61
N PRO C 58 9.36 11.55 17.71
CA PRO C 58 9.48 12.10 19.05
C PRO C 58 10.90 12.56 19.39
N ASP C 59 11.89 11.70 19.10
CA ASP C 59 13.29 11.99 19.39
C ASP C 59 14.18 10.88 18.85
N MET A 1 12.62 -1.09 2.37
CA MET A 1 11.71 -2.24 2.21
C MET A 1 11.10 -2.61 3.55
N LEU A 2 9.82 -3.01 3.56
CA LEU A 2 9.18 -3.53 4.75
C LEU A 2 8.28 -4.70 4.36
N ILE A 3 8.01 -5.58 5.32
CA ILE A 3 7.09 -6.69 5.14
C ILE A 3 6.22 -6.77 6.39
N LEU A 4 4.90 -6.87 6.19
CA LEU A 4 3.88 -6.86 7.23
C LEU A 4 3.00 -8.08 7.05
N THR A 5 2.31 -8.52 8.11
CA THR A 5 1.39 -9.64 8.00
C THR A 5 0.15 -9.40 8.85
N ARG A 6 -0.95 -9.00 8.20
CA ARG A 6 -2.20 -8.73 8.89
C ARG A 6 -3.35 -9.43 8.17
N LYS A 7 -4.53 -9.44 8.78
CA LYS A 7 -5.65 -10.22 8.27
C LYS A 7 -6.79 -9.33 7.80
N VAL A 8 -7.82 -9.94 7.22
CA VAL A 8 -8.91 -9.18 6.61
C VAL A 8 -9.59 -8.26 7.63
N GLY A 9 -9.90 -7.04 7.19
CA GLY A 9 -10.56 -6.04 8.01
C GLY A 9 -9.56 -5.07 8.66
N GLU A 10 -8.26 -5.38 8.62
CA GLU A 10 -7.23 -4.54 9.21
C GLU A 10 -6.77 -3.44 8.22
N SER A 11 -5.80 -2.63 8.65
CA SER A 11 -5.28 -1.53 7.85
C SER A 11 -3.79 -1.31 8.10
N ILE A 12 -3.15 -0.55 7.20
CA ILE A 12 -1.74 -0.19 7.24
C ILE A 12 -1.63 1.25 6.73
N ASN A 13 -0.51 1.95 6.95
CA ASN A 13 -0.40 3.35 6.60
C ASN A 13 0.95 3.70 5.96
N ILE A 14 0.97 4.77 5.17
CA ILE A 14 2.17 5.27 4.49
C ILE A 14 2.13 6.81 4.52
N GLY A 15 3.30 7.44 4.59
CA GLY A 15 3.41 8.88 4.64
C GLY A 15 2.56 9.44 5.79
N ASP A 16 1.92 10.58 5.52
CA ASP A 16 1.01 11.23 6.46
C ASP A 16 -0.31 11.55 5.77
N ASP A 17 -0.49 11.02 4.55
CA ASP A 17 -1.67 11.26 3.73
C ASP A 17 -2.11 10.01 2.98
N ILE A 18 -1.55 8.83 3.30
CA ILE A 18 -1.95 7.60 2.63
C ILE A 18 -2.31 6.51 3.65
N THR A 19 -3.30 5.69 3.29
CA THR A 19 -3.76 4.58 4.12
C THR A 19 -4.07 3.40 3.21
N ILE A 20 -4.01 2.19 3.76
CA ILE A 20 -4.27 0.95 3.04
C ILE A 20 -5.21 0.11 3.90
N THR A 21 -6.10 -0.63 3.25
CA THR A 21 -7.07 -1.48 3.94
C THR A 21 -7.26 -2.78 3.18
N ILE A 22 -7.52 -3.86 3.90
CA ILE A 22 -7.75 -5.18 3.31
C ILE A 22 -9.24 -5.47 3.41
N LEU A 23 -9.94 -5.44 2.26
CA LEU A 23 -11.38 -5.65 2.27
C LEU A 23 -11.71 -7.14 2.46
N GLY A 24 -10.77 -8.03 2.10
CA GLY A 24 -10.92 -9.46 2.36
C GLY A 24 -10.20 -10.31 1.32
N VAL A 25 -10.43 -11.63 1.32
CA VAL A 25 -9.82 -12.53 0.36
C VAL A 25 -10.82 -13.53 -0.19
N SER A 26 -10.44 -14.17 -1.31
CA SER A 26 -11.21 -15.23 -1.94
C SER A 26 -10.24 -16.16 -2.67
N GLY A 27 -9.97 -17.33 -2.08
CA GLY A 27 -9.02 -18.27 -2.65
C GLY A 27 -7.61 -17.71 -2.54
N GLN A 28 -7.07 -17.18 -3.65
CA GLN A 28 -5.77 -16.53 -3.65
C GLN A 28 -5.95 -15.05 -3.89
N GLN A 29 -7.13 -14.63 -4.34
CA GLN A 29 -7.40 -13.23 -4.56
C GLN A 29 -7.48 -12.54 -3.21
N VAL A 30 -7.08 -11.28 -3.18
CA VAL A 30 -7.04 -10.43 -2.00
C VAL A 30 -7.59 -9.08 -2.43
N ARG A 31 -8.78 -8.74 -1.94
CA ARG A 31 -9.43 -7.48 -2.28
C ARG A 31 -8.88 -6.40 -1.35
N ILE A 32 -8.41 -5.30 -1.92
CA ILE A 32 -7.69 -4.29 -1.17
C ILE A 32 -8.28 -2.91 -1.47
N GLY A 33 -8.10 -1.98 -0.52
CA GLY A 33 -8.54 -0.61 -0.67
C GLY A 33 -7.36 0.32 -0.36
N ILE A 34 -7.40 1.51 -0.96
CA ILE A 34 -6.31 2.48 -0.86
C ILE A 34 -6.92 3.85 -0.73
N ASN A 35 -6.27 4.72 0.04
CA ASN A 35 -6.79 6.04 0.30
C ASN A 35 -5.65 7.05 0.26
N ALA A 36 -5.61 7.84 -0.81
CA ALA A 36 -4.63 8.89 -1.00
C ALA A 36 -5.24 10.03 -1.81
N PRO A 37 -4.69 11.24 -1.65
CA PRO A 37 -5.11 12.41 -2.39
C PRO A 37 -4.85 12.25 -3.89
N LYS A 38 -5.56 13.02 -4.72
CA LYS A 38 -5.34 13.02 -6.16
C LYS A 38 -4.02 13.72 -6.51
N ASP A 39 -3.35 14.22 -5.48
CA ASP A 39 -2.02 14.81 -5.56
C ASP A 39 -0.96 13.74 -5.80
N VAL A 40 -1.36 12.47 -5.75
CA VAL A 40 -0.47 11.34 -5.97
C VAL A 40 -1.18 10.29 -6.83
N ALA A 41 -0.45 9.31 -7.32
CA ALA A 41 -1.01 8.32 -8.22
C ALA A 41 -1.05 6.93 -7.56
N VAL A 42 -1.92 6.06 -8.05
CA VAL A 42 -2.04 4.70 -7.58
C VAL A 42 -2.64 3.82 -8.67
N HIS A 43 -1.95 2.72 -9.02
CA HIS A 43 -2.40 1.78 -10.03
C HIS A 43 -1.75 0.43 -9.77
N ARG A 44 -2.17 -0.61 -10.50
CA ARG A 44 -1.53 -1.91 -10.39
C ARG A 44 -0.23 -1.89 -11.18
N GLU A 45 0.62 -2.89 -10.97
CA GLU A 45 1.95 -2.92 -11.58
C GLU A 45 1.86 -2.94 -13.11
N GLU A 46 0.72 -3.36 -13.67
CA GLU A 46 0.52 -3.40 -15.11
C GLU A 46 0.36 -1.99 -15.69
N ILE A 47 -0.50 -1.19 -15.05
CA ILE A 47 -0.80 0.15 -15.53
C ILE A 47 0.36 1.10 -15.19
N TYR A 48 1.12 0.79 -14.15
CA TYR A 48 2.22 1.64 -13.73
C TYR A 48 3.26 1.80 -14.85
N GLN A 49 3.43 0.77 -15.68
CA GLN A 49 4.41 0.74 -16.75
C GLN A 49 4.11 1.73 -17.87
N ARG A 50 2.88 2.24 -17.94
CA ARG A 50 2.50 3.23 -18.95
C ARG A 50 2.89 4.65 -18.52
N ILE A 51 3.06 4.86 -17.22
CA ILE A 51 3.15 6.20 -16.63
C ILE A 51 4.57 6.75 -16.54
N GLN A 52 5.44 6.12 -15.76
CA GLN A 52 6.83 6.53 -15.59
C GLN A 52 7.65 6.42 -16.89
N ALA A 53 7.00 6.04 -18.01
CA ALA A 53 7.67 5.84 -19.28
C ALA A 53 8.34 7.12 -19.81
N GLY A 54 7.97 8.29 -19.28
CA GLY A 54 8.58 9.55 -19.71
C GLY A 54 7.55 10.68 -19.78
N LEU A 55 6.42 10.57 -19.08
CA LEU A 55 5.32 11.51 -19.23
C LEU A 55 4.48 11.68 -17.97
N THR A 56 4.42 10.66 -17.12
CA THR A 56 3.60 10.63 -15.92
C THR A 56 2.15 11.07 -16.16
N ALA A 57 1.66 11.05 -17.41
CA ALA A 57 0.29 11.43 -17.72
C ALA A 57 -0.17 10.81 -19.06
N PRO A 58 -0.27 9.48 -19.14
CA PRO A 58 -0.74 8.76 -20.31
C PRO A 58 -2.08 9.23 -20.86
N ASP A 59 -2.44 8.69 -22.02
CA ASP A 59 -3.72 8.95 -22.65
C ASP A 59 -4.83 8.23 -21.88
N MET C 1 -9.93 7.61 -2.98
CA MET C 1 -10.15 6.21 -2.56
C MET C 1 -10.12 5.29 -3.77
N LEU C 2 -9.52 4.11 -3.64
CA LEU C 2 -9.52 3.11 -4.70
C LEU C 2 -9.72 1.72 -4.11
N ILE C 3 -10.34 0.83 -4.87
CA ILE C 3 -10.52 -0.56 -4.49
C ILE C 3 -10.25 -1.42 -5.71
N LEU C 4 -9.47 -2.48 -5.53
CA LEU C 4 -9.13 -3.40 -6.60
C LEU C 4 -8.59 -4.70 -6.01
N THR C 5 -8.51 -5.75 -6.84
CA THR C 5 -8.15 -7.08 -6.35
C THR C 5 -6.82 -7.53 -6.97
N ARG C 6 -6.11 -8.37 -6.21
CA ARG C 6 -4.79 -8.87 -6.54
C ARG C 6 -4.70 -10.31 -6.03
N LYS C 7 -3.76 -11.13 -6.50
CA LYS C 7 -3.52 -12.43 -5.88
C LYS C 7 -2.05 -12.59 -5.56
N VAL C 8 -1.74 -13.62 -4.77
CA VAL C 8 -0.39 -13.79 -4.24
C VAL C 8 0.66 -13.85 -5.34
N GLY C 9 1.75 -13.10 -5.14
CA GLY C 9 2.86 -13.07 -6.08
C GLY C 9 2.77 -11.90 -7.06
N GLU C 10 1.73 -11.06 -6.96
CA GLU C 10 1.55 -9.91 -7.84
C GLU C 10 1.84 -8.61 -7.08
N SER C 11 1.69 -7.45 -7.73
CA SER C 11 2.08 -6.17 -7.15
C SER C 11 1.14 -5.03 -7.51
N ILE C 12 1.31 -3.90 -6.81
CA ILE C 12 0.57 -2.64 -6.97
C ILE C 12 1.58 -1.51 -6.77
N ASN C 13 1.23 -0.28 -7.15
CA ASN C 13 2.14 0.86 -7.06
C ASN C 13 1.44 2.13 -6.58
N ILE C 14 2.20 3.04 -5.96
CA ILE C 14 1.73 4.32 -5.48
C ILE C 14 2.80 5.38 -5.74
N GLY C 15 2.36 6.62 -6.00
CA GLY C 15 3.28 7.71 -6.31
C GLY C 15 4.19 7.33 -7.48
N ASP C 16 5.46 7.75 -7.38
CA ASP C 16 6.48 7.42 -8.36
C ASP C 16 7.71 6.85 -7.65
N ASP C 17 7.56 6.54 -6.36
CA ASP C 17 8.65 6.05 -5.52
C ASP C 17 8.17 4.98 -4.54
N ILE C 18 6.94 4.47 -4.70
CA ILE C 18 6.43 3.45 -3.79
C ILE C 18 5.87 2.26 -4.56
N THR C 19 6.02 1.06 -3.99
CA THR C 19 5.55 -0.18 -4.57
C THR C 19 5.00 -1.07 -3.46
N ILE C 20 4.10 -1.98 -3.82
CA ILE C 20 3.47 -2.92 -2.90
C ILE C 20 3.47 -4.30 -3.53
N THR C 21 3.68 -5.36 -2.73
CA THR C 21 3.74 -6.71 -3.25
C THR C 21 3.09 -7.68 -2.27
N ILE C 22 2.07 -8.42 -2.72
CA ILE C 22 1.37 -9.41 -1.91
C ILE C 22 2.21 -10.69 -1.90
N LEU C 23 2.96 -10.92 -0.81
CA LEU C 23 3.86 -12.06 -0.74
C LEU C 23 3.08 -13.38 -0.64
N GLY C 24 1.91 -13.35 -0.02
CA GLY C 24 1.07 -14.55 0.10
C GLY C 24 0.07 -14.46 1.24
N VAL C 25 -0.63 -15.58 1.53
CA VAL C 25 -1.62 -15.61 2.60
C VAL C 25 -1.44 -16.84 3.48
N SER C 26 -2.07 -16.81 4.67
CA SER C 26 -2.08 -17.90 5.62
C SER C 26 -3.34 -17.83 6.46
N GLY C 27 -4.41 -18.53 6.02
CA GLY C 27 -5.67 -18.50 6.73
C GLY C 27 -6.42 -17.22 6.42
N GLN C 28 -6.38 -16.25 7.35
CA GLN C 28 -6.92 -14.92 7.08
C GLN C 28 -5.77 -13.91 7.07
N GLN C 29 -4.60 -14.30 7.59
CA GLN C 29 -3.45 -13.43 7.51
C GLN C 29 -3.01 -13.32 6.06
N VAL C 30 -2.46 -12.16 5.73
CA VAL C 30 -2.00 -11.82 4.40
C VAL C 30 -0.68 -11.09 4.57
N ARG C 31 0.42 -11.71 4.13
CA ARG C 31 1.73 -11.10 4.22
C ARG C 31 1.95 -10.24 2.98
N ILE C 32 2.34 -8.99 3.21
CA ILE C 32 2.49 -8.01 2.15
C ILE C 32 3.82 -7.29 2.33
N GLY C 33 4.38 -6.79 1.24
CA GLY C 33 5.63 -6.06 1.26
C GLY C 33 5.40 -4.64 0.75
N ILE C 34 6.31 -3.73 1.16
CA ILE C 34 6.22 -2.32 0.85
C ILE C 34 7.62 -1.82 0.55
N ASN C 35 7.75 -0.92 -0.41
CA ASN C 35 9.05 -0.43 -0.81
C ASN C 35 8.99 1.06 -1.09
N ALA C 36 9.57 1.84 -0.17
CA ALA C 36 9.61 3.29 -0.26
C ALA C 36 10.89 3.83 0.36
N PRO C 37 11.31 5.03 -0.04
CA PRO C 37 12.46 5.70 0.53
C PRO C 37 12.22 6.06 2.00
N LYS C 38 13.31 6.27 2.76
CA LYS C 38 13.21 6.72 4.14
C LYS C 38 12.80 8.19 4.20
N ASP C 39 12.63 8.80 3.03
CA ASP C 39 12.10 10.15 2.88
C ASP C 39 10.60 10.18 3.20
N VAL C 40 10.00 9.00 3.43
CA VAL C 40 8.60 8.86 3.77
C VAL C 40 8.45 7.79 4.86
N ALA C 41 7.27 7.69 5.46
CA ALA C 41 7.05 6.78 6.56
C ALA C 41 6.11 5.64 6.15
N VAL C 42 6.17 4.53 6.89
CA VAL C 42 5.28 3.40 6.68
C VAL C 42 5.23 2.57 7.95
N HIS C 43 4.02 2.27 8.44
CA HIS C 43 3.83 1.45 9.63
C HIS C 43 2.46 0.80 9.59
N ARG C 44 2.22 -0.13 10.52
CA ARG C 44 0.92 -0.75 10.69
C ARG C 44 0.00 0.29 11.32
N GLU C 45 -1.32 0.14 11.18
CA GLU C 45 -2.25 1.12 11.73
C GLU C 45 -2.04 1.26 13.24
N GLU C 46 -1.51 0.22 13.88
CA GLU C 46 -1.26 0.21 15.31
C GLU C 46 -0.11 1.15 15.68
N ILE C 47 0.90 1.26 14.82
CA ILE C 47 2.08 2.08 15.10
C ILE C 47 1.88 3.50 14.58
N TYR C 48 1.11 3.66 13.50
CA TYR C 48 0.88 4.96 12.88
C TYR C 48 0.37 5.98 13.89
N GLN C 49 -0.35 5.50 14.92
CA GLN C 49 -0.94 6.35 15.94
C GLN C 49 0.11 7.10 16.75
N ARG C 50 1.38 6.72 16.67
CA ARG C 50 2.45 7.40 17.37
C ARG C 50 2.90 8.58 16.52
N ILE C 51 3.02 8.35 15.21
CA ILE C 51 3.44 9.35 14.23
C ILE C 51 2.40 10.45 14.15
N GLN C 52 1.24 10.23 14.78
CA GLN C 52 0.18 11.22 14.81
C GLN C 52 -0.20 11.66 16.23
N ALA C 53 0.48 11.19 17.29
CA ALA C 53 0.12 11.55 18.65
C ALA C 53 1.30 11.72 19.61
N GLY C 54 2.54 11.56 19.13
CA GLY C 54 3.73 11.73 19.96
C GLY C 54 5.01 11.83 19.13
N LEU C 55 4.90 11.49 17.85
CA LEU C 55 5.95 11.51 16.84
C LEU C 55 7.17 10.68 17.20
N THR C 56 8.08 10.53 16.24
CA THR C 56 9.28 9.71 16.41
C THR C 56 10.51 10.38 15.77
N ALA C 57 10.33 11.57 15.19
CA ALA C 57 11.42 12.30 14.55
C ALA C 57 11.13 13.81 14.55
N PRO C 58 11.04 14.43 15.74
CA PRO C 58 10.77 15.86 15.91
C PRO C 58 11.58 16.76 14.99
N ASP C 59 12.84 16.38 14.73
CA ASP C 59 13.75 17.20 13.96
C ASP C 59 14.98 16.40 13.51
N MET A 1 12.52 -1.18 2.31
CA MET A 1 11.58 -2.31 2.12
C MET A 1 11.02 -2.74 3.47
N LEU A 2 9.72 -3.09 3.51
CA LEU A 2 9.09 -3.56 4.74
C LEU A 2 8.16 -4.73 4.38
N ILE A 3 7.95 -5.63 5.35
CA ILE A 3 7.03 -6.75 5.20
C ILE A 3 6.21 -6.86 6.47
N LEU A 4 4.97 -7.33 6.35
CA LEU A 4 4.02 -7.42 7.45
C LEU A 4 3.08 -8.59 7.25
N THR A 5 2.31 -8.92 8.29
CA THR A 5 1.26 -9.93 8.17
C THR A 5 -0.01 -9.39 8.80
N ARG A 6 -0.89 -8.86 7.96
CA ARG A 6 -2.17 -8.27 8.35
C ARG A 6 -3.27 -9.29 8.05
N LYS A 7 -4.47 -9.13 8.63
CA LYS A 7 -5.61 -9.98 8.26
C LYS A 7 -6.83 -9.15 7.91
N VAL A 8 -7.83 -9.79 7.32
CA VAL A 8 -8.97 -9.11 6.74
C VAL A 8 -9.68 -8.22 7.75
N GLY A 9 -9.95 -6.98 7.34
CA GLY A 9 -10.67 -6.00 8.15
C GLY A 9 -9.74 -5.01 8.84
N GLU A 10 -8.42 -5.18 8.71
CA GLU A 10 -7.45 -4.29 9.35
C GLU A 10 -6.81 -3.35 8.33
N SER A 11 -5.88 -2.49 8.77
CA SER A 11 -5.30 -1.45 7.92
C SER A 11 -3.81 -1.24 8.17
N ILE A 12 -3.18 -0.48 7.27
CA ILE A 12 -1.76 -0.09 7.29
C ILE A 12 -1.69 1.36 6.80
N ASN A 13 -0.57 2.05 7.04
CA ASN A 13 -0.45 3.47 6.69
C ASN A 13 0.90 3.79 6.07
N ILE A 14 0.93 4.84 5.24
CA ILE A 14 2.14 5.34 4.59
C ILE A 14 2.12 6.86 4.58
N GLY A 15 3.30 7.48 4.65
CA GLY A 15 3.45 8.92 4.67
C GLY A 15 2.60 9.54 5.78
N ASP A 16 1.94 10.66 5.46
CA ASP A 16 1.03 11.34 6.37
C ASP A 16 -0.29 11.62 5.67
N ASP A 17 -0.48 11.04 4.48
CA ASP A 17 -1.66 11.26 3.67
C ASP A 17 -2.12 9.99 2.94
N ILE A 18 -1.57 8.82 3.29
CA ILE A 18 -1.93 7.57 2.61
C ILE A 18 -2.29 6.49 3.63
N THR A 19 -3.26 5.65 3.26
CA THR A 19 -3.71 4.54 4.08
C THR A 19 -4.00 3.36 3.16
N ILE A 20 -3.94 2.14 3.72
CA ILE A 20 -4.17 0.90 3.00
C ILE A 20 -5.08 0.02 3.85
N THR A 21 -5.93 -0.78 3.21
CA THR A 21 -6.88 -1.62 3.93
C THR A 21 -7.00 -2.98 3.23
N ILE A 22 -7.19 -4.04 4.01
CA ILE A 22 -7.37 -5.39 3.50
C ILE A 22 -8.83 -5.78 3.64
N LEU A 23 -9.61 -5.57 2.57
CA LEU A 23 -11.05 -5.76 2.60
C LEU A 23 -11.43 -7.24 2.79
N GLY A 24 -10.59 -8.17 2.35
CA GLY A 24 -10.83 -9.60 2.53
C GLY A 24 -10.07 -10.48 1.54
N VAL A 25 -10.34 -11.78 1.55
CA VAL A 25 -9.70 -12.73 0.63
C VAL A 25 -10.70 -13.71 0.04
N SER A 26 -10.30 -14.37 -1.05
CA SER A 26 -11.09 -15.41 -1.70
C SER A 26 -10.14 -16.37 -2.41
N GLY A 27 -9.69 -17.42 -1.71
CA GLY A 27 -8.76 -18.38 -2.29
C GLY A 27 -7.36 -17.80 -2.33
N GLN A 28 -6.91 -17.34 -3.51
CA GLN A 28 -5.64 -16.64 -3.64
C GLN A 28 -5.91 -15.16 -3.88
N GLN A 29 -7.15 -14.82 -4.26
CA GLN A 29 -7.50 -13.43 -4.45
C GLN A 29 -7.54 -12.76 -3.09
N VAL A 30 -7.19 -11.47 -3.08
CA VAL A 30 -7.13 -10.63 -1.91
C VAL A 30 -7.70 -9.29 -2.32
N ARG A 31 -8.83 -8.91 -1.73
CA ARG A 31 -9.45 -7.63 -2.04
C ARG A 31 -8.82 -6.58 -1.14
N ILE A 32 -8.34 -5.49 -1.74
CA ILE A 32 -7.53 -4.50 -1.04
C ILE A 32 -8.03 -3.10 -1.37
N GLY A 33 -7.78 -2.15 -0.47
CA GLY A 33 -8.20 -0.77 -0.67
C GLY A 33 -7.01 0.16 -0.43
N ILE A 34 -7.10 1.35 -1.03
CA ILE A 34 -6.05 2.36 -0.98
C ILE A 34 -6.72 3.72 -0.83
N ASN A 35 -6.12 4.60 -0.04
CA ASN A 35 -6.70 5.89 0.24
C ASN A 35 -5.61 6.96 0.25
N ALA A 36 -5.57 7.76 -0.81
CA ALA A 36 -4.61 8.84 -0.96
C ALA A 36 -5.23 9.99 -1.75
N PRO A 37 -4.69 11.20 -1.61
CA PRO A 37 -5.11 12.35 -2.38
C PRO A 37 -4.82 12.17 -3.86
N LYS A 38 -5.52 12.94 -4.71
CA LYS A 38 -5.23 12.95 -6.14
C LYS A 38 -3.91 13.67 -6.39
N ASP A 39 -3.30 14.15 -5.31
CA ASP A 39 -1.98 14.75 -5.29
C ASP A 39 -0.91 13.71 -5.62
N VAL A 40 -1.30 12.43 -5.61
CA VAL A 40 -0.41 11.32 -5.89
C VAL A 40 -1.12 10.34 -6.82
N ALA A 41 -0.38 9.38 -7.37
CA ALA A 41 -0.94 8.44 -8.33
C ALA A 41 -0.98 7.04 -7.73
N VAL A 42 -1.84 6.18 -8.28
CA VAL A 42 -1.93 4.80 -7.85
C VAL A 42 -2.53 3.95 -8.97
N HIS A 43 -1.83 2.89 -9.36
CA HIS A 43 -2.28 1.99 -10.42
C HIS A 43 -1.68 0.60 -10.23
N ARG A 44 -2.13 -0.38 -11.02
CA ARG A 44 -1.57 -1.72 -10.98
C ARG A 44 -0.16 -1.65 -11.57
N GLU A 45 0.70 -2.60 -11.23
CA GLU A 45 2.07 -2.57 -11.72
C GLU A 45 2.09 -2.57 -13.25
N GLU A 46 1.05 -3.15 -13.88
CA GLU A 46 0.91 -3.15 -15.32
C GLU A 46 0.73 -1.73 -15.84
N ILE A 47 -0.19 -0.98 -15.24
CA ILE A 47 -0.57 0.34 -15.72
C ILE A 47 0.49 1.37 -15.35
N TYR A 48 1.21 1.15 -14.25
CA TYR A 48 2.23 2.07 -13.79
C TYR A 48 3.30 2.31 -14.85
N GLN A 49 3.54 1.32 -15.71
CA GLN A 49 4.54 1.40 -16.75
C GLN A 49 4.22 2.49 -17.78
N ARG A 50 2.99 3.00 -17.78
CA ARG A 50 2.60 4.10 -18.66
C ARG A 50 3.06 5.41 -18.02
N ILE A 51 2.98 5.48 -16.70
CA ILE A 51 3.38 6.66 -15.95
C ILE A 51 4.91 6.79 -16.00
N GLN A 52 5.57 5.75 -16.52
CA GLN A 52 7.01 5.73 -16.65
C GLN A 52 7.51 5.67 -18.12
N ALA A 53 6.62 5.47 -19.10
CA ALA A 53 7.05 5.34 -20.50
C ALA A 53 6.01 5.83 -21.51
N GLY A 54 4.89 6.39 -21.04
CA GLY A 54 3.78 6.83 -21.88
C GLY A 54 2.86 7.69 -21.01
N LEU A 55 3.47 8.74 -20.44
CA LEU A 55 2.91 9.57 -19.39
C LEU A 55 1.45 9.97 -19.60
N THR A 56 0.76 10.20 -18.48
CA THR A 56 -0.64 10.60 -18.45
C THR A 56 -0.83 11.77 -17.48
N ALA A 57 0.27 12.33 -16.99
CA ALA A 57 0.28 13.45 -16.05
C ALA A 57 1.53 14.30 -16.29
N PRO A 58 1.54 15.07 -17.40
CA PRO A 58 2.67 15.87 -17.85
C PRO A 58 3.40 16.65 -16.77
N ASP A 59 2.67 17.19 -15.80
CA ASP A 59 3.25 18.07 -14.79
C ASP A 59 2.35 18.24 -13.57
N MET C 1 -10.08 7.38 -3.05
CA MET C 1 -10.20 6.00 -2.57
C MET C 1 -10.19 5.03 -3.76
N LEU C 2 -9.42 3.94 -3.67
CA LEU C 2 -9.39 2.93 -4.71
C LEU C 2 -9.47 1.55 -4.09
N ILE C 3 -9.99 0.59 -4.85
CA ILE C 3 -10.08 -0.80 -4.44
C ILE C 3 -9.61 -1.69 -5.58
N LEU C 4 -9.10 -2.87 -5.24
CA LEU C 4 -8.56 -3.83 -6.19
C LEU C 4 -8.86 -5.25 -5.71
N THR C 5 -8.70 -6.22 -6.60
CA THR C 5 -8.75 -7.63 -6.23
C THR C 5 -7.63 -8.35 -6.97
N ARG C 6 -6.53 -8.60 -6.25
CA ARG C 6 -5.32 -9.17 -6.80
C ARG C 6 -5.06 -10.52 -6.14
N LYS C 7 -4.01 -11.24 -6.57
CA LYS C 7 -3.66 -12.50 -5.92
C LYS C 7 -2.18 -12.59 -5.59
N VAL C 8 -1.82 -13.62 -4.82
CA VAL C 8 -0.47 -13.77 -4.30
C VAL C 8 0.57 -13.77 -5.41
N GLY C 9 1.60 -12.93 -5.23
CA GLY C 9 2.72 -12.85 -6.16
C GLY C 9 2.71 -11.58 -7.01
N GLU C 10 1.56 -10.90 -7.13
CA GLU C 10 1.47 -9.68 -7.95
C GLU C 10 1.84 -8.43 -7.14
N SER C 11 1.83 -7.27 -7.83
CA SER C 11 2.22 -6.01 -7.22
C SER C 11 1.36 -4.85 -7.71
N ILE C 12 1.42 -3.73 -6.98
CA ILE C 12 0.70 -2.49 -7.25
C ILE C 12 1.66 -1.33 -6.96
N ASN C 13 1.31 -0.11 -7.38
CA ASN C 13 2.19 1.03 -7.19
C ASN C 13 1.42 2.26 -6.70
N ILE C 14 2.14 3.14 -6.00
CA ILE C 14 1.62 4.39 -5.47
C ILE C 14 2.67 5.49 -5.65
N GLY C 15 2.22 6.75 -5.73
CA GLY C 15 3.12 7.88 -5.93
C GLY C 15 3.95 7.66 -7.19
N ASP C 16 5.23 8.04 -7.10
CA ASP C 16 6.19 7.86 -8.18
C ASP C 16 7.45 7.18 -7.62
N ASP C 17 7.37 6.71 -6.37
CA ASP C 17 8.50 6.12 -5.67
C ASP C 17 8.06 5.00 -4.72
N ILE C 18 6.82 4.50 -4.83
CA ILE C 18 6.34 3.47 -3.92
C ILE C 18 5.79 2.28 -4.71
N THR C 19 5.93 1.08 -4.11
CA THR C 19 5.43 -0.17 -4.68
C THR C 19 4.88 -1.02 -3.56
N ILE C 20 3.95 -1.92 -3.88
CA ILE C 20 3.30 -2.82 -2.93
C ILE C 20 3.30 -4.22 -3.54
N THR C 21 3.42 -5.25 -2.70
CA THR C 21 3.44 -6.63 -3.16
C THR C 21 2.68 -7.54 -2.19
N ILE C 22 2.05 -8.58 -2.72
CA ILE C 22 1.28 -9.55 -1.93
C ILE C 22 2.08 -10.85 -1.85
N LEU C 23 2.85 -11.02 -0.77
CA LEU C 23 3.76 -12.15 -0.65
C LEU C 23 2.99 -13.47 -0.54
N GLY C 24 1.77 -13.46 0.00
CA GLY C 24 0.93 -14.65 0.06
C GLY C 24 -0.15 -14.55 1.13
N VAL C 25 -0.88 -15.64 1.38
CA VAL C 25 -1.91 -15.67 2.41
C VAL C 25 -1.84 -16.97 3.22
N SER C 26 -2.43 -16.94 4.41
CA SER C 26 -2.51 -18.07 5.32
C SER C 26 -3.77 -17.91 6.17
N GLY C 27 -4.90 -18.47 5.72
CA GLY C 27 -6.16 -18.35 6.43
C GLY C 27 -6.73 -16.95 6.23
N GLN C 28 -6.73 -16.12 7.29
CA GLN C 28 -7.15 -14.74 7.17
C GLN C 28 -5.91 -13.84 7.14
N GLN C 29 -4.78 -14.38 7.58
CA GLN C 29 -3.54 -13.64 7.52
C GLN C 29 -3.15 -13.48 6.05
N VAL C 30 -2.56 -12.34 5.74
CA VAL C 30 -2.13 -11.98 4.41
C VAL C 30 -0.77 -11.34 4.57
N ARG C 31 0.27 -12.00 4.03
CA ARG C 31 1.62 -11.49 4.15
C ARG C 31 1.84 -10.49 3.02
N ILE C 32 2.24 -9.27 3.38
CA ILE C 32 2.31 -8.16 2.43
C ILE C 32 3.67 -7.49 2.51
N GLY C 33 4.10 -6.88 1.41
CA GLY C 33 5.35 -6.16 1.35
C GLY C 33 5.12 -4.75 0.85
N ILE C 34 6.01 -3.84 1.23
CA ILE C 34 5.93 -2.41 0.91
C ILE C 34 7.33 -1.93 0.58
N ASN C 35 7.44 -1.08 -0.43
CA ASN C 35 8.72 -0.62 -0.90
C ASN C 35 8.67 0.87 -1.19
N ALA C 36 9.29 1.66 -0.30
CA ALA C 36 9.38 3.09 -0.42
C ALA C 36 10.70 3.55 0.16
N PRO C 37 11.19 4.72 -0.28
CA PRO C 37 12.44 5.27 0.23
C PRO C 37 12.31 5.55 1.73
N LYS C 38 13.44 5.55 2.42
CA LYS C 38 13.48 5.86 3.84
C LYS C 38 13.09 7.32 4.09
N ASP C 39 12.89 8.06 2.99
CA ASP C 39 12.47 9.46 2.98
C ASP C 39 11.00 9.64 3.33
N VAL C 40 10.25 8.54 3.45
CA VAL C 40 8.83 8.58 3.80
C VAL C 40 8.55 7.57 4.90
N ALA C 41 7.37 7.63 5.50
CA ALA C 41 7.05 6.78 6.63
C ALA C 41 6.11 5.66 6.22
N VAL C 42 6.15 4.55 6.96
CA VAL C 42 5.25 3.43 6.78
C VAL C 42 5.20 2.62 8.08
N HIS C 43 3.99 2.38 8.59
CA HIS C 43 3.79 1.60 9.81
C HIS C 43 2.42 0.95 9.79
N ARG C 44 2.14 0.09 10.77
CA ARG C 44 0.83 -0.50 10.94
C ARG C 44 -0.11 0.58 11.47
N GLU C 45 -1.42 0.40 11.30
CA GLU C 45 -2.37 1.39 11.76
C GLU C 45 -2.22 1.61 13.27
N GLU C 46 -1.74 0.58 13.98
CA GLU C 46 -1.53 0.64 15.42
C GLU C 46 -0.42 1.63 15.78
N ILE C 47 0.63 1.68 14.95
CA ILE C 47 1.82 2.46 15.27
C ILE C 47 1.70 3.87 14.70
N TYR C 48 0.94 4.02 13.60
CA TYR C 48 0.75 5.29 12.94
C TYR C 48 0.21 6.35 13.89
N GLN C 49 -0.54 5.90 14.92
CA GLN C 49 -1.17 6.78 15.88
C GLN C 49 -0.13 7.57 16.69
N ARG C 50 1.14 7.19 16.66
CA ARG C 50 2.20 7.92 17.36
C ARG C 50 2.65 9.06 16.46
N ILE C 51 2.83 8.77 15.17
CA ILE C 51 3.28 9.73 14.18
C ILE C 51 2.25 10.85 14.03
N GLN C 52 1.06 10.65 14.60
CA GLN C 52 0.01 11.65 14.57
C GLN C 52 -0.41 12.15 15.95
N ALA C 53 0.22 11.69 17.05
CA ALA C 53 -0.19 12.14 18.38
C ALA C 53 0.96 12.28 19.39
N GLY C 54 2.21 12.03 18.98
CA GLY C 54 3.36 12.16 19.86
C GLY C 54 4.68 12.23 19.09
N LEU C 55 4.60 11.95 17.78
CA LEU C 55 5.69 12.00 16.83
C LEU C 55 6.90 11.17 17.25
N THR C 56 8.01 11.32 16.53
CA THR C 56 9.24 10.57 16.80
C THR C 56 10.45 11.50 16.86
N ALA C 57 10.20 12.81 16.83
CA ALA C 57 11.24 13.82 16.90
C ALA C 57 10.65 15.12 17.44
N PRO C 58 11.14 15.63 18.58
CA PRO C 58 10.72 16.88 19.17
C PRO C 58 10.74 18.04 18.17
N ASP C 59 11.80 18.09 17.35
CA ASP C 59 12.00 19.19 16.42
C ASP C 59 13.13 18.89 15.42
N MET A 1 12.27 -0.90 2.32
CA MET A 1 11.42 -2.10 2.14
C MET A 1 10.87 -2.56 3.47
N LEU A 2 9.60 -2.94 3.53
CA LEU A 2 9.00 -3.47 4.74
C LEU A 2 8.07 -4.63 4.40
N ILE A 3 7.90 -5.56 5.35
CA ILE A 3 6.97 -6.67 5.21
C ILE A 3 6.20 -6.81 6.51
N LEU A 4 4.94 -7.23 6.41
CA LEU A 4 4.02 -7.35 7.54
C LEU A 4 3.08 -8.51 7.31
N THR A 5 2.34 -8.90 8.35
CA THR A 5 1.30 -9.90 8.24
C THR A 5 0.03 -9.36 8.89
N ARG A 6 -0.85 -8.82 8.05
CA ARG A 6 -2.13 -8.22 8.43
C ARG A 6 -3.25 -9.21 8.06
N LYS A 7 -4.42 -9.13 8.68
CA LYS A 7 -5.55 -9.97 8.25
C LYS A 7 -6.72 -9.13 7.78
N VAL A 8 -7.71 -9.80 7.19
CA VAL A 8 -8.83 -9.13 6.57
C VAL A 8 -9.57 -8.22 7.55
N GLY A 9 -9.88 -7.01 7.08
CA GLY A 9 -10.64 -6.04 7.85
C GLY A 9 -9.74 -5.05 8.60
N GLU A 10 -8.42 -5.21 8.48
CA GLU A 10 -7.46 -4.35 9.16
C GLU A 10 -6.81 -3.37 8.17
N SER A 11 -5.89 -2.52 8.63
CA SER A 11 -5.31 -1.49 7.81
C SER A 11 -3.80 -1.29 8.05
N ILE A 12 -3.17 -0.52 7.16
CA ILE A 12 -1.76 -0.14 7.20
C ILE A 12 -1.68 1.32 6.74
N ASN A 13 -0.55 2.00 6.95
CA ASN A 13 -0.44 3.43 6.65
C ASN A 13 0.91 3.78 6.03
N ILE A 14 0.95 4.86 5.26
CA ILE A 14 2.16 5.36 4.61
C ILE A 14 2.15 6.89 4.65
N GLY A 15 3.33 7.51 4.74
CA GLY A 15 3.46 8.95 4.81
C GLY A 15 2.57 9.51 5.92
N ASP A 16 1.93 10.65 5.65
CA ASP A 16 1.00 11.27 6.57
C ASP A 16 -0.31 11.61 5.84
N ASP A 17 -0.45 11.10 4.60
CA ASP A 17 -1.64 11.34 3.78
C ASP A 17 -2.08 10.07 3.04
N ILE A 18 -1.52 8.90 3.37
CA ILE A 18 -1.88 7.68 2.68
C ILE A 18 -2.24 6.58 3.69
N THR A 19 -3.21 5.74 3.32
CA THR A 19 -3.65 4.62 4.12
C THR A 19 -3.95 3.44 3.18
N ILE A 20 -3.90 2.23 3.72
CA ILE A 20 -4.11 1.00 2.96
C ILE A 20 -5.02 0.08 3.78
N THR A 21 -5.84 -0.73 3.12
CA THR A 21 -6.78 -1.61 3.79
C THR A 21 -6.80 -2.97 3.09
N ILE A 22 -7.19 -4.01 3.82
CA ILE A 22 -7.28 -5.38 3.32
C ILE A 22 -8.73 -5.84 3.49
N LEU A 23 -9.58 -5.55 2.51
CA LEU A 23 -11.02 -5.79 2.67
C LEU A 23 -11.34 -7.28 2.84
N GLY A 24 -10.52 -8.17 2.29
CA GLY A 24 -10.76 -9.61 2.43
C GLY A 24 -10.00 -10.44 1.40
N VAL A 25 -10.26 -11.75 1.38
CA VAL A 25 -9.62 -12.68 0.43
C VAL A 25 -10.64 -13.61 -0.19
N SER A 26 -10.25 -14.25 -1.29
CA SER A 26 -11.04 -15.26 -1.98
C SER A 26 -10.11 -16.24 -2.68
N GLY A 27 -9.71 -17.31 -1.99
CA GLY A 27 -8.78 -18.28 -2.52
C GLY A 27 -7.37 -17.69 -2.53
N GLN A 28 -6.89 -17.25 -3.70
CA GLN A 28 -5.60 -16.58 -3.81
C GLN A 28 -5.83 -15.09 -4.03
N GLN A 29 -7.04 -14.72 -4.45
CA GLN A 29 -7.37 -13.33 -4.68
C GLN A 29 -7.42 -12.62 -3.33
N VAL A 30 -7.05 -11.35 -3.32
CA VAL A 30 -7.04 -10.53 -2.13
C VAL A 30 -7.63 -9.19 -2.52
N ARG A 31 -8.73 -8.82 -1.87
CA ARG A 31 -9.42 -7.56 -2.11
C ARG A 31 -8.76 -6.52 -1.21
N ILE A 32 -8.18 -5.49 -1.82
CA ILE A 32 -7.36 -4.52 -1.11
C ILE A 32 -7.88 -3.12 -1.39
N GLY A 33 -7.69 -2.20 -0.45
CA GLY A 33 -8.13 -0.82 -0.59
C GLY A 33 -6.97 0.14 -0.36
N ILE A 34 -7.09 1.34 -0.94
CA ILE A 34 -6.05 2.36 -0.90
C ILE A 34 -6.73 3.71 -0.74
N ASN A 35 -6.11 4.60 0.02
CA ASN A 35 -6.68 5.91 0.28
C ASN A 35 -5.57 6.96 0.26
N ALA A 36 -5.56 7.78 -0.80
CA ALA A 36 -4.59 8.85 -0.98
C ALA A 36 -5.22 10.00 -1.75
N PRO A 37 -4.68 11.21 -1.59
CA PRO A 37 -5.09 12.39 -2.33
C PRO A 37 -4.79 12.24 -3.82
N LYS A 38 -5.50 13.02 -4.65
CA LYS A 38 -5.23 13.07 -6.08
C LYS A 38 -3.93 13.83 -6.37
N ASP A 39 -3.30 14.30 -5.30
CA ASP A 39 -1.98 14.91 -5.35
C ASP A 39 -0.89 13.86 -5.61
N VAL A 40 -1.29 12.59 -5.62
CA VAL A 40 -0.39 11.47 -5.87
C VAL A 40 -1.09 10.46 -6.77
N ALA A 41 -0.34 9.48 -7.30
CA ALA A 41 -0.90 8.52 -8.22
C ALA A 41 -0.98 7.13 -7.58
N VAL A 42 -1.85 6.28 -8.13
CA VAL A 42 -1.95 4.89 -7.71
C VAL A 42 -2.60 4.07 -8.82
N HIS A 43 -1.99 2.93 -9.15
CA HIS A 43 -2.53 2.02 -10.16
C HIS A 43 -2.06 0.61 -9.88
N ARG A 44 -2.61 -0.38 -10.60
CA ARG A 44 -2.10 -1.74 -10.55
C ARG A 44 -0.69 -1.71 -11.13
N GLU A 45 0.18 -2.62 -10.70
CA GLU A 45 1.54 -2.66 -11.23
C GLU A 45 1.52 -3.00 -12.72
N GLU A 46 0.36 -3.41 -13.24
CA GLU A 46 0.16 -3.66 -14.65
C GLU A 46 0.04 -2.33 -15.40
N ILE A 47 -0.78 -1.42 -14.88
CA ILE A 47 -1.03 -0.11 -15.50
C ILE A 47 0.19 0.80 -15.31
N TYR A 48 0.94 0.61 -14.21
CA TYR A 48 2.10 1.43 -13.93
C TYR A 48 3.16 1.29 -15.01
N GLN A 49 3.25 0.12 -15.64
CA GLN A 49 4.24 -0.12 -16.67
C GLN A 49 3.88 0.57 -17.98
N ARG A 50 2.59 0.90 -18.17
CA ARG A 50 2.13 1.64 -19.35
C ARG A 50 2.52 3.11 -19.21
N ILE A 51 2.82 3.51 -17.97
CA ILE A 51 3.10 4.90 -17.65
C ILE A 51 4.60 5.13 -17.58
N GLN A 52 5.34 4.23 -16.93
CA GLN A 52 6.79 4.36 -16.81
C GLN A 52 7.49 4.08 -18.16
N ALA A 53 6.72 3.84 -19.22
CA ALA A 53 7.27 3.65 -20.55
C ALA A 53 7.94 4.93 -21.07
N GLY A 54 7.64 6.09 -20.47
CA GLY A 54 8.27 7.34 -20.86
C GLY A 54 7.39 8.57 -20.62
N LEU A 55 6.38 8.46 -19.74
CA LEU A 55 5.40 9.53 -19.59
C LEU A 55 4.71 9.48 -18.22
N THR A 56 3.67 10.31 -18.05
CA THR A 56 2.88 10.33 -16.83
C THR A 56 1.40 10.57 -17.16
N ALA A 57 1.05 10.58 -18.45
CA ALA A 57 -0.30 10.84 -18.90
C ALA A 57 -0.57 10.12 -20.23
N PRO A 58 -0.82 8.80 -20.16
CA PRO A 58 -1.12 7.96 -21.32
C PRO A 58 -2.20 8.53 -22.23
N ASP A 59 -2.14 8.14 -23.50
CA ASP A 59 -3.13 8.48 -24.53
C ASP A 59 -3.46 9.99 -24.55
N MET C 1 -9.89 7.50 -3.06
CA MET C 1 -10.08 6.11 -2.59
C MET C 1 -10.05 5.15 -3.77
N LEU C 2 -9.36 4.02 -3.63
CA LEU C 2 -9.33 2.99 -4.67
C LEU C 2 -9.39 1.61 -4.03
N ILE C 3 -9.91 0.64 -4.78
CA ILE C 3 -9.99 -0.75 -4.35
C ILE C 3 -9.59 -1.63 -5.54
N LEU C 4 -8.97 -2.77 -5.25
CA LEU C 4 -8.43 -3.67 -6.26
C LEU C 4 -8.56 -5.12 -5.80
N THR C 5 -8.39 -6.06 -6.73
CA THR C 5 -8.37 -7.48 -6.37
C THR C 5 -7.22 -8.17 -7.08
N ARG C 6 -6.11 -8.31 -6.37
CA ARG C 6 -4.90 -8.96 -6.86
C ARG C 6 -4.83 -10.37 -6.30
N LYS C 7 -3.77 -11.12 -6.61
CA LYS C 7 -3.54 -12.42 -6.01
C LYS C 7 -2.10 -12.54 -5.56
N VAL C 8 -1.76 -13.62 -4.85
CA VAL C 8 -0.44 -13.75 -4.29
C VAL C 8 0.63 -13.75 -5.39
N GLY C 9 1.68 -12.95 -5.18
CA GLY C 9 2.80 -12.82 -6.09
C GLY C 9 2.67 -11.57 -6.97
N GLU C 10 1.52 -10.89 -6.93
CA GLU C 10 1.27 -9.70 -7.74
C GLU C 10 1.75 -8.44 -7.03
N SER C 11 1.61 -7.28 -7.69
CA SER C 11 2.08 -6.01 -7.18
C SER C 11 1.15 -4.85 -7.57
N ILE C 12 1.37 -3.69 -6.94
CA ILE C 12 0.61 -2.46 -7.13
C ILE C 12 1.59 -1.29 -6.97
N ASN C 13 1.24 -0.07 -7.40
CA ASN C 13 2.14 1.06 -7.30
C ASN C 13 1.44 2.30 -6.74
N ILE C 14 2.23 3.19 -6.11
CA ILE C 14 1.75 4.45 -5.55
C ILE C 14 2.82 5.51 -5.78
N GLY C 15 2.40 6.73 -6.10
CA GLY C 15 3.32 7.80 -6.44
C GLY C 15 4.24 7.34 -7.58
N ASP C 16 5.51 7.71 -7.48
CA ASP C 16 6.53 7.29 -8.42
C ASP C 16 7.75 6.74 -7.65
N ASP C 17 7.60 6.56 -6.34
CA ASP C 17 8.68 6.09 -5.47
C ASP C 17 8.18 5.05 -4.45
N ILE C 18 6.94 4.56 -4.60
CA ILE C 18 6.41 3.56 -3.68
C ILE C 18 5.79 2.41 -4.48
N THR C 19 5.98 1.19 -4.00
CA THR C 19 5.44 -0.02 -4.62
C THR C 19 4.89 -0.92 -3.52
N ILE C 20 3.96 -1.80 -3.88
CA ILE C 20 3.33 -2.72 -2.94
C ILE C 20 3.34 -4.11 -3.56
N THR C 21 3.44 -5.14 -2.71
CA THR C 21 3.48 -6.51 -3.17
C THR C 21 2.72 -7.39 -2.18
N ILE C 22 2.04 -8.41 -2.70
CA ILE C 22 1.31 -9.38 -1.88
C ILE C 22 2.11 -10.69 -1.90
N LEU C 23 2.87 -10.95 -0.83
CA LEU C 23 3.76 -12.12 -0.82
C LEU C 23 2.97 -13.42 -0.72
N GLY C 24 1.79 -13.40 -0.09
CA GLY C 24 0.97 -14.60 0.04
C GLY C 24 -0.07 -14.50 1.15
N VAL C 25 -0.79 -15.59 1.41
CA VAL C 25 -1.82 -15.65 2.44
C VAL C 25 -1.69 -16.90 3.31
N SER C 26 -2.34 -16.87 4.48
CA SER C 26 -2.43 -17.99 5.40
C SER C 26 -3.73 -17.88 6.18
N GLY C 27 -4.82 -18.47 5.65
CA GLY C 27 -6.13 -18.38 6.26
C GLY C 27 -6.70 -16.98 6.07
N GLN C 28 -6.65 -16.15 7.12
CA GLN C 28 -7.08 -14.76 7.02
C GLN C 28 -5.87 -13.84 7.05
N GLN C 29 -4.74 -14.35 7.54
CA GLN C 29 -3.51 -13.58 7.54
C GLN C 29 -3.04 -13.41 6.11
N VAL C 30 -2.39 -12.27 5.85
CA VAL C 30 -1.91 -11.93 4.52
C VAL C 30 -0.53 -11.32 4.68
N ARG C 31 0.48 -11.98 4.13
CA ARG C 31 1.84 -11.48 4.13
C ARG C 31 1.94 -10.45 3.01
N ILE C 32 2.19 -9.19 3.38
CA ILE C 32 2.24 -8.09 2.44
C ILE C 32 3.59 -7.40 2.54
N GLY C 33 4.04 -6.80 1.45
CA GLY C 33 5.30 -6.08 1.38
C GLY C 33 5.07 -4.68 0.84
N ILE C 34 5.97 -3.77 1.21
CA ILE C 34 5.89 -2.36 0.88
C ILE C 34 7.29 -1.90 0.55
N ASN C 35 7.43 -1.09 -0.49
CA ASN C 35 8.73 -0.68 -0.97
C ASN C 35 8.74 0.82 -1.22
N ALA C 36 9.26 1.56 -0.24
CA ALA C 36 9.43 3.00 -0.31
C ALA C 36 10.74 3.38 0.37
N PRO C 37 11.33 4.49 -0.04
CA PRO C 37 12.54 5.00 0.57
C PRO C 37 12.28 5.34 2.04
N LYS C 38 13.31 5.26 2.88
CA LYS C 38 13.20 5.62 4.29
C LYS C 38 12.87 7.10 4.45
N ASP C 39 12.93 7.80 3.33
CA ASP C 39 12.58 9.22 3.19
C ASP C 39 11.09 9.46 3.45
N VAL C 40 10.30 8.39 3.59
CA VAL C 40 8.87 8.49 3.88
C VAL C 40 8.53 7.49 4.97
N ALA C 41 7.33 7.58 5.56
CA ALA C 41 6.99 6.73 6.68
C ALA C 41 6.06 5.60 6.28
N VAL C 42 6.09 4.50 7.03
CA VAL C 42 5.17 3.39 6.86
C VAL C 42 5.13 2.55 8.12
N HIS C 43 3.93 2.25 8.61
CA HIS C 43 3.70 1.45 9.81
C HIS C 43 2.29 0.85 9.75
N ARG C 44 1.95 -0.05 10.67
CA ARG C 44 0.57 -0.50 10.75
C ARG C 44 -0.23 0.54 11.54
N GLU C 45 -1.56 0.49 11.46
CA GLU C 45 -2.38 1.52 12.09
C GLU C 45 -2.13 1.63 13.60
N GLU C 46 -1.61 0.58 14.26
CA GLU C 46 -1.37 0.64 15.68
C GLU C 46 -0.28 1.66 15.99
N ILE C 47 0.78 1.68 15.18
CA ILE C 47 1.90 2.59 15.38
C ILE C 47 1.56 3.95 14.79
N TYR C 48 0.72 3.98 13.75
CA TYR C 48 0.34 5.23 13.14
C TYR C 48 -0.42 6.12 14.11
N GLN C 49 -1.24 5.51 14.98
CA GLN C 49 -2.05 6.23 15.96
C GLN C 49 -1.22 6.92 17.03
N ARG C 50 0.08 6.59 17.14
CA ARG C 50 0.99 7.28 18.04
C ARG C 50 1.60 8.52 17.42
N ILE C 51 1.65 8.57 16.08
CA ILE C 51 2.43 9.56 15.35
C ILE C 51 1.69 10.87 15.03
N GLN C 52 0.58 10.80 14.30
CA GLN C 52 -0.24 11.97 13.97
C GLN C 52 -0.75 12.69 15.21
N ALA C 53 -0.49 12.14 16.41
CA ALA C 53 -0.89 12.75 17.66
C ALA C 53 -0.13 14.06 17.90
N GLY C 54 0.94 14.31 17.15
CA GLY C 54 1.72 15.53 17.24
C GLY C 54 3.18 15.34 16.86
N LEU C 55 3.48 14.33 16.02
CA LEU C 55 4.85 13.93 15.73
C LEU C 55 5.15 13.88 14.23
N THR C 56 4.16 14.14 13.38
CA THR C 56 4.36 14.13 11.93
C THR C 56 5.18 15.34 11.47
N ALA C 57 5.43 16.31 12.37
CA ALA C 57 6.16 17.51 12.06
C ALA C 57 6.84 18.05 13.32
N PRO C 58 7.99 17.46 13.71
CA PRO C 58 8.79 17.87 14.85
C PRO C 58 9.12 19.37 14.90
N ASP C 59 9.75 19.78 15.99
CA ASP C 59 10.10 21.18 16.25
C ASP C 59 11.00 21.77 15.16
N MET A 1 12.28 -1.04 2.15
CA MET A 1 11.36 -2.19 2.06
C MET A 1 10.88 -2.59 3.45
N LEU A 2 9.62 -3.00 3.55
CA LEU A 2 9.06 -3.51 4.79
C LEU A 2 8.16 -4.69 4.47
N ILE A 3 7.95 -5.57 5.44
CA ILE A 3 7.05 -6.72 5.31
C ILE A 3 6.17 -6.79 6.54
N LEU A 4 4.94 -7.27 6.35
CA LEU A 4 3.91 -7.32 7.39
C LEU A 4 2.99 -8.51 7.18
N THR A 5 2.18 -8.84 8.19
CA THR A 5 1.13 -9.84 8.03
C THR A 5 -0.14 -9.35 8.71
N ARG A 6 -1.09 -8.88 7.90
CA ARG A 6 -2.39 -8.41 8.33
C ARG A 6 -3.46 -9.43 7.99
N LYS A 7 -4.62 -9.28 8.63
CA LYS A 7 -5.77 -10.13 8.34
C LYS A 7 -6.91 -9.26 7.83
N VAL A 8 -7.94 -9.92 7.29
CA VAL A 8 -9.02 -9.20 6.63
C VAL A 8 -9.75 -8.30 7.60
N GLY A 9 -9.91 -7.03 7.21
CA GLY A 9 -10.60 -6.03 8.01
C GLY A 9 -9.64 -5.09 8.74
N GLU A 10 -8.32 -5.26 8.56
CA GLU A 10 -7.33 -4.42 9.22
C GLU A 10 -6.71 -3.43 8.24
N SER A 11 -5.81 -2.55 8.71
CA SER A 11 -5.25 -1.48 7.90
C SER A 11 -3.79 -1.22 8.22
N ILE A 12 -3.13 -0.45 7.34
CA ILE A 12 -1.74 -0.05 7.39
C ILE A 12 -1.66 1.39 6.87
N ASN A 13 -0.54 2.09 7.05
CA ASN A 13 -0.44 3.49 6.64
C ASN A 13 0.90 3.82 6.00
N ILE A 14 0.91 4.89 5.20
CA ILE A 14 2.10 5.40 4.51
C ILE A 14 2.07 6.92 4.54
N GLY A 15 3.25 7.55 4.59
CA GLY A 15 3.37 8.99 4.62
C GLY A 15 2.53 9.58 5.74
N ASP A 16 1.90 10.71 5.47
CA ASP A 16 1.01 11.40 6.39
C ASP A 16 -0.34 11.70 5.72
N ASP A 17 -0.55 11.13 4.53
CA ASP A 17 -1.76 11.36 3.75
C ASP A 17 -2.22 10.08 3.04
N ILE A 18 -1.65 8.91 3.37
CA ILE A 18 -2.04 7.66 2.72
C ILE A 18 -2.35 6.58 3.75
N THR A 19 -3.31 5.73 3.41
CA THR A 19 -3.73 4.60 4.23
C THR A 19 -4.00 3.42 3.31
N ILE A 20 -3.95 2.20 3.86
CA ILE A 20 -4.14 0.96 3.13
C ILE A 20 -5.05 0.05 3.95
N THR A 21 -5.89 -0.74 3.29
CA THR A 21 -6.82 -1.63 3.97
C THR A 21 -6.93 -2.94 3.21
N ILE A 22 -7.12 -4.04 3.94
CA ILE A 22 -7.29 -5.37 3.37
C ILE A 22 -8.77 -5.75 3.50
N LEU A 23 -9.54 -5.51 2.43
CA LEU A 23 -10.99 -5.68 2.44
C LEU A 23 -11.38 -7.15 2.59
N GLY A 24 -10.52 -8.08 2.16
CA GLY A 24 -10.79 -9.51 2.33
C GLY A 24 -10.03 -10.37 1.31
N VAL A 25 -10.33 -11.68 1.28
CA VAL A 25 -9.69 -12.59 0.35
C VAL A 25 -10.71 -13.52 -0.30
N SER A 26 -10.31 -14.14 -1.43
CA SER A 26 -11.11 -15.10 -2.15
C SER A 26 -10.18 -16.10 -2.85
N GLY A 27 -9.83 -17.19 -2.16
CA GLY A 27 -8.92 -18.18 -2.69
C GLY A 27 -7.49 -17.62 -2.67
N GLN A 28 -6.97 -17.17 -3.82
CA GLN A 28 -5.67 -16.53 -3.88
C GLN A 28 -5.83 -15.05 -4.12
N GLN A 29 -7.02 -14.64 -4.59
CA GLN A 29 -7.30 -13.23 -4.76
C GLN A 29 -7.39 -12.59 -3.39
N VAL A 30 -6.97 -11.33 -3.33
CA VAL A 30 -6.96 -10.53 -2.12
C VAL A 30 -7.51 -9.18 -2.51
N ARG A 31 -8.65 -8.81 -1.92
CA ARG A 31 -9.30 -7.55 -2.20
C ARG A 31 -8.68 -6.50 -1.29
N ILE A 32 -8.21 -5.40 -1.86
CA ILE A 32 -7.42 -4.42 -1.13
C ILE A 32 -7.97 -3.02 -1.42
N GLY A 33 -7.73 -2.09 -0.50
CA GLY A 33 -8.15 -0.71 -0.67
C GLY A 33 -6.98 0.22 -0.38
N ILE A 34 -7.03 1.40 -0.96
CA ILE A 34 -5.97 2.40 -0.86
C ILE A 34 -6.64 3.75 -0.73
N ASN A 35 -6.16 4.58 0.20
CA ASN A 35 -6.79 5.84 0.50
C ASN A 35 -5.75 6.94 0.53
N ALA A 36 -5.67 7.66 -0.59
CA ALA A 36 -4.80 8.81 -0.77
C ALA A 36 -5.52 9.83 -1.64
N PRO A 37 -5.18 11.11 -1.48
CA PRO A 37 -5.74 12.16 -2.31
C PRO A 37 -5.36 11.91 -3.76
N LYS A 38 -6.19 12.40 -4.69
CA LYS A 38 -5.88 12.32 -6.11
C LYS A 38 -4.65 13.15 -6.45
N ASP A 39 -4.15 13.82 -5.42
CA ASP A 39 -2.91 14.58 -5.41
C ASP A 39 -1.68 13.68 -5.65
N VAL A 40 -1.87 12.35 -5.56
CA VAL A 40 -0.82 11.38 -5.77
C VAL A 40 -1.33 10.29 -6.71
N ALA A 41 -0.44 9.45 -7.24
CA ALA A 41 -0.84 8.43 -8.19
C ALA A 41 -0.95 7.07 -7.51
N VAL A 42 -1.81 6.20 -8.06
CA VAL A 42 -1.92 4.82 -7.61
C VAL A 42 -2.58 3.99 -8.71
N HIS A 43 -1.96 2.85 -9.04
CA HIS A 43 -2.45 1.92 -10.05
C HIS A 43 -1.90 0.52 -9.77
N ARG A 44 -2.37 -0.50 -10.50
CA ARG A 44 -1.74 -1.79 -10.42
C ARG A 44 -0.47 -1.75 -11.29
N GLU A 45 0.41 -2.74 -11.14
CA GLU A 45 1.67 -2.72 -11.87
C GLU A 45 1.48 -2.70 -13.38
N GLU A 46 0.31 -3.11 -13.88
CA GLU A 46 0.08 -3.13 -15.31
C GLU A 46 0.01 -1.72 -15.85
N ILE A 47 -0.77 -0.85 -15.20
CA ILE A 47 -0.96 0.52 -15.64
C ILE A 47 0.28 1.35 -15.32
N TYR A 48 1.01 0.97 -14.26
CA TYR A 48 2.20 1.68 -13.86
C TYR A 48 3.28 1.61 -14.93
N GLN A 49 3.42 0.45 -15.58
CA GLN A 49 4.43 0.25 -16.61
C GLN A 49 4.16 1.08 -17.87
N ARG A 50 2.91 1.55 -18.05
CA ARG A 50 2.58 2.41 -19.17
C ARG A 50 3.10 3.82 -18.91
N ILE A 51 3.32 4.13 -17.64
CA ILE A 51 3.67 5.47 -17.20
C ILE A 51 5.18 5.60 -16.97
N GLN A 52 5.82 4.52 -16.51
CA GLN A 52 7.25 4.55 -16.24
C GLN A 52 8.07 4.42 -17.53
N ALA A 53 7.38 4.37 -18.67
CA ALA A 53 8.01 4.36 -19.97
C ALA A 53 8.68 5.71 -20.26
N GLY A 54 8.43 6.73 -19.43
CA GLY A 54 9.07 8.04 -19.56
C GLY A 54 8.05 9.18 -19.49
N LEU A 55 7.11 9.14 -18.55
CA LEU A 55 5.97 10.06 -18.56
C LEU A 55 5.65 10.66 -17.20
N THR A 56 6.42 10.37 -16.16
CA THR A 56 6.13 10.89 -14.82
C THR A 56 6.41 12.39 -14.72
N ALA A 57 7.09 12.97 -15.72
CA ALA A 57 7.44 14.37 -15.74
C ALA A 57 7.64 14.83 -17.20
N PRO A 58 6.56 14.93 -17.98
CA PRO A 58 6.59 15.28 -19.38
C PRO A 58 7.42 16.51 -19.70
N ASP A 59 7.36 17.52 -18.82
CA ASP A 59 8.02 18.80 -19.04
C ASP A 59 8.07 19.64 -17.77
N MET C 1 -9.74 7.47 -2.84
CA MET C 1 -9.87 6.05 -2.47
C MET C 1 -9.90 5.18 -3.72
N LEU C 2 -9.25 4.02 -3.66
CA LEU C 2 -9.29 3.05 -4.75
C LEU C 2 -9.38 1.65 -4.15
N ILE C 3 -9.97 0.71 -4.91
CA ILE C 3 -10.07 -0.67 -4.51
C ILE C 3 -9.56 -1.55 -5.64
N LEU C 4 -8.82 -2.61 -5.27
CA LEU C 4 -8.12 -3.49 -6.18
C LEU C 4 -8.42 -4.94 -5.79
N THR C 5 -8.13 -5.87 -6.71
CA THR C 5 -8.17 -7.29 -6.38
C THR C 5 -6.94 -7.93 -7.02
N ARG C 6 -6.00 -8.36 -6.18
CA ARG C 6 -4.69 -8.86 -6.58
C ARG C 6 -4.48 -10.24 -5.97
N LYS C 7 -3.70 -11.13 -6.61
CA LYS C 7 -3.41 -12.42 -6.01
C LYS C 7 -1.94 -12.55 -5.66
N VAL C 8 -1.63 -13.61 -4.89
CA VAL C 8 -0.30 -13.79 -4.34
C VAL C 8 0.77 -13.81 -5.42
N GLY C 9 1.83 -13.05 -5.19
CA GLY C 9 2.98 -12.99 -6.10
C GLY C 9 2.89 -11.81 -7.07
N GLU C 10 1.83 -10.99 -6.96
CA GLU C 10 1.64 -9.84 -7.84
C GLU C 10 1.84 -8.53 -7.04
N SER C 11 1.67 -7.38 -7.70
CA SER C 11 2.02 -6.10 -7.09
C SER C 11 1.06 -4.96 -7.45
N ILE C 12 1.21 -3.83 -6.74
CA ILE C 12 0.45 -2.61 -6.93
C ILE C 12 1.43 -1.45 -6.70
N ASN C 13 1.09 -0.22 -7.10
CA ASN C 13 2.05 0.89 -7.05
C ASN C 13 1.39 2.19 -6.62
N ILE C 14 2.19 3.09 -6.01
CA ILE C 14 1.73 4.40 -5.55
C ILE C 14 2.82 5.44 -5.83
N GLY C 15 2.41 6.68 -6.05
CA GLY C 15 3.32 7.77 -6.35
C GLY C 15 4.23 7.40 -7.51
N ASP C 16 5.50 7.77 -7.41
CA ASP C 16 6.51 7.46 -8.41
C ASP C 16 7.74 6.84 -7.74
N ASP C 17 7.61 6.49 -6.45
CA ASP C 17 8.69 5.93 -5.66
C ASP C 17 8.18 4.86 -4.69
N ILE C 18 6.93 4.41 -4.82
CA ILE C 18 6.39 3.42 -3.90
C ILE C 18 5.76 2.24 -4.67
N THR C 19 5.91 1.05 -4.11
CA THR C 19 5.36 -0.18 -4.66
C THR C 19 4.86 -1.04 -3.51
N ILE C 20 3.93 -1.95 -3.80
CA ILE C 20 3.32 -2.85 -2.83
C ILE C 20 3.33 -4.25 -3.43
N THR C 21 3.49 -5.28 -2.60
CA THR C 21 3.53 -6.65 -3.06
C THR C 21 2.74 -7.54 -2.11
N ILE C 22 2.05 -8.54 -2.66
CA ILE C 22 1.27 -9.50 -1.89
C ILE C 22 2.04 -10.82 -1.86
N LEU C 23 2.88 -11.00 -0.84
CA LEU C 23 3.77 -12.15 -0.76
C LEU C 23 3.00 -13.47 -0.70
N GLY C 24 1.81 -13.47 -0.08
CA GLY C 24 0.99 -14.66 0.00
C GLY C 24 -0.09 -14.55 1.08
N VAL C 25 -0.80 -15.65 1.32
CA VAL C 25 -1.84 -15.70 2.35
C VAL C 25 -1.72 -16.96 3.20
N SER C 26 -2.38 -16.94 4.37
CA SER C 26 -2.45 -18.08 5.28
C SER C 26 -3.75 -18.00 6.05
N GLY C 27 -4.81 -18.60 5.51
CA GLY C 27 -6.12 -18.55 6.13
C GLY C 27 -6.73 -17.16 5.96
N GLN C 28 -6.70 -16.34 7.02
CA GLN C 28 -7.17 -14.97 6.96
C GLN C 28 -6.00 -14.01 6.93
N GLN C 29 -4.83 -14.47 7.35
CA GLN C 29 -3.63 -13.65 7.28
C GLN C 29 -3.22 -13.49 5.83
N VAL C 30 -2.65 -12.33 5.54
CA VAL C 30 -2.20 -11.93 4.22
C VAL C 30 -0.84 -11.31 4.44
N ARG C 31 0.21 -11.94 3.92
CA ARG C 31 1.56 -11.44 4.10
C ARG C 31 1.84 -10.47 2.96
N ILE C 32 2.26 -9.26 3.32
CA ILE C 32 2.36 -8.15 2.38
C ILE C 32 3.73 -7.52 2.50
N GLY C 33 4.17 -6.87 1.42
CA GLY C 33 5.43 -6.15 1.39
C GLY C 33 5.18 -4.73 0.88
N ILE C 34 6.07 -3.82 1.24
CA ILE C 34 5.96 -2.41 0.90
C ILE C 34 7.36 -1.92 0.55
N ASN C 35 7.46 -1.18 -0.54
CA ASN C 35 8.75 -0.77 -1.06
C ASN C 35 8.73 0.72 -1.35
N ALA C 36 9.28 1.48 -0.40
CA ALA C 36 9.45 2.91 -0.51
C ALA C 36 10.75 3.29 0.18
N PRO C 37 11.37 4.39 -0.24
CA PRO C 37 12.56 4.89 0.40
C PRO C 37 12.25 5.27 1.84
N LYS C 38 13.25 5.21 2.72
CA LYS C 38 13.09 5.63 4.11
C LYS C 38 12.80 7.13 4.18
N ASP C 39 12.83 7.74 3.01
CA ASP C 39 12.47 9.13 2.77
C ASP C 39 10.99 9.40 3.07
N VAL C 40 10.19 8.35 3.26
CA VAL C 40 8.78 8.45 3.57
C VAL C 40 8.46 7.52 4.74
N ALA C 41 7.27 7.65 5.34
CA ALA C 41 6.92 6.85 6.50
C ALA C 41 6.01 5.69 6.11
N VAL C 42 6.05 4.61 6.88
CA VAL C 42 5.14 3.48 6.74
C VAL C 42 5.12 2.67 8.04
N HIS C 43 3.93 2.44 8.58
CA HIS C 43 3.76 1.68 9.82
C HIS C 43 2.38 1.03 9.86
N ARG C 44 2.16 0.16 10.86
CA ARG C 44 0.86 -0.44 11.10
C ARG C 44 -0.08 0.66 11.56
N GLU C 45 -1.39 0.51 11.36
CA GLU C 45 -2.35 1.52 11.76
C GLU C 45 -2.27 1.77 13.27
N GLU C 46 -1.72 0.80 14.02
CA GLU C 46 -1.52 0.91 15.45
C GLU C 46 -0.46 1.95 15.77
N ILE C 47 0.69 1.88 15.09
CA ILE C 47 1.83 2.72 15.38
C ILE C 47 1.62 4.12 14.80
N TYR C 48 0.80 4.21 13.76
CA TYR C 48 0.51 5.46 13.07
C TYR C 48 -0.14 6.48 14.00
N GLN C 49 -0.89 6.01 15.00
CA GLN C 49 -1.61 6.89 15.92
C GLN C 49 -0.66 7.59 16.89
N ARG C 50 0.55 7.05 17.10
CA ARG C 50 1.55 7.67 17.97
C ARG C 50 2.20 8.85 17.25
N ILE C 51 2.08 8.85 15.92
CA ILE C 51 2.76 9.81 15.07
C ILE C 51 1.83 10.95 14.69
N GLN C 52 0.61 10.63 14.27
CA GLN C 52 -0.35 11.66 13.87
C GLN C 52 -0.86 12.46 15.06
N ALA C 53 -0.34 12.17 16.26
CA ALA C 53 -0.67 12.93 17.46
C ALA C 53 -0.16 14.37 17.34
N GLY C 54 0.75 14.65 16.39
CA GLY C 54 1.23 16.00 16.14
C GLY C 54 2.67 16.07 15.65
N LEU C 55 3.24 14.98 15.13
CA LEU C 55 4.67 14.93 14.85
C LEU C 55 5.05 13.87 13.81
N THR C 56 6.35 13.74 13.57
CA THR C 56 6.96 12.69 12.75
C THR C 56 8.30 12.28 13.33
N ALA C 57 8.60 12.76 14.55
CA ALA C 57 9.81 12.42 15.28
C ALA C 57 9.50 12.48 16.78
N PRO C 58 9.70 11.38 17.52
CA PRO C 58 9.45 11.29 18.94
C PRO C 58 10.01 12.46 19.74
N ASP C 59 11.19 12.96 19.36
CA ASP C 59 11.85 14.04 20.10
C ASP C 59 13.01 14.61 19.30
N MET A 1 12.41 -1.34 2.11
CA MET A 1 11.53 -2.52 2.02
C MET A 1 11.03 -2.90 3.41
N LEU A 2 9.73 -3.12 3.55
CA LEU A 2 9.16 -3.63 4.78
C LEU A 2 8.21 -4.77 4.47
N ILE A 3 7.97 -5.66 5.44
CA ILE A 3 7.04 -6.77 5.30
C ILE A 3 6.15 -6.78 6.53
N LEU A 4 4.90 -7.22 6.35
CA LEU A 4 3.89 -7.23 7.40
C LEU A 4 3.02 -8.48 7.26
N THR A 5 2.25 -8.81 8.31
CA THR A 5 1.28 -9.89 8.22
C THR A 5 0.01 -9.50 8.97
N ARG A 6 -0.96 -8.97 8.22
CA ARG A 6 -2.26 -8.53 8.74
C ARG A 6 -3.31 -9.57 8.36
N LYS A 7 -4.56 -9.36 8.77
CA LYS A 7 -5.68 -10.19 8.31
C LYS A 7 -6.86 -9.32 7.91
N VAL A 8 -7.89 -9.94 7.33
CA VAL A 8 -8.98 -9.19 6.73
C VAL A 8 -9.67 -8.27 7.73
N GLY A 9 -9.88 -7.02 7.31
CA GLY A 9 -10.56 -6.01 8.12
C GLY A 9 -9.59 -5.05 8.79
N GLU A 10 -8.28 -5.32 8.74
CA GLU A 10 -7.27 -4.46 9.34
C GLU A 10 -6.73 -3.44 8.34
N SER A 11 -5.81 -2.58 8.78
CA SER A 11 -5.30 -1.49 7.96
C SER A 11 -3.81 -1.24 8.17
N ILE A 12 -3.23 -0.44 7.29
CA ILE A 12 -1.81 -0.09 7.26
C ILE A 12 -1.71 1.36 6.78
N ASN A 13 -0.54 2.00 6.92
CA ASN A 13 -0.38 3.41 6.53
C ASN A 13 0.96 3.68 5.86
N ILE A 14 0.98 4.73 5.05
CA ILE A 14 2.17 5.20 4.34
C ILE A 14 2.18 6.74 4.35
N GLY A 15 3.38 7.33 4.32
CA GLY A 15 3.55 8.77 4.35
C GLY A 15 2.81 9.38 5.53
N ASP A 16 2.18 10.53 5.30
CA ASP A 16 1.39 11.22 6.30
C ASP A 16 0.01 11.56 5.73
N ASP A 17 -0.30 11.00 4.55
CA ASP A 17 -1.55 11.26 3.84
C ASP A 17 -2.07 10.02 3.12
N ILE A 18 -1.54 8.82 3.40
CA ILE A 18 -1.98 7.61 2.73
C ILE A 18 -2.34 6.53 3.75
N THR A 19 -3.35 5.73 3.40
CA THR A 19 -3.81 4.61 4.21
C THR A 19 -4.09 3.43 3.28
N ILE A 20 -4.02 2.21 3.82
CA ILE A 20 -4.23 0.98 3.09
C ILE A 20 -5.13 0.08 3.93
N THR A 21 -5.97 -0.73 3.29
CA THR A 21 -6.87 -1.62 4.00
C THR A 21 -6.96 -2.95 3.27
N ILE A 22 -7.13 -4.04 4.02
CA ILE A 22 -7.30 -5.38 3.48
C ILE A 22 -8.77 -5.75 3.61
N LEU A 23 -9.55 -5.52 2.54
CA LEU A 23 -10.99 -5.67 2.56
C LEU A 23 -11.40 -7.14 2.74
N GLY A 24 -10.56 -8.08 2.31
CA GLY A 24 -10.82 -9.50 2.50
C GLY A 24 -10.05 -10.36 1.52
N VAL A 25 -10.34 -11.66 1.48
CA VAL A 25 -9.69 -12.59 0.55
C VAL A 25 -10.74 -13.38 -0.23
N SER A 26 -10.29 -13.98 -1.34
CA SER A 26 -11.10 -14.82 -2.20
C SER A 26 -10.17 -15.85 -2.84
N GLY A 27 -9.77 -16.85 -2.06
CA GLY A 27 -8.78 -17.81 -2.52
C GLY A 27 -7.43 -17.11 -2.65
N GLN A 28 -6.69 -17.42 -3.72
CA GLN A 28 -5.41 -16.77 -3.98
C GLN A 28 -5.59 -15.30 -4.35
N GLN A 29 -6.81 -14.85 -4.64
CA GLN A 29 -7.05 -13.43 -4.86
C GLN A 29 -7.23 -12.75 -3.51
N VAL A 30 -6.90 -11.46 -3.43
CA VAL A 30 -7.05 -10.70 -2.19
C VAL A 30 -7.64 -9.34 -2.54
N ARG A 31 -8.70 -8.94 -1.84
CA ARG A 31 -9.36 -7.67 -2.12
C ARG A 31 -8.74 -6.63 -1.20
N ILE A 32 -8.27 -5.53 -1.79
CA ILE A 32 -7.48 -4.54 -1.07
C ILE A 32 -7.99 -3.14 -1.40
N GLY A 33 -7.74 -2.19 -0.49
CA GLY A 33 -8.16 -0.82 -0.69
C GLY A 33 -7.02 0.15 -0.41
N ILE A 34 -7.10 1.35 -1.00
CA ILE A 34 -6.08 2.37 -0.91
C ILE A 34 -6.77 3.72 -0.75
N ASN A 35 -6.19 4.59 0.06
CA ASN A 35 -6.78 5.88 0.35
C ASN A 35 -5.70 6.95 0.38
N ALA A 36 -5.68 7.78 -0.66
CA ALA A 36 -4.72 8.87 -0.79
C ALA A 36 -5.37 10.02 -1.57
N PRO A 37 -4.85 11.24 -1.40
CA PRO A 37 -5.31 12.39 -2.14
C PRO A 37 -5.02 12.23 -3.63
N LYS A 38 -5.75 12.97 -4.47
CA LYS A 38 -5.48 13.01 -5.90
C LYS A 38 -4.17 13.74 -6.16
N ASP A 39 -3.54 14.20 -5.08
CA ASP A 39 -2.22 14.81 -5.07
C ASP A 39 -1.13 13.80 -5.40
N VAL A 40 -1.48 12.51 -5.43
CA VAL A 40 -0.54 11.43 -5.70
C VAL A 40 -1.18 10.42 -6.64
N ALA A 41 -0.37 9.50 -7.17
CA ALA A 41 -0.84 8.52 -8.13
C ALA A 41 -0.96 7.14 -7.49
N VAL A 42 -1.82 6.28 -8.04
CA VAL A 42 -1.94 4.90 -7.61
C VAL A 42 -2.53 4.07 -8.75
N HIS A 43 -1.86 2.99 -9.14
CA HIS A 43 -2.31 2.12 -10.21
C HIS A 43 -1.78 0.70 -10.01
N ARG A 44 -2.25 -0.25 -10.82
CA ARG A 44 -1.76 -1.62 -10.81
C ARG A 44 -0.36 -1.62 -11.41
N GLU A 45 0.42 -2.66 -11.15
CA GLU A 45 1.77 -2.74 -11.68
C GLU A 45 1.73 -2.76 -13.20
N GLU A 46 0.58 -3.13 -13.78
CA GLU A 46 0.38 -3.15 -15.22
C GLU A 46 0.24 -1.73 -15.77
N ILE A 47 -0.61 -0.91 -15.15
CA ILE A 47 -0.88 0.43 -15.61
C ILE A 47 0.32 1.33 -15.32
N TYR A 48 1.11 0.98 -14.31
CA TYR A 48 2.26 1.78 -13.94
C TYR A 48 3.27 1.86 -15.08
N GLN A 49 3.46 0.76 -15.83
CA GLN A 49 4.40 0.71 -16.93
C GLN A 49 3.99 1.60 -18.10
N ARG A 50 2.69 1.93 -18.19
CA ARG A 50 2.20 2.80 -19.25
C ARG A 50 2.64 4.23 -18.98
N ILE A 51 2.97 4.51 -17.71
CA ILE A 51 3.32 5.84 -17.24
C ILE A 51 4.84 6.01 -17.14
N GLN A 52 5.56 4.94 -16.80
CA GLN A 52 7.00 5.01 -16.65
C GLN A 52 7.72 5.00 -18.00
N ALA A 53 6.95 4.97 -19.07
CA ALA A 53 7.47 5.06 -20.42
C ALA A 53 8.06 6.45 -20.70
N GLY A 54 7.83 7.42 -19.79
CA GLY A 54 8.41 8.76 -19.90
C GLY A 54 7.37 9.86 -19.68
N LEU A 55 6.50 9.71 -18.67
CA LEU A 55 5.34 10.59 -18.53
C LEU A 55 5.13 11.10 -17.10
N THR A 56 5.99 10.75 -16.15
CA THR A 56 5.80 11.17 -14.77
C THR A 56 6.03 12.67 -14.57
N ALA A 57 6.48 13.37 -15.62
CA ALA A 57 6.77 14.79 -15.57
C ALA A 57 6.50 15.43 -16.95
N PRO A 58 5.23 15.59 -17.32
CA PRO A 58 4.79 16.19 -18.57
C PRO A 58 5.48 17.51 -18.89
N ASP A 59 5.55 17.82 -20.19
CA ASP A 59 6.07 19.08 -20.71
C ASP A 59 7.51 19.36 -20.24
N MET C 1 -10.19 7.27 -2.85
CA MET C 1 -10.30 5.86 -2.44
C MET C 1 -10.25 4.95 -3.67
N LEU C 2 -9.49 3.85 -3.60
CA LEU C 2 -9.45 2.87 -4.67
C LEU C 2 -9.55 1.48 -4.08
N ILE C 3 -10.06 0.53 -4.88
CA ILE C 3 -10.15 -0.86 -4.47
C ILE C 3 -9.64 -1.76 -5.61
N LEU C 4 -8.89 -2.79 -5.23
CA LEU C 4 -8.21 -3.69 -6.13
C LEU C 4 -8.47 -5.13 -5.71
N THR C 5 -8.21 -6.09 -6.61
CA THR C 5 -8.26 -7.50 -6.28
C THR C 5 -7.05 -8.18 -6.91
N ARG C 6 -6.00 -8.35 -6.12
CA ARG C 6 -4.67 -8.80 -6.55
C ARG C 6 -4.41 -10.22 -6.05
N LYS C 7 -3.80 -11.06 -6.89
CA LYS C 7 -3.43 -12.40 -6.49
C LYS C 7 -2.08 -12.39 -5.79
N VAL C 8 -1.81 -13.44 -5.01
CA VAL C 8 -0.54 -13.54 -4.31
C VAL C 8 0.61 -13.58 -5.31
N GLY C 9 1.69 -12.87 -5.00
CA GLY C 9 2.87 -12.83 -5.84
C GLY C 9 2.83 -11.70 -6.86
N GLU C 10 1.77 -10.90 -6.87
CA GLU C 10 1.63 -9.78 -7.79
C GLU C 10 1.84 -8.45 -7.06
N SER C 11 1.77 -7.31 -7.76
CA SER C 11 2.12 -6.03 -7.20
C SER C 11 1.20 -4.89 -7.63
N ILE C 12 1.34 -3.75 -6.94
CA ILE C 12 0.60 -2.51 -7.15
C ILE C 12 1.58 -1.37 -6.88
N ASN C 13 1.26 -0.14 -7.30
CA ASN C 13 2.17 0.99 -7.17
C ASN C 13 1.46 2.25 -6.68
N ILE C 14 2.23 3.13 -6.03
CA ILE C 14 1.75 4.41 -5.52
C ILE C 14 2.82 5.48 -5.78
N GLY C 15 2.38 6.72 -5.97
CA GLY C 15 3.29 7.83 -6.25
C GLY C 15 4.16 7.49 -7.45
N ASP C 16 5.43 7.86 -7.38
CA ASP C 16 6.43 7.57 -8.41
C ASP C 16 7.66 6.94 -7.77
N ASP C 17 7.55 6.57 -6.49
CA ASP C 17 8.65 6.05 -5.70
C ASP C 17 8.19 4.98 -4.70
N ILE C 18 6.96 4.48 -4.83
CA ILE C 18 6.44 3.47 -3.90
C ILE C 18 5.89 2.28 -4.66
N THR C 19 6.05 1.09 -4.08
CA THR C 19 5.56 -0.15 -4.66
C THR C 19 5.00 -1.03 -3.53
N ILE C 20 4.08 -1.92 -3.87
CA ILE C 20 3.44 -2.83 -2.95
C ILE C 20 3.43 -4.22 -3.57
N THR C 21 3.64 -5.26 -2.76
CA THR C 21 3.64 -6.63 -3.24
C THR C 21 2.95 -7.54 -2.22
N ILE C 22 1.89 -8.21 -2.65
CA ILE C 22 1.16 -9.17 -1.83
C ILE C 22 1.98 -10.47 -1.77
N LEU C 23 2.69 -10.69 -0.67
CA LEU C 23 3.59 -11.84 -0.56
C LEU C 23 2.82 -13.16 -0.48
N GLY C 24 1.59 -13.15 0.04
CA GLY C 24 0.76 -14.35 0.09
C GLY C 24 -0.30 -14.28 1.18
N VAL C 25 -0.97 -15.41 1.42
CA VAL C 25 -2.01 -15.51 2.45
C VAL C 25 -1.83 -16.79 3.27
N SER C 26 -2.44 -16.78 4.46
CA SER C 26 -2.46 -17.92 5.37
C SER C 26 -3.75 -17.87 6.18
N GLY C 27 -4.81 -18.48 5.68
CA GLY C 27 -6.10 -18.47 6.35
C GLY C 27 -6.77 -17.10 6.14
N GLN C 28 -6.75 -16.25 7.16
CA GLN C 28 -7.24 -14.89 7.02
C GLN C 28 -6.07 -13.92 6.96
N GLN C 29 -4.90 -14.38 7.39
CA GLN C 29 -3.72 -13.54 7.33
C GLN C 29 -3.36 -13.30 5.87
N VAL C 30 -2.71 -12.17 5.63
CA VAL C 30 -2.28 -11.72 4.33
C VAL C 30 -0.92 -11.09 4.57
N ARG C 31 0.13 -11.75 4.09
CA ARG C 31 1.50 -11.25 4.24
C ARG C 31 1.74 -10.28 3.10
N ILE C 32 2.30 -9.11 3.42
CA ILE C 32 2.40 -8.03 2.46
C ILE C 32 3.80 -7.41 2.53
N GLY C 33 4.24 -6.81 1.44
CA GLY C 33 5.51 -6.12 1.38
C GLY C 33 5.32 -4.72 0.81
N ILE C 34 6.20 -3.80 1.21
CA ILE C 34 6.12 -2.40 0.82
C ILE C 34 7.52 -1.90 0.54
N ASN C 35 7.65 -0.99 -0.42
CA ASN C 35 8.96 -0.52 -0.84
C ASN C 35 8.88 0.97 -1.12
N ALA C 36 9.47 1.77 -0.22
CA ALA C 36 9.50 3.22 -0.32
C ALA C 36 10.79 3.77 0.29
N PRO C 37 11.20 4.96 -0.15
CA PRO C 37 12.36 5.65 0.39
C PRO C 37 12.17 6.01 1.85
N LYS C 38 13.26 6.21 2.59
CA LYS C 38 13.20 6.65 3.97
C LYS C 38 12.78 8.11 4.05
N ASP C 39 12.56 8.72 2.89
CA ASP C 39 12.01 10.07 2.76
C ASP C 39 10.53 10.07 3.12
N VAL C 40 9.94 8.89 3.34
CA VAL C 40 8.55 8.72 3.70
C VAL C 40 8.44 7.64 4.77
N ALA C 41 7.26 7.50 5.38
CA ALA C 41 7.06 6.55 6.46
C ALA C 41 6.12 5.43 6.03
N VAL C 42 6.19 4.30 6.74
CA VAL C 42 5.29 3.16 6.54
C VAL C 42 5.23 2.34 7.81
N HIS C 43 4.02 2.16 8.35
CA HIS C 43 3.80 1.38 9.56
C HIS C 43 2.40 0.81 9.57
N ARG C 44 2.08 0.02 10.60
CA ARG C 44 0.75 -0.54 10.79
C ARG C 44 -0.15 0.59 11.30
N GLU C 45 -1.47 0.42 11.18
CA GLU C 45 -2.41 1.46 11.59
C GLU C 45 -2.25 1.77 13.08
N GLU C 46 -1.73 0.81 13.84
CA GLU C 46 -1.52 0.97 15.27
C GLU C 46 -0.41 1.99 15.55
N ILE C 47 0.72 1.85 14.86
CA ILE C 47 1.89 2.68 15.12
C ILE C 47 1.73 4.07 14.52
N TYR C 48 0.88 4.18 13.49
CA TYR C 48 0.64 5.44 12.80
C TYR C 48 0.05 6.49 13.74
N GLN C 49 -0.69 6.05 14.76
CA GLN C 49 -1.35 6.96 15.70
C GLN C 49 -0.34 7.60 16.64
N ARG C 50 0.84 6.99 16.83
CA ARG C 50 1.90 7.55 17.66
C ARG C 50 2.62 8.64 16.91
N ILE C 51 2.46 8.65 15.58
CA ILE C 51 3.21 9.54 14.71
C ILE C 51 2.36 10.75 14.34
N GLN C 52 1.10 10.54 13.96
CA GLN C 52 0.22 11.63 13.58
C GLN C 52 -0.20 12.48 14.79
N ALA C 53 0.31 12.17 15.98
CA ALA C 53 0.05 12.93 17.18
C ALA C 53 0.64 14.34 17.10
N GLY C 54 1.56 14.60 16.15
CA GLY C 54 2.14 15.92 15.99
C GLY C 54 3.53 15.90 15.37
N LEU C 55 3.95 14.79 14.76
CA LEU C 55 5.31 14.61 14.31
C LEU C 55 5.41 13.60 13.16
N THR C 56 6.63 13.17 12.83
CA THR C 56 6.86 12.17 11.79
C THR C 56 7.90 11.15 12.25
N ALA C 57 8.52 11.38 13.42
CA ALA C 57 9.52 10.49 13.98
C ALA C 57 9.52 10.62 15.50
N PRO C 58 8.90 9.67 16.22
CA PRO C 58 8.85 9.63 17.68
C PRO C 58 10.19 9.87 18.35
N ASP C 59 11.27 9.38 17.73
CA ASP C 59 12.60 9.46 18.31
C ASP C 59 13.66 9.07 17.30
N MET A 1 12.58 -1.17 2.23
CA MET A 1 11.65 -2.31 2.09
C MET A 1 11.07 -2.69 3.44
N LEU A 2 9.78 -3.06 3.48
CA LEU A 2 9.16 -3.58 4.68
C LEU A 2 8.23 -4.72 4.32
N ILE A 3 7.98 -5.61 5.29
CA ILE A 3 7.05 -6.72 5.14
C ILE A 3 6.19 -6.78 6.39
N LEU A 4 4.88 -6.95 6.18
CA LEU A 4 3.87 -6.84 7.21
C LEU A 4 2.91 -8.03 7.14
N THR A 5 2.17 -8.26 8.23
CA THR A 5 1.08 -9.22 8.19
C THR A 5 -0.14 -8.63 8.89
N ARG A 6 -1.26 -8.64 8.19
CA ARG A 6 -2.56 -8.19 8.66
C ARG A 6 -3.58 -9.26 8.32
N LYS A 7 -4.85 -9.07 8.69
CA LYS A 7 -5.91 -9.94 8.23
C LYS A 7 -7.10 -9.12 7.78
N VAL A 8 -8.09 -9.81 7.21
CA VAL A 8 -9.21 -9.12 6.59
C VAL A 8 -9.93 -8.22 7.60
N GLY A 9 -10.06 -6.94 7.26
CA GLY A 9 -10.72 -5.96 8.11
C GLY A 9 -9.73 -5.03 8.81
N GLU A 10 -8.43 -5.19 8.57
CA GLU A 10 -7.40 -4.38 9.21
C GLU A 10 -6.75 -3.42 8.20
N SER A 11 -5.77 -2.62 8.63
CA SER A 11 -5.18 -1.58 7.79
C SER A 11 -3.69 -1.36 8.05
N ILE A 12 -3.07 -0.61 7.13
CA ILE A 12 -1.66 -0.21 7.16
C ILE A 12 -1.60 1.24 6.68
N ASN A 13 -0.50 1.95 6.90
CA ASN A 13 -0.41 3.37 6.57
C ASN A 13 0.95 3.71 5.94
N ILE A 14 0.97 4.79 5.14
CA ILE A 14 2.15 5.29 4.47
C ILE A 14 2.13 6.81 4.51
N GLY A 15 3.31 7.44 4.58
CA GLY A 15 3.44 8.88 4.66
C GLY A 15 2.58 9.42 5.80
N ASP A 16 1.92 10.55 5.57
CA ASP A 16 1.01 11.16 6.52
C ASP A 16 -0.33 11.46 5.83
N ASP A 17 -0.51 10.96 4.61
CA ASP A 17 -1.70 11.21 3.80
C ASP A 17 -2.14 9.97 3.03
N ILE A 18 -1.57 8.79 3.32
CA ILE A 18 -1.94 7.56 2.62
C ILE A 18 -2.31 6.47 3.62
N THR A 19 -3.28 5.63 3.25
CA THR A 19 -3.74 4.51 4.05
C THR A 19 -4.04 3.33 3.13
N ILE A 20 -3.98 2.12 3.69
CA ILE A 20 -4.23 0.89 2.98
C ILE A 20 -5.13 0.01 3.84
N THR A 21 -6.03 -0.76 3.20
CA THR A 21 -6.94 -1.63 3.93
C THR A 21 -7.08 -2.96 3.18
N ILE A 22 -7.26 -4.04 3.94
CA ILE A 22 -7.43 -5.38 3.40
C ILE A 22 -8.90 -5.78 3.53
N LEU A 23 -9.68 -5.54 2.47
CA LEU A 23 -11.12 -5.72 2.50
C LEU A 23 -11.52 -7.20 2.65
N GLY A 24 -10.67 -8.13 2.21
CA GLY A 24 -10.96 -9.56 2.35
C GLY A 24 -10.16 -10.42 1.38
N VAL A 25 -10.42 -11.72 1.35
CA VAL A 25 -9.74 -12.65 0.45
C VAL A 25 -10.71 -13.66 -0.16
N SER A 26 -10.27 -14.33 -1.23
CA SER A 26 -11.01 -15.39 -1.90
C SER A 26 -10.03 -16.36 -2.54
N GLY A 27 -9.60 -17.38 -1.80
CA GLY A 27 -8.63 -18.34 -2.29
C GLY A 27 -7.23 -17.70 -2.29
N GLN A 28 -6.75 -17.28 -3.47
CA GLN A 28 -5.48 -16.56 -3.58
C GLN A 28 -5.75 -15.10 -3.86
N GLN A 29 -6.97 -14.77 -4.30
CA GLN A 29 -7.34 -13.39 -4.51
C GLN A 29 -7.42 -12.70 -3.17
N VAL A 30 -7.07 -11.42 -3.15
CA VAL A 30 -7.04 -10.59 -1.96
C VAL A 30 -7.60 -9.25 -2.37
N ARG A 31 -8.75 -8.91 -1.80
CA ARG A 31 -9.40 -7.64 -2.09
C ARG A 31 -8.79 -6.58 -1.19
N ILE A 32 -8.32 -5.49 -1.80
CA ILE A 32 -7.54 -4.47 -1.09
C ILE A 32 -8.09 -3.09 -1.43
N GLY A 33 -7.88 -2.14 -0.54
CA GLY A 33 -8.29 -0.77 -0.73
C GLY A 33 -7.13 0.19 -0.45
N ILE A 34 -7.18 1.36 -1.06
CA ILE A 34 -6.12 2.35 -0.98
C ILE A 34 -6.76 3.73 -0.86
N ASN A 35 -6.16 4.61 -0.07
CA ASN A 35 -6.73 5.91 0.19
C ASN A 35 -5.62 6.96 0.21
N ALA A 36 -5.57 7.76 -0.85
CA ALA A 36 -4.59 8.82 -0.99
C ALA A 36 -5.18 9.99 -1.78
N PRO A 37 -4.63 11.19 -1.61
CA PRO A 37 -5.02 12.38 -2.36
C PRO A 37 -4.70 12.21 -3.85
N LYS A 38 -5.36 13.01 -4.70
CA LYS A 38 -5.07 13.02 -6.13
C LYS A 38 -3.76 13.76 -6.41
N ASP A 39 -3.14 14.26 -5.35
CA ASP A 39 -1.80 14.85 -5.39
C ASP A 39 -0.74 13.76 -5.62
N VAL A 40 -1.16 12.50 -5.59
CA VAL A 40 -0.31 11.35 -5.82
C VAL A 40 -1.06 10.35 -6.69
N ALA A 41 -0.36 9.35 -7.20
CA ALA A 41 -0.96 8.40 -8.13
C ALA A 41 -1.02 7.01 -7.53
N VAL A 42 -1.88 6.15 -8.08
CA VAL A 42 -1.97 4.75 -7.67
C VAL A 42 -2.56 3.93 -8.79
N HIS A 43 -1.91 2.82 -9.14
CA HIS A 43 -2.38 1.90 -10.16
C HIS A 43 -1.82 0.50 -9.90
N ARG A 44 -2.27 -0.48 -10.68
CA ARG A 44 -1.71 -1.82 -10.62
C ARG A 44 -0.35 -1.80 -11.28
N GLU A 45 0.48 -2.80 -11.04
CA GLU A 45 1.82 -2.84 -11.62
C GLU A 45 1.73 -2.84 -13.15
N GLU A 46 0.63 -3.37 -13.70
CA GLU A 46 0.41 -3.42 -15.13
C GLU A 46 0.24 -2.00 -15.71
N ILE A 47 -0.44 -1.12 -14.98
CA ILE A 47 -0.81 0.19 -15.48
C ILE A 47 0.26 1.22 -15.13
N TYR A 48 1.00 0.99 -14.03
CA TYR A 48 2.05 1.90 -13.59
C TYR A 48 3.08 2.12 -14.68
N GLN A 49 3.27 1.12 -15.54
CA GLN A 49 4.25 1.16 -16.61
C GLN A 49 3.97 2.28 -17.62
N ARG A 50 2.76 2.85 -17.62
CA ARG A 50 2.45 3.96 -18.52
C ARG A 50 3.00 5.24 -17.92
N ILE A 51 2.88 5.37 -16.59
CA ILE A 51 3.35 6.51 -15.82
C ILE A 51 4.87 6.55 -15.87
N GLN A 52 5.49 5.44 -16.30
CA GLN A 52 6.93 5.34 -16.44
C GLN A 52 7.38 5.28 -17.90
N ALA A 53 6.47 5.41 -18.88
CA ALA A 53 6.86 5.27 -20.29
C ALA A 53 6.14 6.22 -21.25
N GLY A 54 5.22 7.06 -20.76
CA GLY A 54 4.53 8.01 -21.63
C GLY A 54 3.57 8.92 -20.87
N LEU A 55 3.28 8.58 -19.62
CA LEU A 55 2.54 9.40 -18.66
C LEU A 55 1.08 9.56 -19.09
N THR A 56 0.32 10.30 -18.27
CA THR A 56 -1.11 10.54 -18.50
C THR A 56 -1.47 12.01 -18.26
N ALA A 57 -0.46 12.85 -18.06
CA ALA A 57 -0.64 14.28 -17.85
C ALA A 57 0.59 15.03 -18.36
N PRO A 58 0.43 15.94 -19.33
CA PRO A 58 1.49 16.78 -19.87
C PRO A 58 2.36 17.45 -18.81
N ASP A 59 1.75 17.83 -17.69
CA ASP A 59 2.42 18.60 -16.66
C ASP A 59 1.59 18.59 -15.38
N MET C 1 -9.96 7.30 -2.91
CA MET C 1 -10.13 5.88 -2.52
C MET C 1 -10.13 4.99 -3.75
N LEU C 2 -9.43 3.85 -3.70
CA LEU C 2 -9.45 2.87 -4.76
C LEU C 2 -9.55 1.48 -4.15
N ILE C 3 -10.06 0.53 -4.94
CA ILE C 3 -10.18 -0.87 -4.53
C ILE C 3 -9.68 -1.72 -5.67
N LEU C 4 -9.10 -2.88 -5.32
CA LEU C 4 -8.52 -3.81 -6.27
C LEU C 4 -8.71 -5.24 -5.77
N THR C 5 -8.50 -6.21 -6.65
CA THR C 5 -8.47 -7.61 -6.27
C THR C 5 -7.27 -8.29 -6.92
N ARG C 6 -6.18 -8.39 -6.16
CA ARG C 6 -4.90 -8.93 -6.60
C ARG C 6 -4.69 -10.31 -6.00
N LYS C 7 -3.77 -11.14 -6.54
CA LYS C 7 -3.46 -12.42 -5.90
C LYS C 7 -1.99 -12.52 -5.53
N VAL C 8 -1.67 -13.54 -4.74
CA VAL C 8 -0.34 -13.70 -4.16
C VAL C 8 0.74 -13.76 -5.24
N GLY C 9 1.80 -12.98 -5.03
CA GLY C 9 2.94 -12.95 -5.92
C GLY C 9 2.87 -11.82 -6.94
N GLU C 10 1.81 -10.99 -6.87
CA GLU C 10 1.63 -9.87 -7.79
C GLU C 10 1.85 -8.54 -7.04
N SER C 11 1.74 -7.41 -7.75
CA SER C 11 2.12 -6.12 -7.19
C SER C 11 1.18 -4.98 -7.59
N ILE C 12 1.36 -3.84 -6.89
CA ILE C 12 0.59 -2.61 -7.07
C ILE C 12 1.58 -1.45 -6.84
N ASN C 13 1.22 -0.22 -7.20
CA ASN C 13 2.12 0.92 -7.07
C ASN C 13 1.40 2.18 -6.59
N ILE C 14 2.16 3.09 -5.97
CA ILE C 14 1.66 4.36 -5.44
C ILE C 14 2.71 5.44 -5.68
N GLY C 15 2.26 6.69 -5.78
CA GLY C 15 3.14 7.83 -6.01
C GLY C 15 3.99 7.59 -7.26
N ASP C 16 5.24 8.01 -7.19
CA ASP C 16 6.22 7.81 -8.26
C ASP C 16 7.49 7.18 -7.68
N ASP C 17 7.41 6.74 -6.41
CA ASP C 17 8.53 6.19 -5.69
C ASP C 17 8.10 5.08 -4.72
N ILE C 18 6.87 4.56 -4.84
CA ILE C 18 6.40 3.52 -3.92
C ILE C 18 5.85 2.33 -4.70
N THR C 19 6.01 1.14 -4.12
CA THR C 19 5.52 -0.11 -4.69
C THR C 19 4.98 -0.97 -3.55
N ILE C 20 4.05 -1.87 -3.88
CA ILE C 20 3.40 -2.74 -2.93
C ILE C 20 3.39 -4.15 -3.51
N THR C 21 3.49 -5.17 -2.66
CA THR C 21 3.47 -6.56 -3.11
C THR C 21 2.66 -7.41 -2.13
N ILE C 22 1.98 -8.43 -2.64
CA ILE C 22 1.19 -9.35 -1.84
C ILE C 22 1.95 -10.66 -1.76
N LEU C 23 2.76 -10.86 -0.71
CA LEU C 23 3.65 -12.01 -0.64
C LEU C 23 2.88 -13.32 -0.52
N GLY C 24 1.69 -13.30 0.09
CA GLY C 24 0.89 -14.50 0.23
C GLY C 24 -0.16 -14.38 1.34
N VAL C 25 -0.88 -15.49 1.60
CA VAL C 25 -1.89 -15.52 2.65
C VAL C 25 -1.80 -16.82 3.45
N SER C 26 -2.40 -16.81 4.65
CA SER C 26 -2.56 -18.01 5.47
C SER C 26 -3.78 -17.81 6.36
N GLY C 27 -4.82 -18.62 6.15
CA GLY C 27 -6.06 -18.47 6.90
C GLY C 27 -6.74 -17.16 6.53
N GLN C 28 -6.66 -16.15 7.42
CA GLN C 28 -7.16 -14.82 7.12
C GLN C 28 -6.02 -13.82 7.08
N GLN C 29 -4.85 -14.22 7.58
CA GLN C 29 -3.70 -13.34 7.55
C GLN C 29 -3.23 -13.20 6.11
N VAL C 30 -2.67 -12.03 5.80
CA VAL C 30 -2.20 -11.67 4.48
C VAL C 30 -0.83 -11.03 4.66
N ARG C 31 0.21 -11.69 4.13
CA ARG C 31 1.57 -11.19 4.18
C ARG C 31 1.75 -10.22 3.02
N ILE C 32 2.20 -9.01 3.34
CA ILE C 32 2.28 -7.92 2.38
C ILE C 32 3.68 -7.31 2.44
N GLY C 33 4.11 -6.68 1.36
CA GLY C 33 5.40 -6.03 1.28
C GLY C 33 5.24 -4.61 0.76
N ILE C 34 6.16 -3.73 1.14
CA ILE C 34 6.10 -2.31 0.80
C ILE C 34 7.51 -1.85 0.49
N ASN C 35 7.64 -0.95 -0.49
CA ASN C 35 8.94 -0.48 -0.92
C ASN C 35 8.87 1.02 -1.20
N ALA C 36 9.47 1.80 -0.31
CA ALA C 36 9.51 3.26 -0.40
C ALA C 36 10.80 3.78 0.20
N PRO C 37 11.24 4.97 -0.22
CA PRO C 37 12.41 5.62 0.33
C PRO C 37 12.22 5.96 1.81
N LYS C 38 13.32 6.16 2.53
CA LYS C 38 13.28 6.59 3.92
C LYS C 38 12.88 8.05 4.02
N ASP C 39 12.66 8.68 2.86
CA ASP C 39 12.13 10.04 2.73
C ASP C 39 10.65 10.07 3.10
N VAL C 40 10.04 8.90 3.33
CA VAL C 40 8.64 8.79 3.71
C VAL C 40 8.49 7.74 4.81
N ALA C 41 7.32 7.67 5.43
CA ALA C 41 7.10 6.75 6.54
C ALA C 41 6.15 5.63 6.17
N VAL C 42 6.23 4.51 6.89
CA VAL C 42 5.32 3.39 6.70
C VAL C 42 5.25 2.57 8.00
N HIS C 43 4.03 2.27 8.45
CA HIS C 43 3.79 1.44 9.61
C HIS C 43 2.39 0.81 9.51
N ARG C 44 2.07 -0.14 10.38
CA ARG C 44 0.73 -0.70 10.40
C ARG C 44 -0.15 0.24 11.22
N GLU C 45 -1.48 0.09 11.09
CA GLU C 45 -2.41 1.01 11.71
C GLU C 45 -2.17 1.14 13.22
N GLU C 46 -1.62 0.10 13.85
CA GLU C 46 -1.36 0.11 15.29
C GLU C 46 -0.26 1.10 15.66
N ILE C 47 0.79 1.18 14.83
CA ILE C 47 1.98 1.96 15.16
C ILE C 47 1.84 3.39 14.64
N TYR C 48 1.09 3.57 13.56
CA TYR C 48 0.88 4.87 12.93
C TYR C 48 0.36 5.89 13.93
N GLN C 49 -0.39 5.42 14.93
CA GLN C 49 -1.01 6.27 15.93
C GLN C 49 0.02 7.05 16.76
N ARG C 50 1.30 6.65 16.73
CA ARG C 50 2.35 7.36 17.46
C ARG C 50 2.78 8.54 16.61
N ILE C 51 2.94 8.31 15.30
CA ILE C 51 3.37 9.31 14.34
C ILE C 51 2.32 10.41 14.24
N GLN C 52 1.16 10.19 14.85
CA GLN C 52 0.09 11.18 14.85
C GLN C 52 -0.32 11.63 16.26
N ALA C 53 0.33 11.14 17.33
CA ALA C 53 -0.06 11.52 18.69
C ALA C 53 1.10 11.64 19.68
N GLY C 54 2.35 11.47 19.22
CA GLY C 54 3.52 11.59 20.09
C GLY C 54 4.82 11.71 19.30
N LEU C 55 4.74 11.43 17.99
CA LEU C 55 5.81 11.50 17.02
C LEU C 55 7.03 10.67 17.42
N THR C 56 8.10 10.76 16.62
CA THR C 56 9.32 9.98 16.84
C THR C 56 10.57 10.84 16.68
N ALA C 57 10.40 12.14 16.46
CA ALA C 57 11.51 13.07 16.29
C ALA C 57 11.11 14.49 16.72
N PRO C 58 10.74 14.69 17.99
CA PRO C 58 10.35 15.98 18.54
C PRO C 58 11.30 17.12 18.18
N ASP C 59 12.60 16.82 18.07
CA ASP C 59 13.59 17.84 17.82
C ASP C 59 14.93 17.20 17.42
#